data_6VAD
#
_entry.id   6VAD
#
_cell.length_a   1.00
_cell.length_b   1.00
_cell.length_c   1.00
_cell.angle_alpha   90.00
_cell.angle_beta   90.00
_cell.angle_gamma   90.00
#
_symmetry.space_group_name_H-M   'P 1'
#
loop_
_entity.id
_entity.type
_entity.pdbx_description
1 polymer 'Fanconi anemia, complementation group I'
2 polymer 'Fanconi anemia group D2 protein'
#
loop_
_entity_poly.entity_id
_entity_poly.type
_entity_poly.pdbx_seq_one_letter_code
_entity_poly.pdbx_strand_id
1 'polypeptide(L)'
;MDQKILSLAAEKTADKLQEFLQTLREGDLTNLLQNQAVKGKVAGALLRAIFKGSPCSEEAGTLRRRKIYTCCIQLVESGD
LQKEIVSEIIGLLMLEAHHFPGPLLVELANEFISAVREGSLVNGKSLELLPIILTVLATKKENLAYGKGVLSGEECKKQL
INTLCSGRWDQQYVIQLTSMFKDVPLTAEEVEFVVEKALSMFSKMNLQEIPPLVYQLLVLSSKGSRKSVLEGIIAFFSAL
DKQHNEEQSGDELLDVVTVPSGELRHVEGTIILHIVFAIKLDYELGRELVKHLKVGQQGDSNNNLSPFSIALLLSVTRIQ
RFQDQVLDLLKTSVVKSFKDLQLLQGSKFLQNLVPHRSYVSTMILEVVKNSVHSWDHVTQGLVELGFILMDSYGPKKVLD
GKTIETSPSLSRMPNQHACKLGANILLETFKIHEMIRQEILEQVLNRVVTRASSPISHFLDLLSNIVMYAPLVLQNCSSK
VTEAFDYLSFLPLQTVQRLLKAVQPLLKVSMSMRDCLILVLRKAMFANQLDARKSAVAGFLLLLKNFKVLGSLSSSQCSQ
SLSVSQVHVDVHSHYNSVANETFCLEIMDSLRRCLSQQADVRLMLYEGFYDVLRRNSQLANSVMQTLLSQLKQFYEPEPD
LLPPLKLEACILTQGDQISLQEPLDYLLCCIQHCLAWYKNTVIPLQQGEEEEEEEEAFYEDLDDILESITNRMIKSELED
FELDKSADFSQSTSIGIKNNISAFLVMGVCEVLIEYNFSISSFSKNRFEDILSLFMCYKKLSDILNEKAGKAKTKMANKT
SDSLLSMKFVSSLLTALFRDSIQSHQESLSVLRSSNEFMRYAVNVALQKVQQLKETGHVSGPDGQNPEKIFQNLCDLTRV
LLWRYTSIPTSVEESGKKEKGKSISLLCLEGLQKIFSAVQQFYQPKIQQFLRALDVTDKEGEEREDADVSVTQRTAFQIR
QFQRSLLNLLSSQEEDFNSKEALLLVTVLTSLSKLLEPSSPQFVQMLSWTSKICKENSREDALFCKSLMNLLFSLHVSYK
SPVILLRDLSQDIHGHLGDIDQDVEVEKTNHFAIVNLRTAAPTVCLLVLSQAEKVLEEVDWLITKLKGQVSQETLSEEAS
SQATLPNQPVEKAIIMQLGTLLTFFHELVQTALPSGSCVDTLLKDLCKMYTTLTALVRYYLQVCQSSGGIPKNMEKLVKL
SGSHLTPLCYSFISYVQNKSKSLNYTGEKKEKPAVVATAMARVLRETKPIPNLIFAIEQYEKFLIHLSKKSKVSLMQHMK
LSTSRDFKIKGNILDMVLREDGEDENEEGTASEHGGQNKEPAKKKRKK
;
A
2 'polypeptide(L)'
;MVSKRRLSKSEDKESLTEDASKTRKQPLSKKTKKSHIANEVEENDSIFVKLLKISGIILKTGESQNQLAVDQIAFQKKLF
QTLRRHPSYPKIIEEFVSGLESYIEDEDSFRNCLLSCERLQDEEASMGASYSKSLIKLLLGIDILQPAIIKTLFEKLPEY
FFENKNSDEINIPRLIVSQLKWLDRVVDGKDLTTKIMQLISIAPENLQHDIITSLPEILGDSQHADVGKELSDLLIENTS
LTVPILDVLSSLRLDPNFLLKVRQLVMDKLSSIRLEDLPVIIKFILHSVTAMDTLEVISELREKLDLQHCVLPSRLQASQ
VKLKSKGRASSSGNQESSGQSCIILLFDVIKSAIRYEKTISEAWIKAIENTASVSEHKVFDLVMLFIIYSTNTQTKKYID
RVLRNKIRSGCIQEQLLQSTFSVHYLVLKDMCSSILSLAQSLLHSLDQSIISFGSLLYKYAFKFFDTYCQQEVVGALVTH
ICSGNEAEVDTALDVLLELVVLNPSAMMMNAVFVKGILDYLDNISPQQIRKLFYVLSTLAFSKQNEASSHIQDDMHLVIR
KQLSSTVFKYKLIGIIGAVTMAGIMAADRSESPSLTQERANLSDEQCTQVTSLLQLVHSCSEQSPQASALYYDEFANLIQ
HEKLDPKALEWVGQTICNDFQDAFVVDSCVVPEGDFPFPVKALYGLEEYDTQNGIAINLLPLLFSQDFAKDGGPVTSQES
GQKLVSPLCLAPYFRLLRLCVERQHNGNLEEIDGLLDCPIFLTDLEPGEKLESMSAKERSFMCSLIFLTLNWFREIVNAF
CQETSPEMKGKVLTRLKHIVELQIILEKYLAVTPDYVPPLGNFDVETLDITPHTVTAISAKIRKKGKIERKQKTDGSKTS
SSDTLSEEKNSECDPTPSHRGQLNKEFTGKEEKTSLLLHNSHAFFRELDIEVFSILHCGLVTKFILDTEMHTEATEVVQL
GPPELLFLLEDLSQKLESMLTPPIARRVPFLKNKGSRNIGFSHLQQRSAQEIVHCVFQLLTPMCNHLENIHNYFQCLAAE
NHGVVDGPGVKVQEYHIMSSCYQRLLQIFHGLFAWSGFSQPENQNLLYSALHVLSSRLKQGEHSQPLEELLSQSVHYLQN
FHQSIPSFQCALYLIRLLMVILEKSTASAQNKEKIASLARQFLCRVWPSGDKEKSNISNDQLHALLCIYLEHTESILKAI
EEIAGVGVPELINSPKDASSSTFPTLTRHTFVVFFRVMMAELEKTVKKIEPGTAADSQQIHEEKLLYWNMAVRDFSILIN
LIKVFDSHPVLHVCLKYGRLFVEAFLKQCMPLLDFSFRKHREDVLSLLETFQLDTRLLHHLCGHSKIHQDTRLTQHVPLL
KKTLELLVCRVKAMLTLNNCREAFWLGNLKNRDLQGEEIKSQNSQESTADESEDDMSSQASKSKATEDGEEDEVSAGEKE
QDSDESYDDSD
;
B
#
# COMPACT_ATOMS: atom_id res chain seq x y z
N MET A 1 -67.07 23.58 17.86
CA MET A 1 -66.40 24.93 17.78
C MET A 1 -65.43 25.01 16.59
N ASP A 2 -64.72 23.94 16.28
CA ASP A 2 -63.71 23.93 15.18
C ASP A 2 -64.37 23.75 13.82
N GLN A 3 -65.52 23.08 13.76
CA GLN A 3 -66.15 22.70 12.47
C GLN A 3 -66.57 23.96 11.70
N LYS A 4 -67.05 24.98 12.40
CA LYS A 4 -67.42 26.26 11.77
C LYS A 4 -66.17 26.95 11.21
N ILE A 5 -65.02 26.78 11.86
CA ILE A 5 -63.74 27.36 11.37
C ILE A 5 -63.38 26.68 10.04
N LEU A 6 -63.52 25.36 9.97
CA LEU A 6 -63.22 24.62 8.72
C LEU A 6 -64.20 25.07 7.64
N SER A 7 -65.48 25.22 7.97
CA SER A 7 -66.51 25.60 6.98
C SER A 7 -66.26 27.03 6.49
N LEU A 8 -65.77 27.91 7.37
CA LEU A 8 -65.40 29.29 6.97
C LEU A 8 -64.10 29.24 6.15
N ALA A 9 -63.21 28.29 6.46
CA ALA A 9 -61.92 28.12 5.78
C ALA A 9 -62.05 27.41 4.44
N ALA A 10 -63.20 26.76 4.16
CA ALA A 10 -63.41 25.90 2.98
C ALA A 10 -63.33 26.69 1.68
N GLU A 11 -64.07 27.80 1.57
CA GLU A 11 -64.35 28.46 0.27
C GLU A 11 -63.30 29.54 -0.04
N LYS A 12 -63.12 30.52 0.85
CA LYS A 12 -62.39 31.76 0.51
C LYS A 12 -61.68 32.33 1.74
N THR A 13 -60.77 33.27 1.47
CA THR A 13 -59.80 33.85 2.41
C THR A 13 -60.14 35.33 2.64
N ALA A 14 -59.82 35.83 3.84
CA ALA A 14 -59.72 37.27 4.16
C ALA A 14 -61.07 38.00 4.03
N ASP A 15 -62.18 37.26 4.10
CA ASP A 15 -63.56 37.79 3.91
C ASP A 15 -64.43 37.48 5.13
N LYS A 16 -64.13 36.40 5.86
CA LYS A 16 -64.88 35.99 7.07
C LYS A 16 -63.93 35.68 8.22
N LEU A 17 -62.76 35.13 7.95
CA LEU A 17 -61.82 34.73 9.02
C LEU A 17 -61.25 35.97 9.70
N GLN A 18 -60.93 37.03 8.97
CA GLN A 18 -60.51 38.30 9.62
C GLN A 18 -61.68 38.85 10.44
N GLU A 19 -62.89 38.81 9.86
CA GLU A 19 -64.11 39.35 10.50
C GLU A 19 -64.47 38.48 11.71
N PHE A 20 -64.29 37.16 11.57
CA PHE A 20 -64.50 36.18 12.65
C PHE A 20 -63.43 36.32 13.74
N LEU A 21 -62.21 36.73 13.37
CA LEU A 21 -61.11 36.88 14.34
C LEU A 21 -61.42 38.00 15.34
N GLN A 22 -62.18 39.02 14.93
CA GLN A 22 -62.67 40.10 15.83
C GLN A 22 -64.04 39.75 16.45
N THR A 23 -64.41 38.46 16.46
CA THR A 23 -65.56 37.92 17.25
C THR A 23 -65.01 37.18 18.47
N LEU A 24 -64.30 36.07 18.23
CA LEU A 24 -63.59 35.31 19.29
C LEU A 24 -62.23 35.97 19.52
N ARG A 25 -62.08 36.66 20.64
CA ARG A 25 -60.90 37.50 20.95
C ARG A 25 -59.90 36.70 21.81
N GLU A 26 -60.38 35.89 22.75
CA GLU A 26 -59.52 35.12 23.68
C GLU A 26 -59.90 33.63 23.67
N GLY A 27 -58.99 32.82 24.20
CA GLY A 27 -59.20 31.37 24.38
C GLY A 27 -58.82 30.57 23.14
N ASP A 28 -57.69 30.89 22.52
CA ASP A 28 -57.06 30.06 21.45
C ASP A 28 -56.17 28.98 22.08
N LEU A 29 -55.70 29.21 23.31
CA LEU A 29 -54.90 28.23 24.09
C LEU A 29 -55.74 26.95 24.26
N THR A 30 -56.86 27.08 24.97
CA THR A 30 -57.75 25.96 25.32
C THR A 30 -58.33 25.33 24.05
N ASN A 31 -58.51 26.13 22.99
CA ASN A 31 -58.97 25.64 21.68
C ASN A 31 -58.00 24.57 21.17
N LEU A 32 -56.71 24.90 21.10
CA LEU A 32 -55.72 23.92 20.60
C LEU A 32 -55.49 22.79 21.60
N LEU A 33 -55.70 23.05 22.89
CA LEU A 33 -55.58 21.97 23.90
C LEU A 33 -56.65 20.91 23.65
N GLN A 34 -57.91 21.32 23.51
CA GLN A 34 -58.99 20.36 23.19
C GLN A 34 -58.77 19.78 21.78
N ASN A 35 -58.17 20.55 20.87
CA ASN A 35 -57.97 20.07 19.48
C ASN A 35 -56.94 18.94 19.46
N GLN A 36 -55.81 19.10 20.13
CA GLN A 36 -54.80 18.03 20.25
C GLN A 36 -55.35 16.88 21.11
N ALA A 37 -56.26 17.18 22.05
CA ALA A 37 -56.93 16.15 22.85
C ALA A 37 -57.79 15.25 21.95
N VAL A 38 -58.44 15.83 20.94
CA VAL A 38 -59.40 15.09 20.07
C VAL A 38 -58.64 14.54 18.84
N LYS A 39 -57.97 15.38 18.05
CA LYS A 39 -57.39 14.98 16.74
C LYS A 39 -56.42 16.05 16.24
N GLY A 40 -55.19 15.62 15.91
CA GLY A 40 -54.12 16.51 15.44
C GLY A 40 -54.29 16.98 14.00
N LYS A 41 -54.94 16.18 13.16
CA LYS A 41 -55.21 16.60 11.76
C LYS A 41 -56.09 17.86 11.77
N VAL A 42 -57.05 17.90 12.67
CA VAL A 42 -57.94 19.08 12.83
C VAL A 42 -57.08 20.25 13.29
N ALA A 43 -56.07 20.00 14.12
CA ALA A 43 -55.16 21.05 14.62
C ALA A 43 -54.35 21.63 13.46
N GLY A 44 -53.83 20.79 12.57
CA GLY A 44 -53.12 21.26 11.37
C GLY A 44 -54.04 22.05 10.46
N ALA A 45 -55.27 21.58 10.29
CA ALA A 45 -56.27 22.26 9.44
C ALA A 45 -56.58 23.65 10.01
N LEU A 46 -56.81 23.72 11.32
CA LEU A 46 -57.11 24.98 12.01
C LEU A 46 -55.88 25.90 11.99
N LEU A 47 -54.68 25.31 12.11
CA LEU A 47 -53.44 26.12 12.11
C LEU A 47 -53.29 26.79 10.76
N ARG A 48 -53.50 26.04 9.69
CA ARG A 48 -53.46 26.60 8.32
C ARG A 48 -54.56 27.66 8.19
N ALA A 49 -55.75 27.37 8.72
CA ALA A 49 -56.91 28.27 8.61
C ALA A 49 -56.62 29.60 9.29
N ILE A 50 -56.02 29.54 10.48
CA ILE A 50 -55.69 30.77 11.23
C ILE A 50 -54.62 31.54 10.48
N PHE A 51 -53.58 30.84 10.04
CA PHE A 51 -52.40 31.46 9.40
C PHE A 51 -52.79 32.14 8.09
N LYS A 52 -53.76 31.58 7.36
CA LYS A 52 -54.29 32.23 6.14
C LYS A 52 -55.32 33.30 6.52
N GLY A 53 -56.05 33.10 7.62
CA GLY A 53 -57.02 34.07 8.14
C GLY A 53 -56.35 35.23 8.85
N SER A 54 -55.09 35.09 9.24
CA SER A 54 -54.28 36.13 9.92
C SER A 54 -53.05 36.42 9.07
N PRO A 55 -53.14 37.31 8.07
CA PRO A 55 -51.94 37.76 7.35
C PRO A 55 -51.08 38.64 8.24
N CYS A 56 -49.85 38.91 7.79
CA CYS A 56 -48.82 39.64 8.56
C CYS A 56 -48.63 41.08 8.05
N SER A 57 -49.43 41.53 7.08
CA SER A 57 -49.50 42.97 6.69
C SER A 57 -50.24 43.74 7.78
N GLU A 58 -51.43 43.25 8.16
CA GLU A 58 -52.21 43.76 9.32
C GLU A 58 -51.58 43.24 10.61
N GLU A 59 -51.86 43.93 11.72
CA GLU A 59 -51.17 43.74 13.02
C GLU A 59 -52.04 43.01 14.06
N ALA A 60 -53.36 42.87 13.84
CA ALA A 60 -54.24 42.11 14.76
C ALA A 60 -53.89 40.62 14.72
N GLY A 61 -53.59 40.09 13.53
CA GLY A 61 -53.29 38.66 13.32
C GLY A 61 -51.92 38.28 13.84
N THR A 62 -50.97 39.22 13.82
CA THR A 62 -49.58 38.94 14.27
C THR A 62 -49.58 38.61 15.75
N LEU A 63 -50.46 39.22 16.54
CA LEU A 63 -50.53 38.96 18.00
C LEU A 63 -51.09 37.56 18.24
N ARG A 64 -52.10 37.16 17.45
CA ARG A 64 -52.64 35.79 17.54
C ARG A 64 -51.56 34.80 17.12
N ARG A 65 -50.77 35.15 16.10
CA ARG A 65 -49.66 34.29 15.64
C ARG A 65 -48.64 34.11 16.76
N ARG A 66 -48.28 35.18 17.44
CA ARG A 66 -47.30 35.10 18.54
C ARG A 66 -47.85 34.23 19.66
N LYS A 67 -49.10 34.48 20.06
CA LYS A 67 -49.72 33.77 21.19
C LYS A 67 -49.84 32.29 20.86
N ILE A 68 -50.24 31.99 19.63
CA ILE A 68 -50.42 30.58 19.21
C ILE A 68 -49.05 29.91 19.04
N TYR A 69 -48.01 30.66 18.67
CA TYR A 69 -46.64 30.11 18.64
C TYR A 69 -46.22 29.68 20.04
N THR A 70 -46.42 30.56 21.03
CA THR A 70 -46.01 30.26 22.41
C THR A 70 -46.81 29.05 22.90
N CYS A 71 -48.10 29.01 22.55
CA CYS A 71 -48.99 27.88 22.92
C CYS A 71 -48.42 26.57 22.37
N CYS A 72 -48.14 26.54 21.07
CA CYS A 72 -47.68 25.30 20.39
C CYS A 72 -46.27 24.95 20.83
N ILE A 73 -45.42 25.94 21.03
CA ILE A 73 -44.02 25.73 21.50
C ILE A 73 -44.05 25.11 22.90
N GLN A 74 -44.96 25.55 23.77
CA GLN A 74 -45.05 24.98 25.13
C GLN A 74 -45.63 23.57 25.06
N LEU A 75 -46.68 23.35 24.26
CA LEU A 75 -47.39 22.04 24.27
C LEU A 75 -46.63 20.99 23.47
N VAL A 76 -45.74 21.39 22.55
CA VAL A 76 -44.96 20.40 21.74
C VAL A 76 -43.97 19.66 22.64
N GLU A 77 -43.51 20.30 23.72
CA GLU A 77 -42.56 19.70 24.68
C GLU A 77 -43.34 19.12 25.85
N SER A 78 -44.11 19.97 26.54
CA SER A 78 -44.81 19.60 27.80
C SER A 78 -45.95 18.64 27.48
N GLY A 79 -46.78 18.98 26.50
CA GLY A 79 -47.90 18.14 26.05
C GLY A 79 -47.38 16.86 25.41
N ASP A 80 -47.67 15.72 26.02
CA ASP A 80 -47.31 14.38 25.49
C ASP A 80 -48.31 14.02 24.40
N LEU A 81 -47.96 14.33 23.15
CA LEU A 81 -48.80 14.08 21.97
C LEU A 81 -48.39 12.73 21.36
N GLN A 82 -48.99 12.41 20.21
CA GLN A 82 -48.48 11.38 19.26
C GLN A 82 -47.47 12.07 18.33
N LYS A 83 -46.62 11.28 17.65
CA LYS A 83 -45.44 11.79 16.91
C LYS A 83 -45.84 12.56 15.66
N GLU A 84 -46.91 12.13 14.98
CA GLU A 84 -47.29 12.68 13.67
C GLU A 84 -47.74 14.14 13.84
N ILE A 85 -48.59 14.37 14.85
CA ILE A 85 -49.08 15.75 15.15
C ILE A 85 -47.88 16.61 15.55
N VAL A 86 -46.92 16.05 16.27
CA VAL A 86 -45.70 16.80 16.66
C VAL A 86 -44.97 17.25 15.40
N SER A 87 -44.78 16.33 14.47
CA SER A 87 -44.09 16.64 13.20
C SER A 87 -44.86 17.73 12.44
N GLU A 88 -46.19 17.61 12.40
CA GLU A 88 -47.05 18.55 11.65
C GLU A 88 -46.94 19.95 12.26
N ILE A 89 -46.97 20.02 13.59
CA ILE A 89 -46.87 21.32 14.32
C ILE A 89 -45.52 21.97 13.98
N ILE A 90 -44.44 21.22 14.13
CA ILE A 90 -43.08 21.80 14.00
C ILE A 90 -42.87 22.22 12.54
N GLY A 91 -43.33 21.39 11.60
CA GLY A 91 -43.25 21.74 10.17
C GLY A 91 -44.02 23.01 9.85
N LEU A 92 -45.23 23.14 10.40
CA LEU A 92 -46.10 24.31 10.14
C LEU A 92 -45.45 25.58 10.70
N LEU A 93 -44.93 25.52 11.92
CA LEU A 93 -44.32 26.72 12.52
C LEU A 93 -43.06 27.09 11.74
N MET A 94 -42.23 26.09 11.44
CA MET A 94 -40.97 26.27 10.70
C MET A 94 -41.25 26.89 9.33
N LEU A 95 -42.30 26.43 8.67
CA LEU A 95 -42.70 26.99 7.38
C LEU A 95 -43.13 28.45 7.53
N GLU A 96 -44.08 28.73 8.43
CA GLU A 96 -44.77 30.05 8.50
C GLU A 96 -43.93 31.10 9.22
N ALA A 97 -42.76 30.75 9.77
CA ALA A 97 -41.94 31.71 10.55
C ALA A 97 -41.15 32.67 9.67
N HIS A 98 -41.46 32.86 8.39
CA HIS A 98 -40.85 33.95 7.59
C HIS A 98 -41.63 35.25 7.74
N HIS A 99 -42.96 35.20 7.62
CA HIS A 99 -43.81 36.41 7.50
C HIS A 99 -43.92 37.06 8.87
N PHE A 100 -43.04 38.02 9.15
CA PHE A 100 -42.99 38.75 10.43
C PHE A 100 -42.23 40.06 10.26
N PRO A 101 -42.36 40.99 11.22
CA PRO A 101 -41.33 42.00 11.45
C PRO A 101 -40.16 41.41 12.26
N GLY A 102 -39.17 42.26 12.51
CA GLY A 102 -37.99 41.93 13.31
C GLY A 102 -38.33 41.52 14.74
N PRO A 103 -38.83 42.46 15.58
CA PRO A 103 -38.83 42.27 17.02
C PRO A 103 -39.64 41.06 17.52
N LEU A 104 -40.64 40.63 16.74
CA LEU A 104 -41.42 39.44 17.13
C LEU A 104 -40.55 38.19 17.03
N LEU A 105 -39.79 38.05 15.94
CA LEU A 105 -38.83 36.93 15.82
C LEU A 105 -37.75 37.06 16.89
N VAL A 106 -37.32 38.29 17.17
CA VAL A 106 -36.23 38.51 18.16
C VAL A 106 -36.72 38.06 19.53
N GLU A 107 -37.93 38.43 19.92
CA GLU A 107 -38.45 38.08 21.26
C GLU A 107 -38.76 36.58 21.30
N LEU A 108 -39.08 35.98 20.15
CA LEU A 108 -39.22 34.50 20.08
C LEU A 108 -37.88 33.84 20.40
N ALA A 109 -36.80 34.32 19.77
CA ALA A 109 -35.45 33.77 20.00
C ALA A 109 -35.07 33.99 21.48
N ASN A 110 -35.43 35.14 22.03
CA ASN A 110 -35.14 35.46 23.45
C ASN A 110 -35.90 34.50 24.36
N GLU A 111 -37.13 34.17 23.99
CA GLU A 111 -37.95 33.21 24.75
C GLU A 111 -37.27 31.85 24.74
N PHE A 112 -36.74 31.45 23.60
CA PHE A 112 -36.00 30.18 23.47
C PHE A 112 -34.77 30.18 24.40
N ILE A 113 -34.00 31.25 24.35
CA ILE A 113 -32.77 31.37 25.16
C ILE A 113 -33.15 31.33 26.65
N SER A 114 -34.15 32.13 27.03
CA SER A 114 -34.59 32.23 28.43
C SER A 114 -35.11 30.89 28.91
N ALA A 115 -35.69 30.08 28.01
CA ALA A 115 -36.17 28.73 28.36
C ALA A 115 -34.96 27.80 28.56
N VAL A 116 -34.01 27.81 27.62
CA VAL A 116 -32.90 26.81 27.65
C VAL A 116 -31.93 27.13 28.79
N ARG A 117 -31.92 28.37 29.27
CA ARG A 117 -31.16 28.68 30.50
C ARG A 117 -31.84 27.95 31.66
N GLU A 118 -33.06 28.37 31.99
CA GLU A 118 -33.77 27.93 33.20
C GLU A 118 -34.84 26.92 32.80
N GLY A 119 -35.78 27.35 31.95
CA GLY A 119 -37.06 26.69 31.66
C GLY A 119 -36.92 25.23 31.24
N SER A 120 -37.49 24.31 32.05
CA SER A 120 -37.39 22.86 31.84
C SER A 120 -38.01 22.49 30.48
N LEU A 121 -37.14 22.40 29.48
CA LEU A 121 -37.51 21.85 28.15
C LEU A 121 -37.71 20.35 28.34
N VAL A 122 -38.96 19.90 28.32
CA VAL A 122 -39.32 18.55 28.80
C VAL A 122 -38.68 17.50 27.88
N ASN A 123 -38.67 17.77 26.58
CA ASN A 123 -37.96 16.98 25.54
C ASN A 123 -36.84 17.83 24.93
N GLY A 124 -37.23 18.95 24.30
CA GLY A 124 -36.35 19.81 23.49
C GLY A 124 -36.58 19.64 22.00
N LYS A 125 -37.77 19.17 21.63
CA LYS A 125 -38.19 19.06 20.21
C LYS A 125 -38.54 20.42 19.63
N SER A 126 -38.80 21.44 20.46
CA SER A 126 -39.07 22.83 20.00
C SER A 126 -37.83 23.41 19.34
N LEU A 127 -36.66 22.89 19.69
CA LEU A 127 -35.38 23.47 19.26
C LEU A 127 -35.26 23.48 17.74
N GLU A 128 -35.90 22.54 17.05
CA GLU A 128 -35.88 22.46 15.56
C GLU A 128 -36.37 23.77 14.95
N LEU A 129 -37.27 24.46 15.66
CA LEU A 129 -37.77 25.77 15.19
C LEU A 129 -36.63 26.79 15.20
N LEU A 130 -35.77 26.69 16.21
CA LEU A 130 -34.83 27.77 16.61
C LEU A 130 -33.94 28.23 15.44
N PRO A 131 -33.23 27.33 14.72
CA PRO A 131 -32.32 27.80 13.68
C PRO A 131 -33.03 28.46 12.49
N ILE A 132 -34.26 28.03 12.21
CA ILE A 132 -35.09 28.65 11.14
C ILE A 132 -35.21 30.13 11.46
N ILE A 133 -35.62 30.42 12.69
CA ILE A 133 -35.83 31.81 13.16
C ILE A 133 -34.53 32.60 12.97
N LEU A 134 -33.42 32.05 13.43
CA LEU A 134 -32.12 32.75 13.32
C LEU A 134 -31.76 32.93 11.85
N THR A 135 -32.11 31.93 11.04
CA THR A 135 -31.91 32.01 9.57
C THR A 135 -32.77 33.14 9.03
N VAL A 136 -33.99 33.29 9.53
CA VAL A 136 -34.89 34.38 9.06
C VAL A 136 -34.31 35.72 9.51
N LEU A 137 -33.76 35.77 10.72
CA LEU A 137 -33.06 37.00 11.20
C LEU A 137 -31.86 37.28 10.30
N ALA A 138 -31.24 36.24 9.75
CA ALA A 138 -30.13 36.40 8.80
C ALA A 138 -30.60 37.20 7.58
N THR A 139 -31.83 36.96 7.10
CA THR A 139 -32.33 37.51 5.82
C THR A 139 -33.32 38.65 6.03
N LYS A 140 -33.75 38.92 7.26
CA LYS A 140 -34.66 40.06 7.54
C LYS A 140 -33.84 41.35 7.51
N LYS A 141 -33.84 42.05 6.37
CA LYS A 141 -33.12 43.32 6.18
C LYS A 141 -33.99 44.53 6.54
N GLU A 142 -35.12 44.31 7.21
CA GLU A 142 -35.87 45.39 7.87
C GLU A 142 -35.15 45.75 9.16
N ASN A 143 -34.81 47.02 9.32
CA ASN A 143 -33.87 47.48 10.36
C ASN A 143 -34.54 47.42 11.74
N LEU A 144 -33.77 46.96 12.74
CA LEU A 144 -34.14 47.02 14.16
C LEU A 144 -33.21 48.02 14.86
N ALA A 145 -33.41 48.23 16.15
CA ALA A 145 -32.59 49.19 16.93
C ALA A 145 -32.48 48.73 18.38
N TYR A 146 -31.26 48.69 18.90
CA TYR A 146 -30.98 48.36 20.31
C TYR A 146 -29.75 49.14 20.80
N LEU A 151 -30.04 48.15 14.43
CA LEU A 151 -29.15 47.02 14.06
C LEU A 151 -29.64 46.36 12.77
N SER A 152 -28.75 45.59 12.15
CA SER A 152 -29.09 44.59 11.11
C SER A 152 -29.55 43.30 11.79
N GLY A 153 -30.41 42.53 11.11
CA GLY A 153 -30.91 41.25 11.65
C GLY A 153 -29.77 40.27 11.87
N GLU A 154 -28.76 40.29 10.99
CA GLU A 154 -27.55 39.46 11.17
C GLU A 154 -26.84 39.84 12.47
N GLU A 155 -26.79 41.12 12.81
CA GLU A 155 -26.15 41.57 14.07
C GLU A 155 -26.96 41.08 15.27
N CYS A 156 -28.29 41.07 15.15
CA CYS A 156 -29.15 40.46 16.20
C CYS A 156 -28.82 38.97 16.32
N LYS A 157 -28.53 38.32 15.20
CA LYS A 157 -28.13 36.90 15.20
C LYS A 157 -26.82 36.74 15.96
N LYS A 158 -25.85 37.62 15.72
CA LYS A 158 -24.55 37.57 16.44
C LYS A 158 -24.80 37.72 17.94
N GLN A 159 -25.62 38.70 18.31
CA GLN A 159 -25.86 39.03 19.73
C GLN A 159 -26.59 37.85 20.38
N LEU A 160 -27.58 37.27 19.69
CA LEU A 160 -28.38 36.17 20.24
C LEU A 160 -27.52 34.91 20.40
N ILE A 161 -26.66 34.65 19.43
CA ILE A 161 -25.71 33.52 19.51
C ILE A 161 -24.76 33.74 20.69
N ASN A 162 -24.25 34.95 20.83
CA ASN A 162 -23.30 35.23 21.91
C ASN A 162 -24.00 35.06 23.25
N THR A 163 -25.26 35.50 23.34
CA THR A 163 -26.05 35.39 24.58
C THR A 163 -26.35 33.93 24.88
N LEU A 164 -26.51 33.12 23.85
CA LEU A 164 -26.83 31.69 24.01
C LEU A 164 -25.58 30.94 24.46
N CYS A 165 -24.48 31.11 23.75
CA CYS A 165 -23.21 30.36 24.01
C CYS A 165 -22.57 30.82 25.33
N SER A 166 -22.65 32.12 25.65
CA SER A 166 -22.11 32.68 26.91
C SER A 166 -22.92 32.18 28.11
N GLY A 167 -24.25 32.11 27.96
CA GLY A 167 -25.14 31.66 29.03
C GLY A 167 -24.96 30.20 29.33
N ARG A 168 -25.44 29.75 30.48
CA ARG A 168 -25.36 28.33 30.89
C ARG A 168 -26.23 27.50 29.94
N TRP A 169 -25.70 26.33 29.53
CA TRP A 169 -26.44 25.27 28.82
C TRP A 169 -26.73 24.16 29.81
N ASP A 170 -27.85 23.50 29.62
CA ASP A 170 -28.21 22.32 30.44
C ASP A 170 -27.42 21.13 29.92
N GLN A 171 -27.19 20.16 30.80
CA GLN A 171 -26.45 18.93 30.48
C GLN A 171 -27.19 18.13 29.40
N GLN A 172 -28.52 18.15 29.41
CA GLN A 172 -29.33 17.27 28.53
C GLN A 172 -29.47 17.85 27.11
N TYR A 173 -29.16 19.13 26.88
CA TYR A 173 -29.40 19.83 25.60
C TYR A 173 -28.11 20.45 25.08
N VAL A 174 -27.07 19.64 24.99
CA VAL A 174 -25.77 20.02 24.35
C VAL A 174 -25.62 19.32 23.03
N ILE A 175 -26.10 18.07 22.93
CA ILE A 175 -26.14 17.37 21.62
C ILE A 175 -27.10 18.14 20.71
N GLN A 176 -28.30 18.43 21.19
CA GLN A 176 -29.34 19.02 20.34
C GLN A 176 -29.00 20.46 20.00
N LEU A 177 -28.33 21.15 20.91
CA LEU A 177 -27.92 22.55 20.68
C LEU A 177 -26.79 22.61 19.65
N THR A 178 -25.96 21.59 19.58
CA THR A 178 -24.88 21.55 18.55
C THR A 178 -25.46 21.09 17.22
N SER A 179 -26.31 20.07 17.23
CA SER A 179 -26.93 19.57 16.00
C SER A 179 -27.78 20.66 15.35
N MET A 180 -28.37 21.53 16.15
CA MET A 180 -29.14 22.70 15.69
C MET A 180 -28.26 23.58 14.81
N PHE A 181 -27.03 23.82 15.24
CA PHE A 181 -26.16 24.86 14.67
C PHE A 181 -25.54 24.41 13.35
N LYS A 182 -25.72 23.15 12.97
CA LYS A 182 -25.32 22.65 11.62
C LYS A 182 -26.00 23.43 10.47
N ASP A 183 -27.20 23.99 10.72
CA ASP A 183 -28.11 24.53 9.67
C ASP A 183 -28.18 26.05 9.65
N VAL A 184 -27.56 26.72 10.60
CA VAL A 184 -27.44 28.19 10.52
C VAL A 184 -26.20 28.51 9.69
N PRO A 185 -26.27 29.41 8.69
CA PRO A 185 -25.04 29.87 8.03
C PRO A 185 -24.23 30.72 9.01
N LEU A 186 -23.15 30.15 9.54
CA LEU A 186 -22.29 30.80 10.53
C LEU A 186 -20.98 31.22 9.88
N THR A 187 -20.34 32.21 10.48
CA THR A 187 -18.93 32.58 10.22
C THR A 187 -18.01 31.81 11.19
N ALA A 188 -16.74 32.20 11.23
CA ALA A 188 -15.72 31.56 12.07
C ALA A 188 -15.98 31.86 13.55
N GLU A 189 -16.31 33.09 13.89
CA GLU A 189 -16.36 33.52 15.30
C GLU A 189 -17.52 32.83 16.01
N GLU A 190 -18.65 32.74 15.33
CA GLU A 190 -19.87 32.16 15.93
C GLU A 190 -19.62 30.68 16.19
N VAL A 191 -19.06 29.98 15.22
CA VAL A 191 -18.84 28.52 15.34
C VAL A 191 -17.75 28.26 16.37
N GLU A 192 -16.77 29.15 16.49
CA GLU A 192 -15.74 29.00 17.53
C GLU A 192 -16.37 29.19 18.91
N PHE A 193 -17.30 30.13 19.05
CA PHE A 193 -18.06 30.31 20.31
C PHE A 193 -18.78 29.02 20.64
N VAL A 194 -19.41 28.43 19.64
CA VAL A 194 -20.25 27.23 19.86
C VAL A 194 -19.37 26.04 20.25
N VAL A 195 -18.28 25.79 19.53
CA VAL A 195 -17.41 24.63 19.87
C VAL A 195 -16.75 24.89 21.23
N GLU A 196 -16.40 26.14 21.53
CA GLU A 196 -15.70 26.44 22.78
C GLU A 196 -16.65 26.16 23.94
N LYS A 197 -17.90 26.60 23.83
CA LYS A 197 -18.90 26.34 24.87
C LYS A 197 -19.13 24.84 25.00
N ALA A 198 -19.18 24.14 23.87
CA ALA A 198 -19.48 22.71 23.88
C ALA A 198 -18.31 21.95 24.49
N LEU A 199 -17.07 22.31 24.13
CA LEU A 199 -15.88 21.63 24.68
C LEU A 199 -15.81 21.88 26.18
N SER A 200 -16.15 23.10 26.59
CA SER A 200 -16.22 23.49 28.01
C SER A 200 -17.19 22.57 28.74
N MET A 201 -18.23 22.13 28.04
CA MET A 201 -19.32 21.35 28.62
C MET A 201 -18.99 19.86 28.66
N PHE A 202 -17.74 19.45 28.41
CA PHE A 202 -17.41 18.00 28.34
C PHE A 202 -17.34 17.40 29.74
N SER A 203 -16.77 18.14 30.68
CA SER A 203 -16.43 17.61 32.02
C SER A 203 -17.69 17.31 32.84
N LYS A 204 -18.85 17.85 32.44
CA LYS A 204 -20.12 17.83 33.21
C LYS A 204 -21.11 16.87 32.57
N MET A 205 -20.64 15.79 31.95
CA MET A 205 -21.46 14.84 31.17
C MET A 205 -21.04 13.41 31.46
N ASN A 206 -21.96 12.50 31.17
CA ASN A 206 -21.63 11.07 31.04
C ASN A 206 -20.55 10.95 29.97
N LEU A 207 -19.62 10.00 30.11
CA LEU A 207 -18.63 9.69 29.03
C LEU A 207 -19.31 9.24 27.74
N GLN A 208 -20.34 8.41 27.86
CA GLN A 208 -21.03 7.82 26.70
C GLN A 208 -21.83 8.86 25.89
N GLU A 209 -22.01 10.09 26.39
CA GLU A 209 -22.65 11.19 25.63
C GLU A 209 -21.56 12.18 25.21
N ILE A 210 -20.33 11.72 25.06
CA ILE A 210 -19.26 12.50 24.41
C ILE A 210 -19.03 12.09 22.96
N PRO A 211 -19.04 10.79 22.58
CA PRO A 211 -18.89 10.38 21.17
C PRO A 211 -19.86 11.07 20.20
N PRO A 212 -21.19 11.07 20.47
CA PRO A 212 -22.10 11.75 19.57
C PRO A 212 -21.95 13.25 19.65
N LEU A 213 -21.55 13.80 20.77
CA LEU A 213 -21.28 15.25 20.76
C LEU A 213 -20.03 15.61 19.92
N VAL A 214 -19.05 14.73 19.93
CA VAL A 214 -17.88 14.84 19.05
C VAL A 214 -18.29 14.67 17.58
N TYR A 215 -19.18 13.74 17.29
CA TYR A 215 -19.60 13.57 15.88
C TYR A 215 -20.13 14.89 15.31
N GLN A 216 -21.02 15.53 16.09
CA GLN A 216 -21.71 16.75 15.63
C GLN A 216 -20.64 17.79 15.49
N LEU A 217 -19.72 17.77 16.45
CA LEU A 217 -18.66 18.79 16.44
C LEU A 217 -17.79 18.65 15.21
N LEU A 218 -17.58 17.42 14.75
CA LEU A 218 -16.70 17.17 13.58
C LEU A 218 -17.35 17.59 12.30
N VAL A 219 -18.69 17.32 12.17
CA VAL A 219 -19.50 17.67 10.96
C VAL A 219 -19.58 19.19 11.00
N LEU A 220 -19.64 19.75 12.20
CA LEU A 220 -19.85 21.22 12.29
C LEU A 220 -18.54 21.96 12.14
N SER A 221 -17.43 21.25 12.37
CA SER A 221 -16.05 21.72 12.14
C SER A 221 -15.90 22.24 10.71
N SER A 222 -16.55 21.60 9.76
CA SER A 222 -16.19 21.75 8.33
C SER A 222 -16.33 23.21 7.88
N LYS A 223 -16.99 24.05 8.67
CA LYS A 223 -17.19 25.47 8.33
C LYS A 223 -15.91 26.25 8.62
N GLY A 224 -15.47 26.24 9.87
CA GLY A 224 -14.29 27.01 10.29
C GLY A 224 -13.23 26.25 11.07
N SER A 225 -13.63 25.52 12.12
CA SER A 225 -12.79 25.42 13.34
C SER A 225 -12.38 23.99 13.68
N ARG A 226 -11.34 23.51 13.01
CA ARG A 226 -10.92 22.10 13.07
C ARG A 226 -9.92 21.94 14.20
N LYS A 227 -8.94 22.84 14.24
CA LYS A 227 -7.92 22.87 15.28
C LYS A 227 -8.58 22.82 16.67
N SER A 228 -9.60 23.65 16.89
CA SER A 228 -10.24 23.79 18.22
C SER A 228 -10.90 22.49 18.65
N VAL A 229 -11.52 21.77 17.72
CA VAL A 229 -12.18 20.50 18.07
C VAL A 229 -11.16 19.41 18.33
N LEU A 230 -10.14 19.29 17.47
CA LEU A 230 -9.09 18.27 17.70
C LEU A 230 -8.31 18.56 18.98
N GLU A 231 -7.85 19.82 19.13
CA GLU A 231 -7.11 20.22 20.32
C GLU A 231 -7.97 19.87 21.52
N GLY A 232 -9.26 20.17 21.46
CA GLY A 232 -10.18 20.00 22.59
C GLY A 232 -10.31 18.56 23.01
N ILE A 233 -10.48 17.69 22.05
CA ILE A 233 -10.72 16.25 22.40
C ILE A 233 -9.40 15.55 22.75
N ILE A 234 -8.31 15.87 22.07
CA ILE A 234 -7.01 15.32 22.49
C ILE A 234 -6.73 15.74 23.94
N ALA A 235 -6.97 17.02 24.22
CA ALA A 235 -6.62 17.56 25.50
C ALA A 235 -7.45 16.89 26.58
N PHE A 236 -8.72 16.77 26.31
CA PHE A 236 -9.62 16.27 27.36
C PHE A 236 -9.27 14.81 27.66
N PHE A 237 -8.99 14.01 26.65
CA PHE A 237 -8.76 12.57 26.89
C PHE A 237 -7.34 12.29 27.35
N SER A 238 -6.41 13.18 27.02
CA SER A 238 -5.05 13.12 27.59
C SER A 238 -5.14 13.33 29.11
N ALA A 239 -5.90 14.34 29.51
CA ALA A 239 -6.12 14.62 30.93
C ALA A 239 -6.76 13.43 31.62
N LEU A 240 -7.74 12.80 31.02
CA LEU A 240 -8.39 11.69 31.71
C LEU A 240 -7.43 10.52 31.82
N ASP A 241 -6.62 10.27 30.80
CA ASP A 241 -5.66 9.15 30.82
C ASP A 241 -4.68 9.37 31.97
N LYS A 242 -4.22 10.60 32.12
CA LYS A 242 -3.24 10.96 33.16
C LYS A 242 -3.88 10.78 34.54
N GLN A 243 -5.12 11.22 34.71
CA GLN A 243 -5.82 11.07 36.00
C GLN A 243 -5.97 9.59 36.33
N HIS A 244 -6.24 8.76 35.33
CA HIS A 244 -6.35 7.31 35.54
C HIS A 244 -4.99 6.71 35.91
N ASN A 245 -3.91 7.21 35.33
CA ASN A 245 -2.54 6.73 35.68
C ASN A 245 -2.19 7.12 37.12
N GLU A 246 -2.59 8.32 37.56
CA GLU A 246 -2.28 8.76 38.94
C GLU A 246 -3.15 8.00 39.93
N GLU A 247 -4.40 7.73 39.60
CA GLU A 247 -5.27 6.94 40.49
C GLU A 247 -4.78 5.50 40.57
N GLN A 248 -4.19 4.98 39.49
CA GLN A 248 -3.64 3.61 39.48
C GLN A 248 -2.37 3.55 40.32
N SER A 249 -1.65 4.66 40.45
CA SER A 249 -0.40 4.74 41.24
C SER A 249 -0.72 4.59 42.73
N PRO A 260 -14.03 3.38 36.03
CA PRO A 260 -14.54 3.12 34.69
C PRO A 260 -14.06 1.81 34.07
N SER A 261 -11.69 -0.01 33.15
CA SER A 261 -11.12 0.76 32.02
C SER A 261 -11.86 0.56 30.67
N GLY A 262 -12.57 -0.57 30.51
CA GLY A 262 -13.35 -0.94 29.30
C GLY A 262 -14.47 0.03 28.95
N GLU A 263 -14.77 1.00 29.82
CA GLU A 263 -15.58 2.19 29.48
C GLU A 263 -14.67 3.17 28.73
N LEU A 264 -13.53 3.51 29.32
CA LEU A 264 -12.69 4.59 28.79
C LEU A 264 -12.12 4.18 27.44
N ARG A 265 -11.76 2.91 27.31
CA ARG A 265 -11.16 2.42 26.06
C ARG A 265 -12.19 2.30 24.95
N HIS A 266 -13.40 1.83 25.26
CA HIS A 266 -14.50 1.77 24.27
C HIS A 266 -14.97 3.18 23.89
N VAL A 267 -14.55 4.18 24.63
CA VAL A 267 -14.81 5.58 24.28
C VAL A 267 -13.73 6.12 23.38
N GLU A 268 -12.48 5.90 23.72
CA GLU A 268 -11.42 6.38 22.79
C GLU A 268 -11.41 5.56 21.49
N GLY A 269 -11.93 4.32 21.57
CA GLY A 269 -12.15 3.44 20.42
C GLY A 269 -13.37 3.77 19.61
N THR A 270 -13.98 4.93 19.84
CA THR A 270 -15.05 5.45 18.98
C THR A 270 -14.87 6.91 18.73
N ILE A 271 -14.19 7.61 19.61
CA ILE A 271 -13.69 8.90 19.14
C ILE A 271 -12.63 8.72 18.06
N ILE A 272 -11.87 7.60 18.09
CA ILE A 272 -10.79 7.55 17.09
C ILE A 272 -11.39 7.23 15.74
N LEU A 273 -12.40 6.34 15.76
CA LEU A 273 -13.06 6.03 14.47
C LEU A 273 -13.81 7.26 13.91
N HIS A 274 -14.41 8.05 14.82
CA HIS A 274 -15.06 9.25 14.33
C HIS A 274 -14.02 10.17 13.72
N ILE A 275 -12.81 10.21 14.21
CA ILE A 275 -11.97 11.25 13.59
C ILE A 275 -11.42 10.75 12.27
N VAL A 276 -11.37 9.41 12.17
CA VAL A 276 -10.68 8.75 11.04
C VAL A 276 -11.70 8.85 9.95
N PHE A 277 -12.97 8.51 10.22
CA PHE A 277 -14.01 8.62 9.15
C PHE A 277 -14.19 10.04 8.66
N ALA A 278 -14.18 10.92 9.57
CA ALA A 278 -14.17 12.31 9.24
C ALA A 278 -12.94 12.73 8.47
N ILE A 279 -11.80 12.06 8.62
CA ILE A 279 -10.62 12.44 7.80
C ILE A 279 -10.72 11.89 6.39
N LYS A 280 -11.34 10.75 6.28
CA LYS A 280 -11.62 10.22 4.94
C LYS A 280 -12.58 11.13 4.12
N LEU A 281 -13.67 11.56 4.75
CA LEU A 281 -14.63 12.50 4.13
C LEU A 281 -13.93 13.84 3.99
N ASP A 282 -12.96 14.18 4.85
CA ASP A 282 -12.40 15.55 4.87
C ASP A 282 -10.90 15.46 5.03
N TYR A 283 -10.20 15.67 3.93
CA TYR A 283 -8.75 15.42 3.85
C TYR A 283 -7.94 16.62 4.31
N GLU A 284 -8.58 17.58 4.98
CA GLU A 284 -7.90 18.74 5.56
C GLU A 284 -7.94 18.65 7.08
N LEU A 285 -8.92 17.94 7.64
CA LEU A 285 -8.84 17.60 9.08
C LEU A 285 -7.62 16.74 9.38
N GLY A 286 -7.22 15.86 8.48
CA GLY A 286 -6.02 15.08 8.65
C GLY A 286 -4.76 15.92 8.65
N ARG A 287 -4.64 16.87 7.72
CA ARG A 287 -3.42 17.72 7.69
C ARG A 287 -3.34 18.59 8.94
N GLU A 288 -4.48 18.98 9.47
CA GLU A 288 -4.55 19.76 10.70
C GLU A 288 -4.14 18.92 11.90
N LEU A 289 -4.54 17.65 11.91
CA LEU A 289 -4.10 16.72 12.97
C LEU A 289 -2.61 16.42 12.93
N VAL A 290 -2.06 16.28 11.75
CA VAL A 290 -0.60 16.05 11.63
C VAL A 290 0.19 17.30 12.02
N LYS A 291 -0.25 18.46 11.56
CA LYS A 291 0.44 19.73 11.85
C LYS A 291 0.40 19.95 13.36
N HIS A 292 -0.73 19.67 13.97
CA HIS A 292 -0.94 19.93 15.40
C HIS A 292 -0.18 19.00 16.30
N LEU A 293 0.21 17.82 15.86
CA LEU A 293 1.07 16.87 16.65
C LEU A 293 2.48 16.64 16.07
N LYS A 294 2.94 17.37 15.07
CA LYS A 294 4.30 17.13 14.61
C LYS A 294 5.29 17.63 15.67
N VAL A 295 6.27 16.77 15.97
CA VAL A 295 7.32 17.03 16.99
C VAL A 295 8.34 17.96 16.37
N GLY A 296 8.87 17.57 15.23
CA GLY A 296 9.98 18.32 14.65
C GLY A 296 9.56 19.68 14.17
N GLN A 297 9.30 20.57 15.12
CA GLN A 297 8.99 21.97 14.81
C GLN A 297 10.33 22.66 14.55
N GLN A 298 11.27 22.54 15.49
CA GLN A 298 12.72 22.57 15.21
C GLN A 298 13.40 21.33 15.80
N GLY A 299 13.27 21.11 17.11
CA GLY A 299 13.73 19.87 17.76
C GLY A 299 12.78 19.31 18.79
N ASP A 300 11.94 20.16 19.37
CA ASP A 300 11.39 19.94 20.71
C ASP A 300 10.22 18.95 20.69
N SER A 301 10.19 18.06 21.68
CA SER A 301 9.11 17.07 21.94
C SER A 301 7.94 17.77 22.64
N ASN A 302 6.74 17.74 22.04
CA ASN A 302 5.53 18.45 22.56
C ASN A 302 4.77 17.56 23.54
N ASN A 303 4.11 18.20 24.51
CA ASN A 303 3.22 17.56 25.52
C ASN A 303 1.78 17.53 24.98
N ASN A 304 1.60 17.50 23.64
CA ASN A 304 0.33 17.13 22.95
C ASN A 304 0.30 15.61 22.61
N LEU A 305 1.50 14.96 22.61
CA LEU A 305 1.59 13.50 22.39
C LEU A 305 1.35 12.74 23.66
N SER A 306 0.47 11.78 23.58
CA SER A 306 0.04 10.97 24.71
C SER A 306 -0.46 9.69 24.14
N PRO A 307 -0.64 8.68 24.93
CA PRO A 307 -1.35 7.51 24.45
C PRO A 307 -2.68 7.69 23.79
N PHE A 308 -3.38 8.84 23.98
CA PHE A 308 -4.56 9.10 23.11
C PHE A 308 -4.06 9.58 21.74
N SER A 309 -3.29 10.58 21.73
CA SER A 309 -3.01 11.23 20.48
C SER A 309 -2.08 10.47 19.63
N ILE A 310 -1.52 9.38 20.11
CA ILE A 310 -0.69 8.40 19.32
C ILE A 310 -1.59 7.28 18.86
N ALA A 311 -2.42 6.74 19.67
CA ALA A 311 -3.35 5.79 19.15
C ALA A 311 -4.04 6.33 17.91
N LEU A 312 -4.38 7.59 17.90
CA LEU A 312 -5.13 8.23 16.82
C LEU A 312 -4.23 8.36 15.62
N LEU A 313 -2.95 8.57 15.76
CA LEU A 313 -2.06 8.53 14.60
C LEU A 313 -1.86 7.15 14.07
N LEU A 314 -1.95 6.14 14.85
CA LEU A 314 -1.82 4.77 14.34
C LEU A 314 -3.10 4.30 13.64
N SER A 315 -4.22 4.87 13.94
CA SER A 315 -5.48 4.59 13.30
C SER A 315 -5.57 5.38 12.03
N VAL A 316 -4.90 6.41 11.89
CA VAL A 316 -5.00 7.17 10.66
C VAL A 316 -4.04 6.65 9.61
N THR A 317 -3.24 5.63 9.87
CA THR A 317 -2.21 5.13 8.93
C THR A 317 -2.88 4.20 8.01
N ARG A 318 -4.14 3.90 8.27
CA ARG A 318 -4.93 3.01 7.40
C ARG A 318 -5.78 3.82 6.43
N ILE A 319 -5.61 5.07 6.44
CA ILE A 319 -5.95 5.87 5.27
C ILE A 319 -4.68 5.99 4.45
N GLN A 320 -4.75 5.73 3.18
CA GLN A 320 -3.56 5.37 2.42
C GLN A 320 -2.81 6.63 2.05
N ARG A 321 -3.43 7.78 2.09
CA ARG A 321 -2.71 9.05 1.82
C ARG A 321 -1.85 9.49 3.01
N PHE A 322 -2.18 9.07 4.23
CA PHE A 322 -1.50 9.56 5.42
C PHE A 322 -0.35 8.63 5.83
N GLN A 323 -0.29 7.43 5.27
CA GLN A 323 0.42 6.33 5.90
C GLN A 323 1.89 6.63 6.04
N ASP A 324 2.52 7.08 4.99
CA ASP A 324 3.94 7.40 5.13
C ASP A 324 4.13 8.61 6.03
N GLN A 325 3.26 9.59 5.89
CA GLN A 325 3.40 10.86 6.58
C GLN A 325 3.25 10.64 8.06
N VAL A 326 2.32 9.83 8.47
CA VAL A 326 2.12 9.57 9.89
C VAL A 326 3.17 8.65 10.48
N LEU A 327 3.71 7.70 9.74
CA LEU A 327 4.81 6.86 10.27
C LEU A 327 6.06 7.65 10.37
N ASP A 328 6.40 8.51 9.44
CA ASP A 328 7.63 9.31 9.59
C ASP A 328 7.54 10.28 10.72
N LEU A 329 6.34 10.75 10.98
CA LEU A 329 6.14 11.51 12.20
C LEU A 329 6.46 10.65 13.43
N LEU A 330 5.83 9.49 13.60
CA LEU A 330 6.10 8.75 14.82
C LEU A 330 7.55 8.27 14.90
N LYS A 331 8.22 8.19 13.78
CA LYS A 331 9.55 7.64 13.77
C LYS A 331 10.48 8.68 14.36
N THR A 332 10.40 9.93 13.89
CA THR A 332 11.24 11.03 14.47
C THR A 332 10.88 11.41 15.87
N SER A 333 9.60 11.31 16.15
CA SER A 333 9.10 11.50 17.52
C SER A 333 9.73 10.58 18.55
N VAL A 334 10.20 9.42 18.09
CA VAL A 334 10.83 8.41 18.97
C VAL A 334 12.33 8.56 19.03
N VAL A 335 12.94 8.91 17.93
CA VAL A 335 14.40 9.18 17.96
C VAL A 335 14.74 10.48 18.72
N LYS A 336 13.87 11.47 18.66
CA LYS A 336 14.14 12.72 19.37
C LYS A 336 14.09 12.50 20.85
N SER A 337 13.20 11.69 21.32
CA SER A 337 13.00 11.46 22.74
C SER A 337 14.26 10.87 23.36
N PHE A 338 14.87 9.96 22.64
CA PHE A 338 16.02 9.27 23.15
C PHE A 338 17.21 10.17 23.11
N LYS A 339 17.30 11.11 22.18
CA LYS A 339 18.38 12.14 22.29
C LYS A 339 18.25 12.97 23.55
N ASP A 340 17.05 13.43 23.82
CA ASP A 340 16.75 14.25 24.98
C ASP A 340 17.10 13.51 26.25
N LEU A 341 16.70 12.27 26.34
CA LEU A 341 16.93 11.49 27.56
C LEU A 341 18.43 11.27 27.78
N GLN A 342 19.21 11.12 26.72
CA GLN A 342 20.66 10.93 26.93
C GLN A 342 21.25 12.20 27.51
N LEU A 343 20.79 13.38 27.05
CA LEU A 343 21.30 14.67 27.57
C LEU A 343 21.05 14.74 29.06
N LEU A 344 19.87 14.39 29.52
CA LEU A 344 19.61 14.51 30.95
C LEU A 344 20.45 13.53 31.75
N GLN A 345 20.55 12.28 31.31
CA GLN A 345 21.20 11.28 32.16
C GLN A 345 22.69 11.53 32.25
N GLY A 346 23.25 12.17 31.24
CA GLY A 346 24.69 12.49 31.21
C GLY A 346 25.07 13.70 32.02
N SER A 347 24.11 14.39 32.66
CA SER A 347 24.38 15.68 33.30
C SER A 347 23.42 15.91 34.47
N LYS A 348 23.97 16.29 35.62
CA LYS A 348 23.22 16.49 36.88
C LYS A 348 22.52 17.82 36.82
N PHE A 349 23.17 18.81 36.22
CA PHE A 349 22.67 20.20 36.14
C PHE A 349 21.26 20.24 35.55
N LEU A 350 21.02 19.44 34.52
CA LEU A 350 19.69 19.34 33.90
C LEU A 350 18.76 18.44 34.72
N GLN A 351 19.29 17.55 35.54
CA GLN A 351 18.42 16.67 36.35
C GLN A 351 17.75 17.46 37.48
N ASN A 352 18.45 18.45 38.01
CA ASN A 352 17.94 19.31 39.11
C ASN A 352 16.72 20.09 38.63
N LEU A 353 16.75 20.60 37.41
CA LEU A 353 15.77 21.59 36.92
C LEU A 353 14.52 20.91 36.39
N VAL A 354 14.70 20.04 35.42
CA VAL A 354 13.57 19.45 34.65
C VAL A 354 12.89 18.42 35.53
N PRO A 355 11.57 18.52 35.77
CA PRO A 355 10.83 17.47 36.46
C PRO A 355 10.45 16.34 35.50
N HIS A 356 10.56 15.12 36.01
CA HIS A 356 10.68 13.89 35.21
C HIS A 356 9.48 13.75 34.27
N ARG A 357 9.75 13.89 32.97
CA ARG A 357 8.70 13.86 31.91
C ARG A 357 8.56 12.42 31.45
N SER A 358 7.34 12.03 31.12
CA SER A 358 7.06 10.79 30.37
C SER A 358 7.63 11.00 28.97
N TYR A 359 8.27 9.95 28.45
CA TYR A 359 8.87 9.91 27.11
C TYR A 359 8.00 9.07 26.16
N VAL A 360 8.21 9.27 24.87
CA VAL A 360 7.38 8.69 23.80
C VAL A 360 7.47 7.16 23.82
N SER A 361 8.62 6.66 24.21
CA SER A 361 8.84 5.24 24.45
C SER A 361 7.79 4.66 25.40
N THR A 362 7.59 5.32 26.55
CA THR A 362 6.69 4.74 27.53
C THR A 362 5.25 4.85 27.07
N MET A 363 4.97 5.89 26.29
CA MET A 363 3.61 6.14 25.80
C MET A 363 3.24 5.04 24.83
N ILE A 364 4.15 4.71 23.89
CA ILE A 364 3.91 3.69 22.84
C ILE A 364 3.75 2.38 23.52
N LEU A 365 4.56 2.09 24.48
CA LEU A 365 4.38 0.82 25.15
C LEU A 365 3.15 0.82 26.04
N GLU A 366 2.57 1.98 26.37
CA GLU A 366 1.28 2.02 27.06
C GLU A 366 0.16 1.74 26.04
N VAL A 367 0.29 2.32 24.84
CA VAL A 367 -0.66 2.13 23.71
C VAL A 367 -0.83 0.67 23.44
N VAL A 368 0.27 -0.04 23.51
CA VAL A 368 0.24 -1.45 23.15
C VAL A 368 -0.55 -2.19 24.24
N LYS A 369 -0.38 -1.83 25.54
CA LYS A 369 -1.16 -2.46 26.62
C LYS A 369 -2.65 -2.17 26.41
N ASN A 370 -2.95 -0.92 26.14
CA ASN A 370 -4.35 -0.42 26.02
C ASN A 370 -5.06 -1.13 24.86
N SER A 371 -4.31 -1.58 23.85
CA SER A 371 -4.84 -1.97 22.54
C SER A 371 -5.46 -3.35 22.59
N VAL A 372 -5.31 -4.05 23.71
CA VAL A 372 -5.74 -5.46 23.78
C VAL A 372 -7.22 -5.59 23.45
N HIS A 373 -8.05 -4.69 23.93
CA HIS A 373 -9.50 -4.93 24.01
C HIS A 373 -10.12 -5.07 22.63
N SER A 374 -10.18 -3.98 21.87
CA SER A 374 -11.00 -3.91 20.64
C SER A 374 -10.37 -3.05 19.56
N TRP A 375 -9.17 -2.56 19.77
CA TRP A 375 -8.63 -1.47 18.97
C TRP A 375 -7.95 -1.94 17.69
N ASP A 376 -8.22 -3.15 17.18
CA ASP A 376 -7.54 -3.74 16.00
C ASP A 376 -7.18 -2.77 14.87
N HIS A 377 -7.86 -1.63 14.83
CA HIS A 377 -7.54 -0.59 13.86
C HIS A 377 -6.16 -0.03 14.08
N VAL A 378 -5.82 0.10 15.33
CA VAL A 378 -4.54 0.68 15.74
C VAL A 378 -3.35 -0.27 15.61
N THR A 379 -3.56 -1.58 15.76
CA THR A 379 -2.51 -2.58 15.91
C THR A 379 -1.82 -2.88 14.60
N GLN A 380 -2.42 -2.72 13.47
CA GLN A 380 -1.77 -2.93 12.18
C GLN A 380 -0.94 -1.72 11.82
N GLY A 381 -0.90 -0.74 12.64
CA GLY A 381 0.01 0.35 12.39
C GLY A 381 1.06 0.40 13.43
N LEU A 382 0.87 -0.25 14.56
CA LEU A 382 2.01 -0.52 15.46
C LEU A 382 3.02 -1.48 14.79
N VAL A 383 2.55 -2.58 14.15
CA VAL A 383 3.46 -3.45 13.43
C VAL A 383 4.20 -2.64 12.37
N GLU A 384 3.58 -1.77 11.65
CA GLU A 384 4.35 -1.05 10.66
C GLU A 384 5.33 -0.09 11.30
N LEU A 385 5.05 0.37 12.48
CA LEU A 385 6.00 1.29 13.09
C LEU A 385 7.20 0.50 13.61
N GLY A 386 6.92 -0.67 14.15
CA GLY A 386 7.90 -1.59 14.65
C GLY A 386 8.91 -1.84 13.59
N PHE A 387 8.47 -2.27 12.45
CA PHE A 387 9.37 -2.75 11.44
C PHE A 387 9.99 -1.59 10.73
N ILE A 388 9.47 -0.37 10.81
CA ILE A 388 10.15 0.85 10.30
C ILE A 388 11.30 1.27 11.17
N LEU A 389 11.11 1.09 12.46
CA LEU A 389 12.17 1.37 13.48
C LEU A 389 13.28 0.35 13.39
N MET A 390 12.93 -0.92 13.31
CA MET A 390 13.97 -1.91 13.13
C MET A 390 14.54 -1.85 11.73
N ASP A 391 13.81 -1.59 10.66
CA ASP A 391 14.38 -1.72 9.33
C ASP A 391 15.26 -0.55 9.15
N SER A 392 14.97 0.57 9.79
CA SER A 392 15.70 1.85 9.54
C SER A 392 16.83 2.11 10.46
N TYR A 393 16.62 1.77 11.71
CA TYR A 393 17.59 2.04 12.76
C TYR A 393 18.39 0.81 13.13
N GLY A 394 18.22 -0.28 12.46
CA GLY A 394 19.04 -1.42 12.85
C GLY A 394 20.46 -1.31 12.36
N PRO A 395 21.38 -2.13 12.86
CA PRO A 395 22.78 -1.93 12.55
C PRO A 395 23.09 -2.04 11.07
N LYS A 396 24.23 -1.43 10.76
CA LYS A 396 25.01 -1.69 9.54
C LYS A 396 26.50 -1.47 9.80
N LYS A 397 26.83 -0.72 10.84
CA LYS A 397 28.16 -0.14 11.03
C LYS A 397 29.15 -1.27 11.35
N VAL A 398 28.62 -2.35 11.92
CA VAL A 398 29.27 -3.68 11.97
C VAL A 398 28.53 -4.60 10.99
N LEU A 399 29.27 -5.16 10.04
CA LEU A 399 28.73 -6.02 8.96
C LEU A 399 29.49 -7.34 8.93
N PRO A 408 31.45 6.32 18.92
CA PRO A 408 30.27 7.10 18.57
C PRO A 408 29.08 6.80 19.51
N SER A 409 28.25 7.81 19.72
CA SER A 409 27.05 7.79 20.60
C SER A 409 25.78 8.07 19.78
N LEU A 410 25.79 9.13 18.99
CA LEU A 410 24.58 9.68 18.34
C LEU A 410 24.10 8.80 17.19
N SER A 411 25.01 8.29 16.35
CA SER A 411 24.67 7.36 15.23
C SER A 411 24.35 5.96 15.76
N ARG A 412 24.80 5.64 16.98
CA ARG A 412 24.68 4.27 17.56
C ARG A 412 23.54 4.22 18.56
N MET A 413 23.53 5.04 19.61
CA MET A 413 22.79 4.71 20.85
C MET A 413 21.34 5.17 20.82
N PRO A 414 20.97 6.32 20.23
CA PRO A 414 19.57 6.58 19.85
C PRO A 414 19.07 5.89 18.58
N ASN A 415 19.89 5.09 17.91
CA ASN A 415 19.50 4.16 16.85
C ASN A 415 19.46 2.79 17.46
N GLN A 416 20.33 2.46 18.38
CA GLN A 416 20.26 1.21 19.13
C GLN A 416 19.00 1.16 19.96
N HIS A 417 18.55 2.30 20.41
CA HIS A 417 17.45 2.37 21.39
C HIS A 417 16.15 2.39 20.68
N ALA A 418 16.13 2.83 19.41
CA ALA A 418 14.92 2.77 18.56
C ALA A 418 14.67 1.33 18.10
N CYS A 419 15.72 0.70 17.61
CA CYS A 419 15.69 -0.65 17.12
C CYS A 419 15.31 -1.62 18.21
N LYS A 420 15.50 -1.30 19.46
CA LYS A 420 15.05 -2.14 20.57
C LYS A 420 13.71 -1.74 21.08
N LEU A 421 13.25 -0.56 20.72
CA LEU A 421 11.82 -0.20 20.89
C LEU A 421 10.98 -0.90 19.84
N GLY A 422 11.47 -0.95 18.63
CA GLY A 422 10.83 -1.68 17.57
C GLY A 422 10.57 -3.10 17.99
N ALA A 423 11.62 -3.81 18.34
CA ALA A 423 11.49 -5.16 18.75
C ALA A 423 10.61 -5.28 19.99
N ASN A 424 10.60 -4.31 20.89
CA ASN A 424 9.72 -4.40 22.07
C ASN A 424 8.27 -4.23 21.66
N ILE A 425 8.03 -3.34 20.70
CA ILE A 425 6.69 -3.10 20.12
C ILE A 425 6.17 -4.39 19.51
N LEU A 426 7.03 -5.08 18.75
CA LEU A 426 6.57 -6.25 18.01
C LEU A 426 6.49 -7.39 18.91
N LEU A 427 7.27 -7.48 19.94
CA LEU A 427 7.13 -8.63 20.84
C LEU A 427 5.90 -8.45 21.74
N GLU A 428 5.62 -7.25 22.19
CA GLU A 428 4.45 -7.04 23.06
C GLU A 428 3.17 -7.11 22.24
N THR A 429 3.21 -6.67 21.00
CA THR A 429 2.08 -6.74 20.06
C THR A 429 1.84 -8.19 19.70
N PHE A 430 2.89 -8.98 19.55
CA PHE A 430 2.84 -10.39 19.17
C PHE A 430 2.31 -11.18 20.34
N LYS A 431 2.47 -10.77 21.59
CA LYS A 431 1.97 -11.62 22.68
C LYS A 431 0.45 -11.62 22.78
N ILE A 432 -0.21 -10.49 22.61
CA ILE A 432 -1.65 -10.35 22.95
C ILE A 432 -2.58 -10.28 21.75
N HIS A 433 -2.10 -9.90 20.58
CA HIS A 433 -2.89 -9.87 19.33
C HIS A 433 -2.69 -11.13 18.48
N GLU A 434 -3.58 -12.09 18.63
CA GLU A 434 -3.39 -13.46 18.16
C GLU A 434 -3.54 -13.57 16.66
N MET A 435 -3.73 -12.46 15.94
CA MET A 435 -3.95 -12.46 14.48
C MET A 435 -2.83 -11.77 13.73
N ILE A 436 -2.01 -10.95 14.40
CA ILE A 436 -0.77 -10.44 13.78
C ILE A 436 0.42 -11.30 14.21
N ARG A 437 0.18 -12.55 14.47
CA ARG A 437 1.30 -13.47 14.52
C ARG A 437 1.74 -13.82 13.12
N GLN A 438 0.93 -14.31 12.23
CA GLN A 438 1.47 -14.93 10.99
C GLN A 438 1.84 -13.83 9.99
N GLU A 439 1.91 -12.60 10.49
CA GLU A 439 2.30 -11.40 9.70
C GLU A 439 3.58 -10.79 10.25
N ILE A 440 3.80 -10.88 11.55
CA ILE A 440 5.11 -10.55 12.12
C ILE A 440 6.14 -11.64 11.89
N LEU A 441 5.79 -12.89 12.24
CA LEU A 441 6.65 -14.05 12.06
C LEU A 441 6.84 -14.45 10.63
N GLU A 442 6.03 -14.14 9.65
CA GLU A 442 6.44 -14.22 8.22
C GLU A 442 7.14 -12.99 7.75
N GLN A 443 7.04 -11.90 8.42
CA GLN A 443 7.78 -10.74 7.97
C GLN A 443 9.15 -10.66 8.65
N VAL A 444 9.34 -11.39 9.72
CA VAL A 444 10.69 -11.35 10.32
C VAL A 444 11.60 -12.25 9.48
N LEU A 445 11.05 -13.45 9.16
CA LEU A 445 11.68 -14.52 8.37
C LEU A 445 12.04 -13.97 6.99
N ASN A 446 11.16 -13.30 6.34
CA ASN A 446 11.35 -12.78 5.01
C ASN A 446 12.49 -11.74 5.02
N ARG A 447 12.94 -11.36 6.19
CA ARG A 447 14.07 -10.42 6.31
C ARG A 447 15.33 -11.12 6.65
N VAL A 448 15.20 -12.29 7.28
CA VAL A 448 16.33 -13.19 7.73
C VAL A 448 16.90 -14.02 6.55
N VAL A 449 16.00 -14.69 5.90
CA VAL A 449 16.28 -15.37 4.65
C VAL A 449 16.84 -14.39 3.64
N THR A 450 16.13 -13.36 3.31
CA THR A 450 16.38 -12.82 1.98
C THR A 450 17.51 -11.80 1.96
N ARG A 451 17.90 -11.24 3.10
CA ARG A 451 18.88 -10.13 3.04
C ARG A 451 20.29 -10.69 3.13
N ALA A 452 20.59 -11.31 4.28
CA ALA A 452 21.75 -12.22 4.45
C ALA A 452 23.13 -11.64 4.03
N SER A 453 23.17 -10.37 3.68
CA SER A 453 24.39 -9.62 3.28
C SER A 453 24.50 -8.42 4.22
N SER A 454 23.41 -7.65 4.30
CA SER A 454 23.14 -6.67 5.38
C SER A 454 23.02 -7.43 6.71
N PRO A 455 23.47 -6.83 7.83
CA PRO A 455 23.31 -7.47 9.15
C PRO A 455 21.85 -7.62 9.62
N ILE A 456 21.62 -8.83 10.10
CA ILE A 456 20.29 -9.19 10.54
C ILE A 456 20.34 -9.86 11.90
N SER A 457 21.28 -9.45 12.72
CA SER A 457 21.26 -9.88 14.13
C SER A 457 19.94 -9.49 14.83
N HIS A 458 19.42 -8.28 14.54
CA HIS A 458 18.33 -7.68 15.30
C HIS A 458 17.09 -8.47 15.07
N PHE A 459 16.86 -8.96 13.84
CA PHE A 459 15.73 -9.91 13.55
C PHE A 459 15.90 -11.29 14.19
N LEU A 460 17.13 -11.77 14.27
CA LEU A 460 17.33 -13.06 14.94
C LEU A 460 17.09 -12.92 16.45
N ASP A 461 17.44 -11.77 17.00
CA ASP A 461 17.16 -11.54 18.41
C ASP A 461 15.66 -11.57 18.61
N LEU A 462 14.95 -10.91 17.71
CA LEU A 462 13.51 -10.75 17.86
C LEU A 462 12.85 -12.07 17.68
N LEU A 463 13.40 -12.85 16.77
CA LEU A 463 12.86 -14.21 16.46
C LEU A 463 13.15 -15.24 17.56
N SER A 464 14.31 -15.13 18.18
CA SER A 464 14.60 -15.84 19.42
C SER A 464 13.64 -15.44 20.53
N ASN A 465 13.41 -14.15 20.73
CA ASN A 465 12.52 -13.63 21.78
C ASN A 465 11.11 -14.13 21.53
N ILE A 466 10.70 -14.12 20.29
CA ILE A 466 9.32 -14.47 19.93
C ILE A 466 9.11 -15.93 20.23
N VAL A 467 10.06 -16.74 19.87
CA VAL A 467 9.96 -18.18 20.08
C VAL A 467 10.04 -18.47 21.57
N MET A 468 11.06 -17.95 22.21
CA MET A 468 11.39 -18.29 23.59
C MET A 468 10.24 -17.91 24.49
N TYR A 469 9.54 -16.86 24.13
CA TYR A 469 8.45 -16.33 24.97
C TYR A 469 7.41 -17.44 25.06
N ALA A 470 6.92 -17.86 23.90
CA ALA A 470 5.92 -18.91 23.83
C ALA A 470 6.04 -19.60 22.51
N PRO A 471 6.72 -20.75 22.46
CA PRO A 471 6.52 -21.64 21.33
C PRO A 471 5.20 -22.39 21.45
N LEU A 472 4.52 -22.36 22.60
CA LEU A 472 3.15 -22.89 22.68
C LEU A 472 2.19 -22.08 21.81
N VAL A 473 2.39 -20.76 21.70
CA VAL A 473 1.55 -19.87 20.85
C VAL A 473 2.09 -19.79 19.41
N LEU A 474 3.22 -20.42 19.10
CA LEU A 474 3.68 -20.61 17.71
C LEU A 474 3.39 -21.98 17.14
N GLN A 475 2.64 -22.84 17.80
CA GLN A 475 2.16 -24.07 17.11
C GLN A 475 0.83 -23.77 16.40
N ASN A 476 0.39 -22.51 16.47
CA ASN A 476 -0.76 -21.93 15.73
C ASN A 476 -0.30 -21.01 14.55
N CYS A 477 1.02 -20.98 14.23
CA CYS A 477 1.70 -20.16 13.17
C CYS A 477 3.03 -20.82 12.73
N SER A 478 3.02 -22.15 12.58
CA SER A 478 4.23 -23.01 12.46
C SER A 478 4.65 -23.14 11.00
N SER A 479 3.69 -23.23 10.09
CA SER A 479 3.99 -23.42 8.67
C SER A 479 4.82 -22.28 8.06
N LYS A 480 4.85 -21.15 8.74
CA LYS A 480 5.63 -20.03 8.27
C LYS A 480 7.09 -20.23 8.56
N VAL A 481 7.43 -21.18 9.44
CA VAL A 481 8.84 -21.55 9.84
C VAL A 481 9.35 -22.58 8.86
N THR A 482 8.54 -23.61 8.67
CA THR A 482 8.94 -24.78 7.87
C THR A 482 8.92 -24.46 6.40
N GLU A 483 8.53 -23.27 5.99
CA GLU A 483 8.71 -22.81 4.63
C GLU A 483 10.00 -22.05 4.61
N ALA A 484 10.59 -21.72 5.70
CA ALA A 484 11.90 -21.14 5.54
C ALA A 484 13.01 -22.17 5.68
N PHE A 485 12.68 -23.37 6.11
CA PHE A 485 13.62 -24.51 6.08
C PHE A 485 13.96 -24.88 4.68
N ASP A 486 13.13 -24.57 3.72
CA ASP A 486 13.42 -24.95 2.34
C ASP A 486 14.38 -23.95 1.73
N TYR A 487 14.67 -22.85 2.38
CA TYR A 487 15.59 -21.85 1.82
C TYR A 487 16.94 -21.99 2.48
N LEU A 488 17.16 -23.04 3.25
CA LEU A 488 18.24 -23.10 4.22
C LEU A 488 19.56 -23.40 3.50
N SER A 489 19.52 -24.15 2.39
CA SER A 489 20.72 -24.47 1.60
C SER A 489 21.47 -23.20 1.22
N PHE A 490 20.75 -22.17 0.77
CA PHE A 490 21.36 -21.00 0.08
C PHE A 490 21.76 -19.90 1.05
N LEU A 491 21.60 -20.13 2.32
CA LEU A 491 22.00 -19.11 3.30
C LEU A 491 23.47 -19.30 3.59
N PRO A 492 24.24 -18.23 3.90
CA PRO A 492 25.53 -18.37 4.58
C PRO A 492 25.40 -19.18 5.88
N LEU A 493 26.52 -19.71 6.36
CA LEU A 493 26.49 -20.71 7.44
C LEU A 493 26.12 -20.04 8.76
N GLN A 494 26.72 -18.89 9.08
CA GLN A 494 26.51 -18.25 10.42
C GLN A 494 25.01 -17.92 10.63
N THR A 495 24.35 -17.51 9.56
CA THR A 495 22.92 -17.28 9.54
C THR A 495 22.20 -18.56 9.81
N VAL A 496 22.71 -19.69 9.32
CA VAL A 496 21.99 -20.96 9.46
C VAL A 496 22.09 -21.46 10.87
N GLN A 497 23.29 -21.31 11.42
CA GLN A 497 23.52 -21.75 12.80
C GLN A 497 22.67 -20.89 13.73
N ARG A 498 22.58 -19.55 13.47
CA ARG A 498 21.85 -18.59 14.36
C ARG A 498 20.38 -18.83 14.28
N LEU A 499 19.93 -19.02 13.08
CA LEU A 499 18.51 -19.28 12.83
C LEU A 499 18.08 -20.66 13.31
N LEU A 500 18.98 -21.66 13.27
CA LEU A 500 18.69 -22.99 13.89
C LEU A 500 18.77 -22.93 15.41
N LYS A 501 19.67 -22.13 15.94
CA LYS A 501 19.76 -21.99 17.38
C LYS A 501 18.43 -21.39 17.88
N ALA A 502 18.00 -20.30 17.20
CA ALA A 502 16.84 -19.47 17.56
C ALA A 502 15.56 -20.24 17.55
N VAL A 503 15.39 -21.19 16.63
CA VAL A 503 14.17 -22.01 16.65
C VAL A 503 14.31 -23.21 17.53
N GLN A 504 15.47 -23.46 18.15
CA GLN A 504 15.53 -24.63 19.07
C GLN A 504 14.29 -24.82 19.96
N PRO A 505 13.75 -23.79 20.65
CA PRO A 505 12.59 -24.04 21.48
C PRO A 505 11.35 -24.54 20.77
N LEU A 506 11.23 -24.22 19.50
CA LEU A 506 10.20 -24.87 18.69
C LEU A 506 10.52 -26.33 18.39
N LEU A 507 11.81 -26.67 18.24
CA LEU A 507 12.24 -28.03 17.96
C LEU A 507 12.13 -28.89 19.17
N LYS A 508 12.18 -28.33 20.38
CA LYS A 508 12.03 -29.17 21.58
C LYS A 508 10.65 -29.81 21.57
N VAL A 509 9.62 -28.99 21.43
CA VAL A 509 8.24 -29.44 21.67
C VAL A 509 7.65 -30.11 20.42
N SER A 510 7.92 -29.57 19.24
CA SER A 510 7.31 -30.04 17.98
C SER A 510 8.16 -31.13 17.34
N MET A 511 7.55 -32.30 17.10
CA MET A 511 8.19 -33.44 16.42
C MET A 511 8.01 -33.33 14.91
N SER A 512 6.91 -32.74 14.45
CA SER A 512 6.67 -32.52 13.00
C SER A 512 7.71 -31.56 12.42
N MET A 513 8.05 -30.53 13.18
CA MET A 513 9.02 -29.53 12.71
C MET A 513 10.43 -30.11 12.74
N ARG A 514 10.72 -30.99 13.66
CA ARG A 514 12.01 -31.70 13.66
C ARG A 514 12.10 -32.64 12.44
N ASP A 515 11.04 -33.38 12.16
CA ASP A 515 11.02 -34.32 11.03
C ASP A 515 10.87 -33.59 9.69
N CYS A 516 10.54 -32.31 9.70
CA CYS A 516 10.56 -31.46 8.49
C CYS A 516 11.94 -30.84 8.25
N LEU A 517 12.69 -30.59 9.29
CA LEU A 517 14.06 -30.14 9.11
C LEU A 517 14.99 -31.31 8.71
N ILE A 518 14.68 -32.50 9.17
CA ILE A 518 15.57 -33.64 8.87
C ILE A 518 15.52 -33.92 7.38
N LEU A 519 14.34 -33.84 6.77
CA LEU A 519 14.23 -34.09 5.32
C LEU A 519 15.02 -33.08 4.52
N VAL A 520 15.11 -31.85 5.00
CA VAL A 520 15.81 -30.80 4.25
C VAL A 520 17.27 -30.98 4.41
N LEU A 521 17.71 -31.36 5.58
CA LEU A 521 19.17 -31.48 5.84
C LEU A 521 19.70 -32.68 5.10
N ARG A 522 18.92 -33.77 5.08
CA ARG A 522 19.27 -34.99 4.38
C ARG A 522 19.29 -34.68 2.92
N LYS A 523 18.36 -33.93 2.39
CA LYS A 523 18.38 -33.57 0.95
C LYS A 523 19.58 -32.67 0.63
N ALA A 524 20.02 -31.84 1.53
CA ALA A 524 21.11 -30.91 1.21
C ALA A 524 22.40 -31.53 1.59
N MET A 525 22.36 -32.72 2.16
CA MET A 525 23.62 -33.45 2.44
C MET A 525 24.35 -33.68 1.11
N PHE A 526 23.63 -34.00 0.03
CA PHE A 526 24.27 -34.39 -1.22
C PHE A 526 24.30 -33.28 -2.25
N ALA A 527 23.73 -32.13 -2.00
CA ALA A 527 23.63 -31.10 -3.03
C ALA A 527 25.02 -30.56 -3.43
N ASN A 528 25.11 -30.05 -4.67
CA ASN A 528 26.38 -29.85 -5.42
C ASN A 528 27.09 -28.58 -4.98
N GLN A 529 26.36 -27.60 -4.45
CA GLN A 529 26.96 -26.40 -3.83
C GLN A 529 27.76 -26.85 -2.60
N LEU A 530 28.69 -26.02 -2.15
CA LEU A 530 29.50 -26.30 -0.92
C LEU A 530 28.68 -25.98 0.33
N ASP A 531 28.05 -24.79 0.36
CA ASP A 531 27.45 -24.25 1.60
C ASP A 531 26.28 -25.10 2.04
N ALA A 532 25.65 -25.86 1.15
CA ALA A 532 24.52 -26.70 1.52
C ALA A 532 24.99 -27.84 2.40
N ARG A 533 26.18 -28.37 2.14
CA ARG A 533 26.68 -29.51 2.94
C ARG A 533 27.10 -29.00 4.29
N LYS A 534 27.66 -27.80 4.35
CA LYS A 534 28.04 -27.24 5.66
C LYS A 534 26.79 -27.02 6.50
N SER A 535 25.75 -26.47 5.90
CA SER A 535 24.48 -26.24 6.59
C SER A 535 23.86 -27.55 6.98
N ALA A 536 24.08 -28.59 6.23
CA ALA A 536 23.57 -29.90 6.67
C ALA A 536 24.29 -30.46 7.87
N VAL A 537 25.58 -30.31 7.81
CA VAL A 537 26.41 -30.81 8.90
C VAL A 537 25.98 -30.03 10.15
N ALA A 538 25.88 -28.70 10.03
CA ALA A 538 25.49 -27.85 11.16
C ALA A 538 24.17 -28.26 11.78
N GLY A 539 23.22 -28.44 10.90
CA GLY A 539 21.92 -28.88 11.37
C GLY A 539 21.99 -30.25 12.01
N PHE A 540 22.79 -31.17 11.44
CA PHE A 540 22.82 -32.51 12.00
C PHE A 540 23.54 -32.52 13.33
N LEU A 541 24.60 -31.73 13.45
CA LEU A 541 25.32 -31.69 14.74
C LEU A 541 24.44 -31.12 15.80
N LEU A 542 23.71 -30.07 15.47
CA LEU A 542 22.80 -29.42 16.42
C LEU A 542 21.64 -30.30 16.76
N LEU A 543 21.13 -31.09 15.85
CA LEU A 543 20.15 -32.12 16.23
C LEU A 543 20.79 -33.24 17.07
N LEU A 544 22.03 -33.63 16.83
CA LEU A 544 22.65 -34.62 17.74
C LEU A 544 23.01 -34.04 19.08
N LYS A 545 23.45 -32.79 19.06
CA LYS A 545 23.94 -32.04 20.22
C LYS A 545 22.82 -31.69 21.16
N ASN A 546 21.64 -31.34 20.65
CA ASN A 546 20.59 -30.88 21.56
C ASN A 546 19.56 -31.97 21.79
N PHE A 547 19.64 -33.13 21.18
CA PHE A 547 18.48 -34.02 21.33
C PHE A 547 18.89 -35.48 21.41
N LYS A 548 18.08 -36.23 22.14
CA LYS A 548 18.19 -37.69 22.28
C LYS A 548 17.27 -38.35 21.25
N VAL A 549 15.98 -38.04 21.33
CA VAL A 549 14.91 -38.58 20.46
C VAL A 549 14.87 -37.74 19.18
N LEU A 550 14.75 -38.37 18.01
CA LEU A 550 14.62 -37.69 16.70
C LEU A 550 13.56 -38.36 15.81
N TYR A 575 6.02 -45.78 18.69
CA TYR A 575 7.32 -45.77 17.98
C TYR A 575 8.40 -46.39 18.88
N ASN A 576 9.15 -47.36 18.36
CA ASN A 576 10.15 -48.12 19.17
C ASN A 576 11.41 -47.27 19.33
N SER A 577 12.03 -47.33 20.51
CA SER A 577 13.24 -46.54 20.84
C SER A 577 14.52 -47.30 20.49
N VAL A 578 14.49 -48.12 19.43
CA VAL A 578 15.70 -48.71 18.80
C VAL A 578 16.01 -47.89 17.55
N ALA A 579 14.97 -47.49 16.81
CA ALA A 579 15.14 -46.78 15.54
C ALA A 579 15.72 -45.39 15.81
N ASN A 580 15.46 -44.79 16.97
CA ASN A 580 16.08 -43.49 17.27
C ASN A 580 17.58 -43.67 17.36
N GLU A 581 18.01 -44.76 17.98
CA GLU A 581 19.45 -45.03 18.15
C GLU A 581 20.08 -45.33 16.79
N THR A 582 19.44 -46.17 15.96
CA THR A 582 20.02 -46.51 14.65
C THR A 582 20.00 -45.27 13.74
N PHE A 583 19.04 -44.38 13.94
CA PHE A 583 18.98 -43.13 13.17
C PHE A 583 20.16 -42.25 13.56
N CYS A 584 20.45 -42.13 14.85
CA CYS A 584 21.64 -41.39 15.30
C CYS A 584 22.89 -42.01 14.70
N LEU A 585 22.93 -43.33 14.63
CA LEU A 585 24.10 -44.06 14.08
C LEU A 585 24.22 -43.77 12.59
N GLU A 586 23.10 -43.67 11.89
CA GLU A 586 23.09 -43.41 10.44
C GLU A 586 23.52 -41.96 10.16
N ILE A 587 23.02 -41.02 10.95
CA ILE A 587 23.45 -39.63 10.84
C ILE A 587 24.94 -39.64 11.02
N MET A 588 25.42 -40.30 12.05
CA MET A 588 26.86 -40.27 12.39
C MET A 588 27.67 -40.92 11.25
N ASP A 589 27.08 -41.90 10.54
CA ASP A 589 27.73 -42.50 9.38
C ASP A 589 27.79 -41.50 8.21
N SER A 590 26.76 -40.72 8.00
CA SER A 590 26.78 -39.66 6.96
C SER A 590 27.84 -38.61 7.30
N LEU A 591 27.95 -38.24 8.56
CA LEU A 591 28.96 -37.29 8.97
C LEU A 591 30.36 -37.90 8.86
N ARG A 592 30.46 -39.20 9.12
CA ARG A 592 31.71 -39.97 8.96
C ARG A 592 32.10 -39.95 7.48
N ARG A 593 31.15 -40.00 6.58
CA ARG A 593 31.48 -39.89 5.13
C ARG A 593 31.92 -38.46 4.80
N CYS A 594 31.23 -37.47 5.38
CA CYS A 594 31.57 -36.01 5.26
C CYS A 594 32.96 -35.70 5.80
N LEU A 595 33.52 -36.61 6.60
CA LEU A 595 34.88 -36.42 7.09
C LEU A 595 35.93 -36.47 6.00
N SER A 596 35.60 -36.98 4.82
CA SER A 596 36.56 -37.07 3.71
C SER A 596 36.33 -35.95 2.69
N GLN A 597 35.49 -34.97 3.01
CA GLN A 597 35.24 -33.80 2.11
C GLN A 597 36.38 -32.79 2.35
N GLN A 598 36.06 -31.49 2.35
CA GLN A 598 37.03 -30.39 2.44
C GLN A 598 37.36 -30.14 3.90
N ALA A 599 38.23 -29.15 4.14
CA ALA A 599 38.83 -28.86 5.45
C ALA A 599 37.80 -28.32 6.44
N ASP A 600 36.99 -27.36 5.98
CA ASP A 600 36.06 -26.64 6.87
C ASP A 600 34.98 -27.56 7.41
N VAL A 601 34.55 -28.50 6.62
CA VAL A 601 33.54 -29.46 7.10
C VAL A 601 34.15 -30.40 8.11
N ARG A 602 35.39 -30.77 7.90
CA ARG A 602 36.11 -31.55 8.91
C ARG A 602 36.19 -30.76 10.21
N LEU A 603 36.52 -29.48 10.11
CA LEU A 603 36.78 -28.66 11.31
C LEU A 603 35.50 -28.50 12.15
N MET A 604 34.39 -28.27 11.46
CA MET A 604 33.05 -28.22 12.04
C MET A 604 32.74 -29.52 12.74
N LEU A 605 33.11 -30.63 12.14
CA LEU A 605 32.82 -31.93 12.76
C LEU A 605 33.64 -32.12 14.01
N TYR A 606 34.89 -31.68 14.01
CA TYR A 606 35.81 -31.91 15.14
C TYR A 606 35.36 -31.05 16.31
N GLU A 607 34.96 -29.80 16.05
CA GLU A 607 34.35 -28.98 17.12
C GLU A 607 33.06 -29.59 17.65
N GLY A 608 32.26 -30.15 16.75
CA GLY A 608 30.92 -30.62 17.10
C GLY A 608 30.95 -31.89 17.88
N PHE A 609 31.94 -32.75 17.64
CA PHE A 609 31.93 -34.10 18.24
C PHE A 609 32.05 -34.06 19.76
N TYR A 610 32.79 -33.10 20.28
CA TYR A 610 32.90 -32.95 21.74
C TYR A 610 31.51 -32.68 22.30
N ASP A 611 30.77 -31.74 21.74
CA ASP A 611 29.47 -31.38 22.31
C ASP A 611 28.45 -32.48 22.10
N VAL A 612 28.67 -33.29 21.08
CA VAL A 612 27.80 -34.47 20.81
C VAL A 612 28.03 -35.50 21.90
N LEU A 613 29.29 -35.75 22.23
CA LEU A 613 29.62 -36.65 23.35
C LEU A 613 28.98 -36.16 24.64
N ARG A 614 29.28 -34.92 24.99
CA ARG A 614 29.05 -34.40 26.33
C ARG A 614 27.55 -34.40 26.62
N ARG A 615 26.72 -34.45 25.58
CA ARG A 615 25.26 -34.56 25.74
C ARG A 615 24.78 -36.00 25.62
N ASN A 616 25.09 -36.65 24.51
CA ASN A 616 24.67 -38.04 24.25
C ASN A 616 25.86 -38.96 24.48
N SER A 617 25.97 -39.54 25.68
CA SER A 617 27.12 -40.38 26.10
C SER A 617 27.16 -41.66 25.28
N GLN A 618 25.98 -42.14 24.87
CA GLN A 618 25.82 -43.41 24.16
C GLN A 618 26.57 -43.39 22.82
N LEU A 619 26.80 -42.24 22.22
CA LEU A 619 27.56 -42.19 20.95
C LEU A 619 29.07 -42.23 21.19
N ALA A 620 29.56 -42.58 22.37
CA ALA A 620 30.98 -42.49 22.73
C ALA A 620 31.86 -43.15 21.68
N ASN A 621 31.63 -44.44 21.46
CA ASN A 621 32.54 -45.29 20.65
C ASN A 621 32.43 -44.91 19.18
N SER A 622 31.22 -44.55 18.75
CA SER A 622 30.93 -44.21 17.35
C SER A 622 31.70 -42.94 16.99
N VAL A 623 31.94 -42.05 17.94
CA VAL A 623 32.75 -40.85 17.71
C VAL A 623 34.21 -41.27 17.75
N MET A 624 34.62 -41.98 18.79
CA MET A 624 36.06 -42.05 19.10
C MET A 624 36.80 -42.85 18.03
N GLN A 625 36.22 -43.97 17.61
CA GLN A 625 36.73 -44.77 16.48
C GLN A 625 36.76 -43.90 15.22
N THR A 626 35.72 -43.09 15.02
CA THR A 626 35.62 -42.15 13.88
C THR A 626 36.80 -41.22 13.85
N LEU A 627 37.34 -40.88 15.00
CA LEU A 627 38.52 -40.01 15.04
C LEU A 627 39.76 -40.88 14.94
N LEU A 628 39.79 -41.97 15.69
CA LEU A 628 41.00 -42.81 15.77
C LEU A 628 41.38 -43.34 14.38
N SER A 629 40.41 -43.90 13.65
CA SER A 629 40.63 -44.31 12.24
C SER A 629 41.12 -43.12 11.41
N GLN A 630 40.50 -41.96 11.61
CA GLN A 630 40.89 -40.72 10.91
C GLN A 630 42.25 -40.25 11.38
N LEU A 631 42.65 -40.59 12.60
CA LEU A 631 44.02 -40.28 13.05
C LEU A 631 45.02 -41.23 12.39
N LYS A 632 44.64 -42.49 12.21
CA LYS A 632 45.59 -43.54 11.78
C LYS A 632 45.93 -43.40 10.30
N GLN A 633 45.23 -42.61 9.51
CA GLN A 633 45.65 -42.32 8.13
C GLN A 633 46.93 -41.48 8.15
N PHE A 634 47.11 -40.64 9.19
CA PHE A 634 48.22 -39.66 9.27
C PHE A 634 49.21 -40.00 10.40
N TYR A 635 49.01 -41.10 11.09
CA TYR A 635 49.90 -41.57 12.17
C TYR A 635 50.69 -42.77 11.68
N GLU A 636 51.97 -42.85 12.06
CA GLU A 636 52.85 -44.02 11.82
C GLU A 636 53.06 -44.73 13.16
N PRO A 637 52.51 -45.94 13.39
CA PRO A 637 52.63 -46.59 14.70
C PRO A 637 53.85 -47.51 14.84
N GLU A 638 55.05 -47.00 14.53
CA GLU A 638 56.34 -47.68 14.82
C GLU A 638 57.25 -46.70 15.55
N PRO A 639 57.93 -47.08 16.65
CA PRO A 639 58.94 -46.22 17.23
C PRO A 639 60.16 -46.06 16.32
N ASP A 640 61.00 -45.07 16.65
CA ASP A 640 62.25 -44.76 15.93
C ASP A 640 61.96 -44.39 14.48
N LEU A 641 60.83 -43.72 14.24
CA LEU A 641 60.49 -43.11 12.94
C LEU A 641 60.09 -41.66 13.24
N LEU A 642 60.97 -40.73 12.89
CA LEU A 642 61.14 -39.48 13.66
C LEU A 642 60.03 -38.46 13.40
N PRO A 643 59.52 -38.27 12.17
CA PRO A 643 58.30 -37.46 11.98
C PRO A 643 57.05 -38.27 12.27
N PRO A 644 56.51 -38.30 13.51
CA PRO A 644 55.51 -39.30 13.89
C PRO A 644 54.10 -38.90 13.46
N LEU A 645 53.97 -37.97 12.51
CA LEU A 645 52.73 -37.73 11.76
C LEU A 645 53.08 -37.54 10.29
N LYS A 646 52.26 -38.10 9.41
CA LYS A 646 52.42 -37.98 7.94
C LYS A 646 51.80 -36.66 7.50
N LEU A 647 52.64 -35.64 7.34
CA LEU A 647 52.16 -34.27 7.02
C LEU A 647 51.94 -34.06 5.53
N GLU A 648 52.39 -34.98 4.67
CA GLU A 648 52.26 -34.84 3.20
C GLU A 648 50.79 -34.95 2.81
N ALA A 649 50.09 -35.96 3.34
CA ALA A 649 48.69 -36.27 2.99
C ALA A 649 47.74 -35.13 3.37
N CYS A 650 48.12 -34.27 4.32
CA CYS A 650 47.26 -33.18 4.81
C CYS A 650 47.13 -32.04 3.81
N ILE A 651 48.00 -31.96 2.82
CA ILE A 651 47.93 -30.91 1.77
C ILE A 651 47.73 -31.61 0.44
N LEU A 652 46.73 -31.18 -0.32
CA LEU A 652 46.49 -31.69 -1.69
C LEU A 652 46.77 -30.59 -2.71
N THR A 653 47.38 -30.98 -3.82
CA THR A 653 47.72 -30.09 -4.95
C THR A 653 47.22 -30.71 -6.24
N GLN A 654 46.48 -29.94 -7.04
CA GLN A 654 45.97 -30.37 -8.37
C GLN A 654 46.28 -29.27 -9.38
N GLY A 655 47.49 -29.30 -9.93
CA GLY A 655 47.95 -28.30 -10.92
C GLY A 655 48.08 -26.94 -10.27
N ASP A 656 48.95 -26.84 -9.25
CA ASP A 656 49.45 -25.57 -8.66
C ASP A 656 48.41 -24.91 -7.74
N GLN A 657 47.12 -25.24 -7.83
CA GLN A 657 46.17 -24.90 -6.74
C GLN A 657 46.49 -25.84 -5.58
N ILE A 658 46.81 -25.28 -4.43
CA ILE A 658 47.36 -26.02 -3.27
C ILE A 658 46.53 -25.61 -2.06
N SER A 659 45.98 -26.60 -1.36
CA SER A 659 44.99 -26.35 -0.30
C SER A 659 45.14 -27.38 0.81
N LEU A 660 44.57 -27.06 1.96
CA LEU A 660 44.69 -27.91 3.15
C LEU A 660 43.53 -28.90 3.16
N GLN A 661 43.78 -30.06 3.73
CA GLN A 661 42.71 -30.99 4.10
C GLN A 661 43.14 -31.75 5.34
N GLU A 662 42.20 -31.97 6.23
CA GLU A 662 42.48 -32.53 7.55
C GLU A 662 43.43 -31.67 8.37
N PRO A 663 42.93 -30.65 9.07
CA PRO A 663 43.76 -30.07 10.12
C PRO A 663 43.95 -31.06 11.27
N LEU A 664 45.19 -31.57 11.38
CA LEU A 664 45.62 -32.55 12.41
C LEU A 664 45.46 -31.97 13.82
N ASP A 665 45.76 -30.68 13.97
CA ASP A 665 45.76 -30.00 15.29
C ASP A 665 44.38 -30.08 15.92
N TYR A 666 43.34 -29.67 15.20
CA TYR A 666 41.98 -29.66 15.77
C TYR A 666 41.53 -31.09 16.02
N LEU A 667 41.96 -32.02 15.18
CA LEU A 667 41.60 -33.45 15.38
C LEU A 667 42.15 -33.91 16.70
N LEU A 668 43.45 -33.68 16.93
CA LEU A 668 44.10 -34.10 18.18
C LEU A 668 43.42 -33.39 19.35
N CYS A 669 43.06 -32.13 19.18
CA CYS A 669 42.43 -31.34 20.24
C CYS A 669 41.12 -32.01 20.62
N CYS A 670 40.32 -32.37 19.63
CA CYS A 670 39.01 -33.01 19.86
C CYS A 670 39.20 -34.34 20.55
N ILE A 671 40.22 -35.07 20.12
CA ILE A 671 40.61 -36.36 20.74
C ILE A 671 40.94 -36.15 22.21
N GLN A 672 41.77 -35.15 22.49
CA GLN A 672 42.28 -34.92 23.85
C GLN A 672 41.15 -34.46 24.77
N HIS A 673 40.28 -33.59 24.28
CA HIS A 673 39.13 -33.13 25.08
C HIS A 673 38.19 -34.28 25.37
N CYS A 674 37.82 -35.03 24.35
CA CYS A 674 36.89 -36.16 24.48
C CYS A 674 37.50 -37.21 25.38
N LEU A 675 38.81 -37.42 25.27
CA LEU A 675 39.53 -38.45 26.04
C LEU A 675 39.59 -38.04 27.50
N ALA A 676 39.83 -36.77 27.76
CA ALA A 676 39.87 -36.25 29.13
C ALA A 676 38.50 -36.40 29.78
N TRP A 677 37.46 -36.06 29.03
CA TRP A 677 36.08 -36.21 29.53
C TRP A 677 35.76 -37.68 29.74
N TYR A 678 36.29 -38.55 28.88
CA TYR A 678 36.09 -40.00 28.99
C TYR A 678 36.69 -40.50 30.31
N LYS A 679 37.90 -40.03 30.61
CA LYS A 679 38.62 -40.43 31.83
C LYS A 679 37.87 -39.93 33.07
N ASN A 680 37.56 -38.64 33.09
CA ASN A 680 37.10 -38.00 34.33
C ASN A 680 35.68 -38.44 34.66
N THR A 681 34.86 -38.66 33.65
CA THR A 681 33.40 -38.84 33.82
C THR A 681 32.97 -40.28 33.58
N VAL A 682 33.34 -40.88 32.46
CA VAL A 682 32.73 -42.15 31.98
C VAL A 682 33.21 -43.33 32.83
N ILE A 683 34.50 -43.35 33.21
CA ILE A 683 35.09 -44.50 33.93
C ILE A 683 34.63 -44.49 35.40
N PRO A 684 34.61 -43.36 36.13
CA PRO A 684 33.96 -43.32 37.45
C PRO A 684 32.44 -43.13 37.31
N GLU A 696 35.98 -50.46 26.94
CA GLU A 696 36.78 -50.29 28.18
C GLU A 696 38.26 -50.27 27.86
N ALA A 697 38.77 -51.33 27.24
CA ALA A 697 40.19 -51.50 26.87
C ALA A 697 40.44 -50.91 25.47
N PHE A 698 40.06 -49.65 25.29
CA PHE A 698 40.17 -48.87 24.04
C PHE A 698 40.98 -47.59 24.26
N TYR A 699 40.59 -46.78 25.24
CA TYR A 699 41.16 -45.43 25.47
C TYR A 699 42.64 -45.51 25.85
N GLU A 700 43.07 -46.62 26.46
CA GLU A 700 44.49 -46.83 26.79
C GLU A 700 45.33 -46.88 25.52
N ASP A 701 44.78 -47.44 24.44
CA ASP A 701 45.47 -47.46 23.12
C ASP A 701 45.76 -46.03 22.69
N LEU A 702 44.75 -45.17 22.75
CA LEU A 702 44.89 -43.78 22.28
C LEU A 702 45.79 -43.00 23.24
N ASP A 703 45.73 -43.32 24.53
CA ASP A 703 46.65 -42.76 25.56
C ASP A 703 48.08 -43.03 25.13
N ASP A 704 48.40 -44.29 24.86
CA ASP A 704 49.79 -44.70 24.54
C ASP A 704 50.18 -44.14 23.17
N ILE A 705 49.23 -43.99 22.26
CA ILE A 705 49.50 -43.32 20.95
C ILE A 705 49.95 -41.89 21.22
N LEU A 706 49.16 -41.15 22.01
CA LEU A 706 49.47 -39.73 22.30
C LEU A 706 50.81 -39.65 23.03
N GLU A 707 51.07 -40.58 23.95
CA GLU A 707 52.35 -40.61 24.70
C GLU A 707 53.50 -40.87 23.74
N SER A 708 53.33 -41.75 22.75
CA SER A 708 54.36 -42.01 21.73
C SER A 708 54.58 -40.74 20.90
N ILE A 709 53.51 -40.03 20.59
CA ILE A 709 53.62 -38.77 19.81
C ILE A 709 54.41 -37.75 20.61
N THR A 710 54.14 -37.62 21.91
CA THR A 710 54.87 -36.66 22.77
C THR A 710 56.35 -37.07 22.80
N ASN A 711 56.60 -38.35 23.06
CA ASN A 711 57.95 -38.87 23.31
C ASN A 711 58.80 -38.66 22.06
N ARG A 712 58.22 -38.82 20.88
CA ARG A 712 58.96 -38.65 19.61
C ARG A 712 58.97 -37.20 19.14
N MET A 713 57.94 -36.42 19.49
CA MET A 713 57.90 -34.99 19.10
C MET A 713 58.97 -34.23 19.91
N ILE A 714 59.32 -34.75 21.08
CA ILE A 714 60.43 -34.21 21.90
C ILE A 714 61.76 -34.37 21.14
N LYS A 715 62.05 -35.60 20.71
CA LYS A 715 63.36 -35.95 20.10
C LYS A 715 63.27 -35.86 18.56
N SER A 716 62.24 -35.21 18.04
CA SER A 716 62.24 -34.63 16.69
C SER A 716 62.97 -33.30 16.77
N GLU A 717 63.58 -32.88 15.67
CA GLU A 717 64.12 -31.51 15.56
C GLU A 717 64.17 -31.13 14.08
N LEU A 718 63.08 -30.56 13.58
CA LEU A 718 63.11 -29.43 12.62
C LEU A 718 63.52 -29.84 11.20
N GLU A 719 64.24 -30.97 11.02
CA GLU A 719 64.58 -31.52 9.68
C GLU A 719 63.70 -32.72 9.34
N ASP A 720 62.86 -33.17 10.27
CA ASP A 720 61.83 -34.20 9.96
C ASP A 720 60.69 -33.54 9.18
N PHE A 721 60.44 -32.26 9.45
CA PHE A 721 59.48 -31.42 8.68
C PHE A 721 60.22 -30.39 7.82
N GLU A 722 61.52 -30.57 7.59
CA GLU A 722 62.39 -29.66 6.82
C GLU A 722 62.16 -28.18 7.06
N LEU A 723 62.27 -27.76 8.32
CA LEU A 723 61.95 -26.38 8.70
C LEU A 723 63.22 -25.54 8.89
N ASP A 724 63.14 -24.29 8.45
CA ASP A 724 64.05 -23.17 8.74
C ASP A 724 65.34 -23.21 7.91
N LYS A 725 65.69 -24.35 7.33
CA LYS A 725 67.00 -24.49 6.66
C LYS A 725 66.83 -24.53 5.14
N SER A 726 65.98 -25.45 4.65
CA SER A 726 65.81 -25.71 3.19
C SER A 726 64.72 -24.83 2.61
N ALA A 727 63.62 -24.63 3.33
CA ALA A 727 62.46 -23.82 2.89
C ALA A 727 62.20 -22.68 3.88
N ASP A 728 62.05 -21.47 3.35
CA ASP A 728 61.76 -20.25 4.15
C ASP A 728 60.25 -19.94 4.14
N PHE A 729 59.39 -20.95 4.00
CA PHE A 729 57.93 -20.85 4.23
C PHE A 729 57.33 -19.71 3.39
N SER A 730 57.83 -19.56 2.16
CA SER A 730 57.53 -18.42 1.28
C SER A 730 56.09 -18.50 0.78
N GLN A 731 55.36 -17.38 0.81
CA GLN A 731 54.00 -17.26 0.22
C GLN A 731 54.11 -16.80 -1.24
N SER A 732 55.06 -17.37 -1.98
CA SER A 732 55.25 -17.21 -3.44
C SER A 732 55.02 -18.56 -4.12
N THR A 733 55.70 -19.59 -3.61
CA THR A 733 55.73 -20.96 -4.18
C THR A 733 54.71 -21.83 -3.45
N SER A 734 54.45 -23.01 -3.99
CA SER A 734 53.58 -24.05 -3.38
C SER A 734 54.29 -24.72 -2.20
N ILE A 735 55.62 -24.82 -2.25
CA ILE A 735 56.39 -25.60 -1.25
C ILE A 735 56.44 -24.83 0.05
N GLY A 736 56.66 -23.51 -0.02
CA GLY A 736 56.61 -22.64 1.16
C GLY A 736 55.23 -22.65 1.80
N ILE A 737 54.18 -22.67 0.98
CA ILE A 737 52.78 -22.81 1.47
C ILE A 737 52.68 -24.10 2.27
N LYS A 738 53.17 -25.18 1.67
CA LYS A 738 53.13 -26.52 2.29
C LYS A 738 53.82 -26.48 3.64
N ASN A 739 55.01 -25.88 3.68
CA ASN A 739 55.84 -25.86 4.89
C ASN A 739 55.17 -24.98 5.96
N ASN A 740 54.51 -23.89 5.56
CA ASN A 740 53.86 -22.96 6.53
C ASN A 740 52.69 -23.67 7.19
N ILE A 741 51.88 -24.32 6.38
CA ILE A 741 50.77 -25.17 6.88
C ILE A 741 51.34 -26.23 7.83
N SER A 742 52.45 -26.86 7.45
CA SER A 742 53.11 -27.90 8.27
C SER A 742 53.49 -27.31 9.63
N ALA A 743 54.07 -26.11 9.62
CA ALA A 743 54.55 -25.44 10.84
C ALA A 743 53.39 -25.15 11.77
N PHE A 744 52.30 -24.61 11.23
CA PHE A 744 51.09 -24.31 12.04
C PHE A 744 50.54 -25.60 12.62
N LEU A 745 50.53 -26.66 11.83
CA LEU A 745 50.02 -27.97 12.27
C LEU A 745 50.85 -28.48 13.45
N VAL A 746 52.16 -28.36 13.35
CA VAL A 746 53.06 -28.85 14.43
C VAL A 746 52.86 -27.97 15.67
N MET A 747 52.68 -26.67 15.47
CA MET A 747 52.45 -25.72 16.59
C MET A 747 51.17 -26.13 17.34
N GLY A 748 50.11 -26.40 16.61
CA GLY A 748 48.83 -26.82 17.22
C GLY A 748 48.99 -28.11 17.97
N VAL A 749 49.74 -29.03 17.39
CA VAL A 749 50.00 -30.35 18.03
C VAL A 749 50.71 -30.12 19.35
N CYS A 750 51.72 -29.26 19.34
CA CYS A 750 52.54 -29.02 20.55
C CYS A 750 51.67 -28.39 21.64
N GLU A 751 50.77 -27.49 21.27
CA GLU A 751 49.86 -26.87 22.25
C GLU A 751 48.93 -27.91 22.85
N VAL A 752 48.40 -28.77 22.01
CA VAL A 752 47.50 -29.83 22.51
C VAL A 752 48.27 -30.75 23.45
N LEU A 753 49.50 -31.09 23.10
CA LEU A 753 50.24 -32.04 23.94
C LEU A 753 50.71 -31.36 25.22
N ILE A 754 50.90 -30.04 25.23
CA ILE A 754 51.13 -29.27 26.48
C ILE A 754 49.94 -29.45 27.40
N GLU A 755 48.74 -29.28 26.85
CA GLU A 755 47.49 -29.39 27.63
C GLU A 755 47.31 -30.83 28.11
N TYR A 756 47.67 -31.81 27.28
CA TYR A 756 47.55 -33.23 27.66
C TYR A 756 48.51 -33.53 28.82
N ASN A 757 49.78 -33.18 28.65
CA ASN A 757 50.83 -33.56 29.61
C ASN A 757 50.54 -32.87 30.93
N PHE A 758 49.98 -31.68 30.90
CA PHE A 758 49.55 -31.01 32.14
C PHE A 758 48.44 -31.82 32.77
N SER A 759 47.53 -32.31 31.96
CA SER A 759 46.29 -32.96 32.45
C SER A 759 46.59 -34.31 33.07
N ILE A 760 47.67 -34.98 32.66
CA ILE A 760 47.87 -36.40 33.02
C ILE A 760 47.99 -36.55 34.54
N SER A 761 49.04 -35.99 35.11
CA SER A 761 49.51 -36.38 36.45
C SER A 761 49.27 -35.27 37.46
N SER A 762 49.50 -35.59 38.73
CA SER A 762 49.54 -34.58 39.83
C SER A 762 50.95 -34.03 39.91
N PHE A 763 51.32 -33.23 38.92
CA PHE A 763 52.54 -32.38 38.92
C PHE A 763 53.80 -33.24 39.07
N SER A 764 54.03 -34.14 38.14
CA SER A 764 55.30 -34.91 38.06
C SER A 764 56.37 -34.05 37.40
N LYS A 765 57.61 -34.14 37.87
CA LYS A 765 58.72 -33.32 37.34
C LYS A 765 59.02 -33.73 35.90
N ASN A 766 59.06 -35.03 35.63
CA ASN A 766 59.46 -35.55 34.31
C ASN A 766 58.48 -35.05 33.24
N ARG A 767 57.19 -35.12 33.52
CA ARG A 767 56.17 -34.68 32.53
C ARG A 767 56.26 -33.17 32.34
N PHE A 768 56.63 -32.42 33.37
CA PHE A 768 56.85 -30.97 33.20
C PHE A 768 58.10 -30.69 32.38
N GLU A 769 59.13 -31.55 32.49
CA GLU A 769 60.30 -31.42 31.61
C GLU A 769 59.84 -31.64 30.16
N ASP A 770 58.95 -32.60 29.96
CA ASP A 770 58.41 -32.89 28.60
C ASP A 770 57.55 -31.71 28.13
N ILE A 771 56.78 -31.12 29.04
CA ILE A 771 55.97 -29.91 28.72
C ILE A 771 56.91 -28.79 28.29
N LEU A 772 57.99 -28.61 29.05
CA LEU A 772 59.00 -27.57 28.74
C LEU A 772 59.60 -27.85 27.37
N SER A 773 59.90 -29.11 27.08
CA SER A 773 60.57 -29.49 25.81
C SER A 773 59.61 -29.25 24.65
N LEU A 774 58.35 -29.63 24.81
CA LEU A 774 57.30 -29.38 23.79
C LEU A 774 57.13 -27.89 23.59
N PHE A 775 57.05 -27.13 24.67
CA PHE A 775 56.90 -25.68 24.59
C PHE A 775 58.15 -25.07 23.96
N MET A 776 59.32 -25.61 24.26
CA MET A 776 60.58 -25.10 23.69
C MET A 776 60.59 -25.34 22.18
N CYS A 777 60.08 -26.48 21.75
CA CYS A 777 59.90 -26.79 20.32
C CYS A 777 58.92 -25.78 19.70
N TYR A 778 57.78 -25.59 20.34
CA TYR A 778 56.73 -24.66 19.87
C TYR A 778 57.29 -23.24 19.82
N LYS A 779 58.04 -22.85 20.85
CA LYS A 779 58.58 -21.48 20.96
C LYS A 779 59.68 -21.30 19.92
N LYS A 780 60.44 -22.36 19.64
CA LYS A 780 61.46 -22.30 18.57
C LYS A 780 60.75 -22.08 17.25
N LEU A 781 59.67 -22.82 17.03
CA LEU A 781 58.86 -22.68 15.80
C LEU A 781 58.19 -21.31 15.74
N SER A 782 57.79 -20.78 16.88
CA SER A 782 57.15 -19.45 16.93
C SER A 782 58.18 -18.36 16.60
N ASP A 783 59.38 -18.44 17.17
CA ASP A 783 60.44 -17.45 16.89
C ASP A 783 60.91 -17.62 15.44
N ILE A 784 60.86 -18.84 14.93
CA ILE A 784 61.11 -19.10 13.49
C ILE A 784 60.05 -18.35 12.69
N LEU A 785 58.77 -18.61 13.01
CA LEU A 785 57.66 -18.06 12.21
C LEU A 785 57.65 -16.53 12.34
N ASN A 786 58.11 -16.02 13.47
CA ASN A 786 58.11 -14.56 13.73
C ASN A 786 59.23 -13.92 12.92
N GLU A 787 60.39 -14.56 12.83
CA GLU A 787 61.49 -14.01 12.02
C GLU A 787 61.08 -14.04 10.55
N LYS A 788 60.35 -15.08 10.14
CA LYS A 788 59.91 -15.23 8.72
C LYS A 788 58.68 -14.36 8.45
N ALA A 789 57.93 -13.97 9.49
CA ALA A 789 56.96 -12.87 9.43
C ALA A 789 57.64 -11.53 9.78
N GLY A 790 58.98 -11.50 9.84
CA GLY A 790 59.83 -10.32 10.00
C GLY A 790 60.41 -9.88 8.67
N LYS A 791 60.58 -10.81 7.72
CA LYS A 791 61.02 -10.49 6.33
C LYS A 791 59.83 -9.88 5.58
N ALA A 792 58.68 -10.55 5.61
CA ALA A 792 57.37 -9.96 5.22
C ALA A 792 56.77 -9.38 6.50
N LYS A 793 55.53 -8.92 6.44
CA LYS A 793 54.83 -8.36 7.61
C LYS A 793 54.05 -9.49 8.30
N THR A 794 53.56 -9.21 9.51
CA THR A 794 52.61 -10.11 10.23
C THR A 794 51.19 -9.69 9.85
N LYS A 795 50.91 -9.74 8.55
CA LYS A 795 49.60 -9.44 7.93
C LYS A 795 48.67 -10.64 8.07
N MET A 796 49.23 -11.85 8.10
CA MET A 796 48.47 -13.10 8.30
C MET A 796 48.01 -13.17 9.75
N ALA A 797 46.71 -13.44 9.97
CA ALA A 797 46.12 -13.69 11.30
C ALA A 797 45.94 -15.20 11.50
N ASN A 798 47.02 -15.97 11.29
CA ASN A 798 47.04 -17.45 11.42
C ASN A 798 47.95 -17.92 12.57
N LYS A 799 48.87 -17.08 13.04
CA LYS A 799 49.64 -17.33 14.29
C LYS A 799 48.91 -16.76 15.50
N THR A 800 48.19 -15.64 15.29
CA THR A 800 47.26 -15.04 16.28
C THR A 800 45.91 -15.77 16.21
N SER A 801 45.73 -16.62 15.18
CA SER A 801 44.64 -17.61 15.12
C SER A 801 44.73 -18.49 16.36
N ASP A 802 43.57 -18.96 16.75
CA ASP A 802 43.24 -19.24 18.15
C ASP A 802 44.32 -20.20 18.64
N SER A 803 44.59 -20.15 19.92
CA SER A 803 45.29 -21.26 20.58
C SER A 803 44.29 -22.38 20.80
N LEU A 804 44.83 -23.59 20.91
CA LEU A 804 44.00 -24.77 21.12
C LEU A 804 43.98 -25.16 22.58
N LEU A 805 44.25 -24.19 23.45
CA LEU A 805 44.07 -24.36 24.89
C LEU A 805 42.67 -23.87 25.19
N SER A 806 41.92 -24.69 25.91
CA SER A 806 40.68 -24.25 26.53
C SER A 806 40.94 -23.07 27.49
N MET A 807 39.93 -22.25 27.69
CA MET A 807 40.02 -21.17 28.66
C MET A 807 40.02 -21.76 30.06
N LYS A 808 39.29 -22.86 30.27
CA LYS A 808 39.30 -23.59 31.55
C LYS A 808 40.74 -23.95 31.91
N PHE A 809 41.51 -24.39 30.93
CA PHE A 809 42.88 -24.86 31.16
C PHE A 809 43.78 -23.66 31.48
N VAL A 810 43.59 -22.54 30.82
CA VAL A 810 44.48 -21.36 31.07
C VAL A 810 44.23 -20.77 32.46
N SER A 811 42.97 -20.67 32.85
CA SER A 811 42.60 -20.32 34.23
C SER A 811 43.35 -21.23 35.21
N SER A 812 43.22 -22.56 35.05
CA SER A 812 43.82 -23.55 35.96
C SER A 812 45.34 -23.42 35.97
N LEU A 813 45.92 -23.23 34.80
CA LEU A 813 47.37 -23.14 34.65
C LEU A 813 47.90 -21.90 35.38
N LEU A 814 47.24 -20.75 35.24
CA LEU A 814 47.76 -19.50 35.86
C LEU A 814 47.49 -19.53 37.36
N THR A 815 46.42 -20.18 37.79
CA THR A 815 46.18 -20.39 39.23
C THR A 815 47.32 -21.24 39.82
N ALA A 816 47.72 -22.28 39.11
CA ALA A 816 48.77 -23.21 39.54
C ALA A 816 50.15 -22.58 39.40
N LEU A 817 50.34 -21.69 38.44
CA LEU A 817 51.67 -21.09 38.23
C LEU A 817 52.02 -20.09 39.35
N PHE A 818 51.16 -19.08 39.58
CA PHE A 818 51.45 -17.91 40.45
C PHE A 818 51.10 -18.21 41.90
N ARG A 819 49.84 -18.55 42.14
CA ARG A 819 49.29 -18.61 43.51
C ARG A 819 49.79 -19.83 44.27
N ASP A 820 49.87 -20.99 43.60
CA ASP A 820 50.03 -22.30 44.25
C ASP A 820 51.34 -22.33 45.04
N SER A 821 51.24 -22.69 46.32
CA SER A 821 52.39 -22.82 47.25
C SER A 821 52.25 -24.09 48.08
N ILE A 822 51.84 -25.19 47.45
CA ILE A 822 51.80 -26.54 48.08
C ILE A 822 53.11 -27.24 47.76
N GLN A 823 53.82 -27.69 48.80
CA GLN A 823 55.23 -28.12 48.73
C GLN A 823 55.40 -29.34 47.81
N SER A 824 54.36 -30.17 47.66
CA SER A 824 54.37 -31.34 46.76
C SER A 824 54.48 -30.94 45.29
N HIS A 825 54.08 -29.71 44.93
CA HIS A 825 54.08 -29.20 43.54
C HIS A 825 55.22 -28.21 43.29
N GLN A 826 55.85 -27.65 44.33
CA GLN A 826 56.79 -26.51 44.17
C GLN A 826 58.02 -26.94 43.37
N GLU A 827 58.60 -28.08 43.74
CA GLU A 827 59.83 -28.61 43.10
C GLU A 827 59.57 -28.83 41.61
N SER A 828 58.35 -29.24 41.26
CA SER A 828 57.96 -29.58 39.88
C SER A 828 57.56 -28.33 39.12
N LEU A 829 56.82 -27.43 39.77
CA LEU A 829 56.38 -26.16 39.14
C LEU A 829 57.57 -25.23 38.92
N SER A 830 58.61 -25.35 39.76
CA SER A 830 59.79 -24.45 39.74
C SER A 830 60.51 -24.51 38.40
N VAL A 831 60.35 -25.59 37.65
CA VAL A 831 60.92 -25.68 36.28
C VAL A 831 60.05 -24.85 35.32
N LEU A 832 58.75 -24.74 35.58
CA LEU A 832 57.86 -23.91 34.74
C LEU A 832 58.06 -22.45 35.10
N ARG A 833 58.12 -22.12 36.40
CA ARG A 833 58.25 -20.72 36.85
C ARG A 833 59.57 -20.16 36.34
N SER A 834 60.63 -20.96 36.40
CA SER A 834 61.97 -20.56 35.94
C SER A 834 61.94 -20.19 34.46
N SER A 835 61.04 -20.77 33.70
CA SER A 835 60.81 -20.39 32.29
C SER A 835 59.85 -19.20 32.25
N ASN A 836 60.39 -18.01 32.11
CA ASN A 836 59.60 -16.76 32.08
C ASN A 836 58.80 -16.71 30.78
N GLU A 837 59.42 -17.16 29.69
CA GLU A 837 58.80 -17.15 28.34
C GLU A 837 57.52 -17.98 28.34
N PHE A 838 57.50 -19.07 29.10
CA PHE A 838 56.30 -19.91 29.24
C PHE A 838 55.18 -19.11 29.91
N MET A 839 55.50 -18.41 30.99
CA MET A 839 54.48 -17.71 31.79
C MET A 839 53.94 -16.52 31.01
N ARG A 840 54.79 -15.83 30.26
CA ARG A 840 54.34 -14.69 29.46
C ARG A 840 53.51 -15.18 28.27
N TYR A 841 53.85 -16.34 27.72
CA TYR A 841 53.01 -17.02 26.69
C TYR A 841 51.64 -17.33 27.26
N ALA A 842 51.60 -17.81 28.50
CA ALA A 842 50.33 -18.18 29.16
C ALA A 842 49.44 -16.96 29.34
N VAL A 843 49.96 -15.86 29.84
CA VAL A 843 49.08 -14.68 29.99
C VAL A 843 48.76 -14.10 28.61
N ASN A 844 49.64 -14.23 27.64
CA ASN A 844 49.30 -13.80 26.27
C ASN A 844 48.05 -14.56 25.78
N VAL A 845 48.00 -15.84 26.08
CA VAL A 845 46.88 -16.71 25.65
C VAL A 845 45.60 -16.29 26.38
N ALA A 846 45.69 -15.97 27.66
CA ALA A 846 44.52 -15.46 28.38
C ALA A 846 44.03 -14.13 27.81
N LEU A 847 44.93 -13.20 27.52
CA LEU A 847 44.56 -11.97 26.80
C LEU A 847 43.89 -12.28 25.47
N GLN A 848 44.39 -13.25 24.70
CA GLN A 848 43.76 -13.61 23.40
C GLN A 848 42.32 -14.10 23.59
N LYS A 849 42.09 -14.86 24.67
CA LYS A 849 40.73 -15.37 24.92
C LYS A 849 39.80 -14.25 25.32
N VAL A 850 40.29 -13.27 26.04
CA VAL A 850 39.39 -12.16 26.41
C VAL A 850 39.16 -11.22 25.23
N GLN A 851 40.18 -10.97 24.42
CA GLN A 851 39.98 -10.19 23.20
C GLN A 851 38.96 -10.91 22.29
N GLN A 852 38.99 -12.23 22.20
CA GLN A 852 37.98 -12.97 21.40
C GLN A 852 36.59 -12.78 22.01
N LEU A 853 36.52 -12.74 23.31
CA LEU A 853 35.20 -12.53 23.94
C LEU A 853 34.69 -11.12 23.66
N LYS A 854 35.56 -10.13 23.61
CA LYS A 854 35.14 -8.74 23.32
C LYS A 854 34.69 -8.65 21.87
N GLU A 855 35.51 -9.14 20.94
CA GLU A 855 35.36 -8.73 19.53
C GLU A 855 34.09 -9.37 19.00
N THR A 856 34.05 -10.69 19.10
CA THR A 856 32.82 -11.48 18.90
C THR A 856 32.19 -11.64 20.26
N GLY A 857 31.10 -12.38 20.35
CA GLY A 857 30.37 -12.50 21.61
C GLY A 857 30.99 -13.44 22.61
N HIS A 858 31.83 -14.35 22.10
CA HIS A 858 32.22 -15.61 22.77
C HIS A 858 33.50 -16.17 22.17
N VAL A 859 34.11 -17.10 22.90
CA VAL A 859 35.46 -17.60 22.59
C VAL A 859 35.48 -18.96 21.85
N SER A 860 36.67 -19.33 21.39
CA SER A 860 36.89 -20.27 20.28
C SER A 860 36.84 -21.75 20.71
N GLY A 861 37.38 -22.00 21.89
CA GLY A 861 37.59 -23.39 22.28
C GLY A 861 36.30 -24.08 22.71
N PRO A 862 36.49 -25.18 23.44
CA PRO A 862 35.41 -25.83 24.18
C PRO A 862 34.79 -24.97 25.28
N ASP A 863 33.50 -25.17 25.50
CA ASP A 863 32.68 -24.35 26.42
C ASP A 863 32.82 -22.88 26.07
N GLY A 864 33.16 -22.56 24.82
CA GLY A 864 33.39 -21.18 24.38
C GLY A 864 32.15 -20.57 23.78
N GLN A 865 30.97 -21.14 24.02
CA GLN A 865 29.69 -20.62 23.50
C GLN A 865 28.63 -20.67 24.61
N ASN A 866 29.01 -21.05 25.83
CA ASN A 866 28.11 -20.99 26.99
C ASN A 866 28.54 -19.77 27.76
N PRO A 867 27.72 -18.72 27.97
CA PRO A 867 28.22 -17.52 28.64
C PRO A 867 28.61 -17.82 30.08
N GLU A 868 27.90 -18.72 30.76
CA GLU A 868 28.18 -18.99 32.18
C GLU A 868 29.57 -19.58 32.38
N LYS A 869 30.04 -20.43 31.48
CA LYS A 869 31.38 -20.99 31.62
C LYS A 869 32.43 -19.93 31.39
N ILE A 870 32.16 -19.00 30.47
CA ILE A 870 33.12 -17.89 30.25
C ILE A 870 33.08 -16.93 31.44
N PHE A 871 31.94 -16.80 32.10
CA PHE A 871 31.82 -15.94 33.28
C PHE A 871 32.67 -16.53 34.40
N GLN A 872 32.51 -17.82 34.66
CA GLN A 872 33.25 -18.42 35.77
C GLN A 872 34.74 -18.33 35.49
N ASN A 873 35.14 -18.54 34.26
CA ASN A 873 36.58 -18.49 33.94
C ASN A 873 37.08 -17.05 33.90
N LEU A 874 36.20 -16.08 33.62
CA LEU A 874 36.58 -14.64 33.73
C LEU A 874 36.83 -14.25 35.19
N CYS A 875 35.95 -14.66 36.10
CA CYS A 875 36.12 -14.46 37.55
C CYS A 875 37.45 -15.05 38.00
N ASP A 876 37.78 -16.24 37.54
CA ASP A 876 38.97 -16.97 38.02
C ASP A 876 40.23 -16.32 37.49
N LEU A 877 40.22 -15.91 36.23
CA LEU A 877 41.35 -15.11 35.72
C LEU A 877 41.49 -13.79 36.48
N THR A 878 40.38 -13.14 36.80
CA THR A 878 40.42 -11.84 37.50
C THR A 878 41.11 -12.04 38.84
N ARG A 879 40.70 -13.07 39.57
CA ARG A 879 41.24 -13.33 40.90
C ARG A 879 42.74 -13.52 40.81
N VAL A 880 43.18 -14.32 39.86
CA VAL A 880 44.61 -14.69 39.79
C VAL A 880 45.42 -13.49 39.37
N LEU A 881 44.96 -12.75 38.38
CA LEU A 881 45.74 -11.61 37.88
C LEU A 881 45.76 -10.48 38.93
N LEU A 882 44.69 -10.33 39.72
CA LEU A 882 44.69 -9.34 40.82
C LEU A 882 45.74 -9.74 41.85
N TRP A 883 45.77 -11.02 42.21
CA TRP A 883 46.71 -11.51 43.22
C TRP A 883 48.13 -11.27 42.76
N ARG A 884 48.41 -11.46 41.49
CA ARG A 884 49.77 -11.28 40.98
C ARG A 884 50.08 -9.82 40.82
N TYR A 885 49.10 -8.98 40.55
CA TYR A 885 49.38 -7.53 40.41
C TYR A 885 49.68 -6.87 41.77
N THR A 886 48.80 -7.08 42.75
CA THR A 886 48.79 -6.35 44.03
C THR A 886 49.88 -6.91 44.95
N SER A 887 49.93 -8.24 45.12
CA SER A 887 50.84 -8.91 46.06
C SER A 887 52.28 -8.65 45.63
N ILE A 888 52.69 -9.20 44.49
CA ILE A 888 54.01 -8.92 43.89
C ILE A 888 53.89 -7.57 43.19
N PRO A 889 54.69 -6.55 43.54
CA PRO A 889 54.60 -5.27 42.83
C PRO A 889 55.16 -5.37 41.41
N THR A 890 55.31 -4.22 40.74
CA THR A 890 55.99 -4.11 39.43
C THR A 890 57.51 -4.05 39.62
N SER A 891 58.01 -3.30 40.61
CA SER A 891 59.45 -2.98 40.77
C SER A 891 60.22 -4.18 41.34
N VAL A 892 60.10 -5.33 40.66
CA VAL A 892 60.83 -6.59 40.94
C VAL A 892 61.54 -7.04 39.66
N GLU A 893 61.78 -6.11 38.73
CA GLU A 893 62.23 -6.43 37.35
C GLU A 893 63.72 -6.78 37.40
N GLU A 894 64.01 -8.09 37.50
CA GLU A 894 65.38 -8.63 37.49
C GLU A 894 65.53 -9.64 36.33
N SER A 895 64.88 -9.35 35.20
CA SER A 895 64.89 -10.19 33.97
C SER A 895 65.68 -9.49 32.86
N GLY A 896 65.17 -8.36 32.39
CA GLY A 896 65.73 -7.65 31.23
C GLY A 896 64.87 -6.48 30.82
N LYS A 897 65.49 -5.49 30.17
CA LYS A 897 64.89 -4.16 29.89
C LYS A 897 63.99 -4.18 28.65
N LYS A 898 63.94 -5.27 27.89
CA LYS A 898 62.92 -5.47 26.84
C LYS A 898 61.56 -5.85 27.43
N GLU A 899 61.50 -6.31 28.68
CA GLU A 899 60.25 -6.79 29.31
C GLU A 899 59.53 -5.70 30.10
N LYS A 900 59.85 -4.41 29.90
CA LYS A 900 59.28 -3.29 30.69
C LYS A 900 57.96 -2.79 30.11
N GLY A 901 57.73 -2.98 28.80
CA GLY A 901 56.40 -2.87 28.18
C GLY A 901 55.75 -4.23 27.98
N LYS A 902 56.43 -5.30 28.40
CA LYS A 902 56.00 -6.71 28.26
C LYS A 902 56.03 -7.44 29.61
N SER A 903 56.16 -6.72 30.74
CA SER A 903 56.27 -7.35 32.08
C SER A 903 54.99 -8.09 32.43
N ILE A 904 55.10 -9.01 33.36
CA ILE A 904 53.98 -9.92 33.71
C ILE A 904 52.96 -9.16 34.54
N SER A 905 53.44 -8.35 35.46
CA SER A 905 52.56 -7.48 36.28
C SER A 905 51.92 -6.39 35.42
N LEU A 906 52.43 -6.10 34.22
CA LEU A 906 51.75 -5.19 33.28
C LEU A 906 50.69 -5.97 32.49
N LEU A 907 51.04 -7.16 32.00
CA LEU A 907 50.09 -7.91 31.16
C LEU A 907 48.91 -8.33 32.01
N CYS A 908 49.13 -8.60 33.28
CA CYS A 908 48.03 -8.97 34.19
C CYS A 908 47.04 -7.81 34.31
N LEU A 909 47.56 -6.60 34.38
CA LEU A 909 46.73 -5.39 34.46
C LEU A 909 46.01 -5.18 33.14
N GLU A 910 46.67 -5.45 32.02
CA GLU A 910 46.03 -5.29 30.70
C GLU A 910 44.84 -6.25 30.60
N GLY A 911 45.06 -7.49 30.98
CA GLY A 911 44.00 -8.50 31.02
C GLY A 911 42.91 -8.10 31.99
N LEU A 912 43.26 -7.40 33.06
CA LEU A 912 42.26 -6.88 34.01
C LEU A 912 41.39 -5.81 33.37
N GLN A 913 42.01 -4.93 32.60
CA GLN A 913 41.28 -3.86 31.90
C GLN A 913 40.27 -4.46 30.92
N LYS A 914 40.70 -5.45 30.13
CA LYS A 914 39.84 -6.17 29.16
C LYS A 914 38.74 -6.91 29.84
N ILE A 915 39.03 -7.52 30.94
CA ILE A 915 37.98 -8.23 31.68
C ILE A 915 36.93 -7.25 32.20
N PHE A 916 37.35 -6.12 32.77
CA PHE A 916 36.40 -5.16 33.38
C PHE A 916 35.54 -4.51 32.30
N SER A 917 36.13 -4.20 31.16
CA SER A 917 35.35 -3.72 29.99
C SER A 917 34.32 -4.78 29.60
N ALA A 918 34.79 -6.00 29.40
CA ALA A 918 33.95 -7.06 28.85
C ALA A 918 32.86 -7.43 29.81
N VAL A 919 33.05 -7.27 31.10
CA VAL A 919 32.03 -7.78 32.03
C VAL A 919 30.94 -6.74 32.16
N GLN A 920 31.30 -5.46 31.95
CA GLN A 920 30.29 -4.36 31.92
C GLN A 920 29.43 -4.56 30.67
N GLN A 921 30.04 -4.95 29.55
CA GLN A 921 29.34 -5.06 28.26
C GLN A 921 28.41 -6.26 28.23
N PHE A 922 28.94 -7.44 28.42
CA PHE A 922 28.23 -8.71 28.20
C PHE A 922 27.59 -9.29 29.44
N TYR A 923 28.16 -9.05 30.63
CA TYR A 923 27.59 -9.60 31.90
C TYR A 923 27.05 -8.45 32.78
N GLN A 924 26.43 -7.45 32.18
CA GLN A 924 25.86 -6.31 32.94
C GLN A 924 25.00 -6.77 34.10
N PRO A 925 24.10 -7.77 33.96
CA PRO A 925 23.28 -8.19 35.10
C PRO A 925 23.97 -8.98 36.21
N LYS A 926 25.29 -9.16 36.17
CA LYS A 926 25.94 -10.10 37.13
C LYS A 926 27.04 -9.42 37.91
N ILE A 927 27.12 -8.09 37.88
CA ILE A 927 28.35 -7.39 38.33
C ILE A 927 28.48 -7.53 39.84
N GLN A 928 27.35 -7.65 40.53
CA GLN A 928 27.34 -8.02 41.96
C GLN A 928 28.10 -9.34 42.12
N GLN A 929 27.64 -10.42 41.46
CA GLN A 929 28.24 -11.77 41.65
C GLN A 929 29.52 -11.95 40.82
N PHE A 930 29.95 -10.93 40.08
CA PHE A 930 31.34 -10.83 39.58
C PHE A 930 32.25 -10.30 40.68
N LEU A 931 31.77 -9.31 41.41
CA LEU A 931 32.61 -8.63 42.42
C LEU A 931 32.65 -9.46 43.71
N ARG A 932 31.57 -10.16 44.05
CA ARG A 932 31.49 -10.99 45.29
C ARG A 932 32.58 -12.06 45.27
N ALA A 933 32.95 -12.54 44.08
CA ALA A 933 34.02 -13.52 43.87
C ALA A 933 35.41 -12.92 44.09
N LEU A 934 35.55 -11.60 44.13
CA LEU A 934 36.82 -10.90 44.44
C LEU A 934 36.93 -10.65 45.96
N VAL A 949 25.69 -5.94 51.81
CA VAL A 949 26.75 -5.12 51.15
C VAL A 949 26.38 -4.98 49.66
N SER A 950 26.42 -3.74 49.15
CA SER A 950 26.08 -3.40 47.75
C SER A 950 27.35 -3.44 46.88
N VAL A 951 27.18 -3.05 45.61
CA VAL A 951 28.27 -3.01 44.60
C VAL A 951 29.22 -1.85 44.92
N THR A 952 28.72 -0.84 45.62
CA THR A 952 29.49 0.40 45.86
C THR A 952 30.69 0.10 46.74
N GLN A 953 30.49 -0.67 47.81
CA GLN A 953 31.57 -0.96 48.78
C GLN A 953 32.61 -1.85 48.13
N ARG A 954 32.18 -2.84 47.34
CA ARG A 954 33.10 -3.78 46.67
C ARG A 954 33.97 -3.00 45.68
N THR A 955 33.32 -2.17 44.88
CA THR A 955 34.01 -1.34 43.88
C THR A 955 34.95 -0.37 44.60
N ALA A 956 34.52 0.16 45.74
CA ALA A 956 35.34 1.13 46.49
C ALA A 956 36.60 0.43 47.01
N PHE A 957 36.48 -0.79 47.49
CA PHE A 957 37.64 -1.54 48.00
C PHE A 957 38.62 -1.82 46.86
N GLN A 958 38.09 -2.24 45.71
CA GLN A 958 38.94 -2.51 44.54
C GLN A 958 39.62 -1.22 44.08
N ILE A 959 38.87 -0.14 44.08
CA ILE A 959 39.40 1.20 43.70
C ILE A 959 40.48 1.60 44.70
N ARG A 960 40.28 1.30 45.97
CA ARG A 960 41.30 1.59 47.00
C ARG A 960 42.60 0.87 46.64
N GLN A 961 42.51 -0.39 46.24
CA GLN A 961 43.71 -1.16 45.81
C GLN A 961 44.37 -0.44 44.64
N PHE A 962 43.60 -0.15 43.60
CA PHE A 962 44.16 0.35 42.33
C PHE A 962 44.72 1.75 42.51
N GLN A 963 44.03 2.56 43.31
CA GLN A 963 44.39 3.99 43.47
C GLN A 963 45.56 4.10 44.46
N ARG A 964 45.66 3.17 45.40
CA ARG A 964 46.86 3.03 46.23
C ARG A 964 48.05 2.69 45.32
N SER A 965 47.82 1.78 44.37
CA SER A 965 48.87 1.37 43.42
C SER A 965 49.36 2.60 42.65
N LEU A 966 48.42 3.40 42.15
CA LEU A 966 48.78 4.60 41.38
C LEU A 966 49.46 5.62 42.30
N LEU A 967 49.05 5.69 43.57
CA LEU A 967 49.63 6.68 44.52
C LEU A 967 51.11 6.35 44.72
N ASN A 968 51.42 5.09 45.02
CA ASN A 968 52.83 4.69 45.26
C ASN A 968 53.60 4.75 43.93
N LEU A 969 52.94 4.57 42.80
CA LEU A 969 53.59 4.73 41.49
C LEU A 969 53.97 6.19 41.28
N LEU A 970 53.13 7.10 41.74
CA LEU A 970 53.35 8.55 41.52
C LEU A 970 54.45 9.07 42.46
N SER A 971 54.27 8.89 43.77
CA SER A 971 55.15 9.52 44.78
C SER A 971 56.54 8.88 44.80
N SER A 972 56.76 7.77 44.09
CA SER A 972 58.10 7.16 43.87
C SER A 972 59.02 8.14 43.13
N GLN A 973 58.47 8.96 42.24
CA GLN A 973 59.22 9.97 41.46
C GLN A 973 60.29 9.27 40.61
N GLU A 974 59.81 8.45 39.68
CA GLU A 974 60.68 7.67 38.76
C GLU A 974 60.91 8.52 37.51
N GLU A 975 62.15 8.63 37.06
CA GLU A 975 62.49 9.46 35.88
C GLU A 975 62.18 8.71 34.58
N ASP A 976 62.37 7.39 34.55
CA ASP A 976 61.98 6.57 33.36
C ASP A 976 60.47 6.60 33.22
N PHE A 977 59.77 6.32 34.32
CA PHE A 977 58.33 6.52 34.43
C PHE A 977 57.54 5.76 33.37
N ASN A 978 57.31 4.48 33.63
CA ASN A 978 56.38 3.69 32.79
C ASN A 978 54.99 4.33 32.85
N SER A 979 54.67 5.06 31.79
CA SER A 979 53.37 5.74 31.62
C SER A 979 52.31 4.75 31.14
N LYS A 980 52.74 3.60 30.63
CA LYS A 980 51.81 2.58 30.14
C LYS A 980 51.01 2.04 31.32
N GLU A 981 51.69 1.72 32.41
CA GLU A 981 51.01 1.18 33.60
C GLU A 981 50.04 2.22 34.15
N ALA A 982 50.45 3.48 34.11
CA ALA A 982 49.62 4.57 34.61
C ALA A 982 48.38 4.71 33.72
N LEU A 983 48.57 4.65 32.41
CA LEU A 983 47.46 4.77 31.44
C LEU A 983 46.45 3.68 31.72
N LEU A 984 46.95 2.47 31.91
CA LEU A 984 46.06 1.30 32.14
C LEU A 984 45.35 1.45 33.48
N LEU A 985 46.01 2.06 34.45
CA LEU A 985 45.44 2.24 35.80
C LEU A 985 44.30 3.26 35.76
N VAL A 986 44.49 4.34 35.03
CA VAL A 986 43.42 5.35 34.94
C VAL A 986 42.30 4.80 34.07
N THR A 987 42.63 3.93 33.11
CA THR A 987 41.62 3.29 32.23
C THR A 987 40.76 2.34 33.05
N VAL A 988 41.36 1.51 33.86
CA VAL A 988 40.60 0.61 34.75
C VAL A 988 39.78 1.40 35.77
N LEU A 989 40.30 2.54 36.23
CA LEU A 989 39.57 3.38 37.21
C LEU A 989 38.41 4.10 36.53
N THR A 990 38.59 4.53 35.28
CA THR A 990 37.49 5.07 34.46
C THR A 990 36.43 3.99 34.24
N SER A 991 36.86 2.75 34.05
CA SER A 991 35.94 1.61 33.88
C SER A 991 35.20 1.34 35.18
N LEU A 992 35.89 1.40 36.28
CA LEU A 992 35.28 1.01 37.56
C LEU A 992 34.32 2.08 38.07
N SER A 993 34.66 3.34 37.85
CA SER A 993 33.91 4.45 38.46
C SER A 993 32.52 4.61 37.84
N LYS A 994 32.23 3.85 36.80
CA LYS A 994 30.89 3.86 36.21
C LYS A 994 29.95 2.94 36.98
N LEU A 995 30.43 2.28 38.03
CA LEU A 995 29.60 1.39 38.88
C LEU A 995 29.21 2.02 40.21
N LEU A 996 29.84 3.15 40.56
CA LEU A 996 29.53 3.91 41.79
C LEU A 996 28.33 4.80 41.51
N GLU A 997 27.30 4.70 42.36
CA GLU A 997 26.08 5.49 42.17
C GLU A 997 26.42 6.96 42.41
N PRO A 998 25.92 7.90 41.60
CA PRO A 998 26.38 9.28 41.67
C PRO A 998 26.00 10.09 42.93
N SER A 999 25.20 9.51 43.81
CA SER A 999 24.82 10.11 45.12
C SER A 999 25.56 9.48 46.30
N SER A 1000 26.26 8.35 46.11
CA SER A 1000 26.94 7.64 47.22
C SER A 1000 28.06 8.52 47.79
N PRO A 1001 28.44 8.35 49.07
CA PRO A 1001 29.67 8.98 49.57
C PRO A 1001 30.96 8.44 48.94
N GLN A 1002 30.94 7.21 48.42
CA GLN A 1002 32.14 6.62 47.78
C GLN A 1002 32.41 7.32 46.46
N PHE A 1003 31.36 7.75 45.78
CA PHE A 1003 31.47 8.64 44.61
C PHE A 1003 32.25 9.90 44.97
N VAL A 1004 31.90 10.50 46.10
CA VAL A 1004 32.50 11.80 46.52
C VAL A 1004 33.94 11.53 46.95
N GLN A 1005 34.20 10.37 47.56
CA GLN A 1005 35.57 9.98 47.96
C GLN A 1005 36.43 9.86 46.71
N MET A 1006 35.90 9.20 45.68
CA MET A 1006 36.64 8.98 44.42
C MET A 1006 36.87 10.32 43.74
N LEU A 1007 35.88 11.20 43.76
CA LEU A 1007 35.98 12.53 43.11
C LEU A 1007 37.01 13.39 43.84
N SER A 1008 37.00 13.35 45.17
CA SER A 1008 37.97 14.10 45.98
C SER A 1008 39.38 13.57 45.70
N TRP A 1009 39.52 12.24 45.60
CA TRP A 1009 40.83 11.62 45.37
C TRP A 1009 41.34 12.03 43.98
N THR A 1010 40.47 11.94 42.99
CA THR A 1010 40.84 12.28 41.60
C THR A 1010 41.32 13.72 41.55
N SER A 1011 40.55 14.61 42.18
CA SER A 1011 40.86 16.05 42.16
C SER A 1011 42.16 16.31 42.92
N LYS A 1012 42.43 15.57 43.99
CA LYS A 1012 43.66 15.73 44.79
C LYS A 1012 44.88 15.31 43.98
N ILE A 1013 44.78 14.19 43.27
CA ILE A 1013 45.87 13.73 42.36
C ILE A 1013 46.08 14.81 41.30
N CYS A 1014 44.97 15.38 40.82
CA CYS A 1014 45.01 16.47 39.83
C CYS A 1014 45.63 17.72 40.44
N LYS A 1015 45.54 17.90 41.75
CA LYS A 1015 46.02 19.12 42.44
C LYS A 1015 47.50 19.04 42.83
N GLU A 1016 48.13 17.86 42.81
CA GLU A 1016 49.51 17.65 43.34
C GLU A 1016 50.49 17.22 42.26
N ASN A 1017 50.20 16.13 41.56
CA ASN A 1017 51.21 15.32 40.83
C ASN A 1017 51.25 15.72 39.37
N SER A 1018 52.44 16.07 38.86
CA SER A 1018 52.63 16.75 37.55
C SER A 1018 52.57 15.75 36.39
N ARG A 1019 53.56 14.87 36.30
CA ARG A 1019 53.59 13.77 35.32
C ARG A 1019 53.38 14.29 33.89
N GLU A 1020 54.47 14.78 33.31
CA GLU A 1020 54.47 15.39 31.98
C GLU A 1020 54.42 14.29 30.90
N ASP A 1021 53.21 13.81 30.62
CA ASP A 1021 52.92 12.92 29.48
C ASP A 1021 51.46 13.07 29.07
N ALA A 1022 51.24 13.52 27.85
CA ALA A 1022 49.97 14.11 27.41
C ALA A 1022 48.82 13.12 27.60
N LEU A 1023 49.06 11.85 27.29
CA LEU A 1023 47.98 10.86 27.29
C LEU A 1023 47.49 10.63 28.71
N PHE A 1024 48.42 10.60 29.67
CA PHE A 1024 48.08 10.35 31.08
C PHE A 1024 47.22 11.50 31.61
N CYS A 1025 47.66 12.72 31.36
CA CYS A 1025 46.92 13.92 31.81
C CYS A 1025 45.54 13.93 31.17
N LYS A 1026 45.46 13.60 29.88
CA LYS A 1026 44.20 13.68 29.12
C LYS A 1026 43.21 12.67 29.70
N SER A 1027 43.65 11.44 29.91
CA SER A 1027 42.76 10.38 30.44
C SER A 1027 42.35 10.70 31.88
N LEU A 1028 43.25 11.30 32.65
CA LEU A 1028 42.99 11.60 34.07
C LEU A 1028 42.00 12.76 34.18
N MET A 1029 42.16 13.78 33.35
CA MET A 1029 41.21 14.89 33.31
C MET A 1029 39.86 14.39 32.83
N ASN A 1030 39.85 13.44 31.90
CA ASN A 1030 38.58 12.87 31.39
C ASN A 1030 37.89 12.09 32.49
N LEU A 1031 38.65 11.37 33.31
CA LEU A 1031 38.07 10.67 34.47
C LEU A 1031 37.43 11.69 35.41
N LEU A 1032 38.17 12.74 35.69
CA LEU A 1032 37.71 13.78 36.64
C LEU A 1032 36.41 14.38 36.11
N PHE A 1033 36.41 14.78 34.84
CA PHE A 1033 35.22 15.44 34.24
C PHE A 1033 34.05 14.48 34.27
N SER A 1034 34.30 13.22 33.92
CA SER A 1034 33.25 12.20 33.82
C SER A 1034 32.58 12.05 35.15
N LEU A 1035 33.38 12.14 36.20
CA LEU A 1035 32.83 11.99 37.56
C LEU A 1035 32.04 13.24 37.91
N HIS A 1036 32.63 14.40 37.63
CA HIS A 1036 32.18 15.69 38.16
C HIS A 1036 30.80 15.98 37.61
N VAL A 1037 30.61 15.74 36.30
CA VAL A 1037 29.43 16.22 35.54
C VAL A 1037 28.21 15.41 35.94
N SER A 1038 28.39 14.21 36.48
CA SER A 1038 27.29 13.45 37.09
C SER A 1038 27.00 13.86 38.54
N TYR A 1039 27.73 14.85 39.10
CA TYR A 1039 27.59 15.32 40.50
C TYR A 1039 27.10 16.76 40.51
N LYS A 1040 27.87 17.66 39.91
CA LYS A 1040 27.49 19.09 39.71
C LYS A 1040 28.03 19.57 38.35
N SER A 1041 27.58 20.72 37.92
CA SER A 1041 28.06 21.39 36.72
C SER A 1041 29.56 21.72 36.85
N PRO A 1042 30.35 21.51 35.79
CA PRO A 1042 31.79 21.61 35.88
C PRO A 1042 32.33 23.03 35.76
N VAL A 1043 31.45 24.02 35.74
CA VAL A 1043 31.81 25.38 35.26
C VAL A 1043 32.88 25.98 36.15
N ILE A 1044 32.87 25.61 37.42
CA ILE A 1044 33.93 26.08 38.32
C ILE A 1044 35.25 25.45 37.88
N LEU A 1045 35.22 24.16 37.59
CA LEU A 1045 36.44 23.40 37.20
C LEU A 1045 37.00 23.97 35.89
N LEU A 1046 36.11 24.32 34.97
CA LEU A 1046 36.53 24.91 33.69
C LEU A 1046 37.20 26.25 33.98
N ARG A 1047 36.63 27.03 34.91
CA ARG A 1047 37.19 28.36 35.25
C ARG A 1047 38.61 28.19 35.80
N ASP A 1048 38.77 27.30 36.77
CA ASP A 1048 40.08 27.12 37.43
C ASP A 1048 41.10 26.63 36.40
N LEU A 1049 40.70 25.68 35.57
CA LEU A 1049 41.65 25.11 34.57
C LEU A 1049 42.01 26.16 33.54
N SER A 1050 41.08 27.02 33.15
CA SER A 1050 41.38 28.13 32.23
C SER A 1050 42.36 29.09 32.89
N GLN A 1051 42.17 29.36 34.17
CA GLN A 1051 43.09 30.24 34.94
C GLN A 1051 44.50 29.65 34.91
N ASP A 1052 44.60 28.35 35.11
CA ASP A 1052 45.92 27.67 35.10
C ASP A 1052 46.53 27.74 33.72
N ILE A 1053 45.73 27.50 32.69
CA ILE A 1053 46.23 27.54 31.29
C ILE A 1053 46.73 28.95 31.01
N HIS A 1054 45.99 29.96 31.43
CA HIS A 1054 46.36 31.36 31.21
C HIS A 1054 47.68 31.68 31.94
N GLY A 1055 47.82 31.18 33.16
CA GLY A 1055 49.02 31.45 33.96
C GLY A 1055 50.25 30.79 33.38
N HIS A 1056 50.11 29.54 32.93
CA HIS A 1056 51.24 28.74 32.39
C HIS A 1056 51.62 29.24 31.00
N LEU A 1057 50.66 29.28 30.09
CA LEU A 1057 50.92 29.57 28.66
C LEU A 1057 51.28 31.03 28.50
N GLY A 1058 50.54 31.89 29.21
CA GLY A 1058 50.68 33.35 29.16
C GLY A 1058 49.57 33.97 28.34
N ASP A 1059 49.79 35.24 28.00
CA ASP A 1059 48.76 36.14 27.44
C ASP A 1059 49.09 36.47 25.99
N ILE A 1060 48.15 37.12 25.32
CA ILE A 1060 48.29 37.59 23.92
C ILE A 1060 49.12 38.88 23.89
N ASP A 1061 49.03 39.72 24.93
CA ASP A 1061 49.68 41.05 24.99
C ASP A 1061 51.13 40.95 25.50
N GLN A 1062 51.57 39.76 25.93
CA GLN A 1062 52.95 39.43 26.37
C GLN A 1062 53.46 40.40 27.46
N ASP A 1063 52.55 40.99 28.24
CA ASP A 1063 52.88 41.90 29.37
C ASP A 1063 51.91 41.65 30.53
N VAL A 1064 51.51 40.39 30.73
CA VAL A 1064 50.67 39.98 31.90
C VAL A 1064 51.38 38.84 32.61
N GLU A 1065 51.89 39.11 33.81
CA GLU A 1065 52.63 38.14 34.64
C GLU A 1065 51.65 37.57 35.66
N VAL A 1066 51.02 36.46 35.29
CA VAL A 1066 49.95 35.81 36.10
C VAL A 1066 50.35 34.35 36.29
N GLU A 1067 50.35 33.87 37.54
CA GLU A 1067 50.66 32.46 37.86
C GLU A 1067 49.73 31.98 38.95
N LYS A 1068 48.87 31.01 38.65
CA LYS A 1068 47.86 30.46 39.59
C LYS A 1068 47.98 28.94 39.63
N THR A 1069 49.20 28.48 39.88
CA THR A 1069 49.55 27.04 39.79
C THR A 1069 48.89 26.25 40.92
N ASN A 1070 48.50 26.92 42.00
CA ASN A 1070 47.88 26.28 43.16
C ASN A 1070 46.63 25.47 42.78
N HIS A 1071 45.96 25.85 41.71
CA HIS A 1071 44.62 25.30 41.43
C HIS A 1071 44.72 23.83 41.06
N PHE A 1072 45.42 23.53 39.97
CA PHE A 1072 45.51 22.19 39.37
C PHE A 1072 46.95 21.96 38.87
N ALA A 1073 47.61 20.97 39.46
CA ALA A 1073 49.05 20.70 39.25
C ALA A 1073 49.33 20.23 37.81
N ILE A 1074 48.37 19.51 37.19
CA ILE A 1074 48.54 18.86 35.86
C ILE A 1074 48.26 19.88 34.78
N VAL A 1075 49.11 20.90 34.75
CA VAL A 1075 49.07 21.99 33.75
C VAL A 1075 50.54 22.32 33.49
N ASN A 1076 51.02 21.99 32.30
CA ASN A 1076 52.45 22.12 31.94
C ASN A 1076 52.57 22.81 30.59
N LEU A 1077 53.77 23.27 30.29
CA LEU A 1077 54.04 23.96 29.01
C LEU A 1077 53.92 22.97 27.85
N ARG A 1078 54.26 21.71 28.12
CA ARG A 1078 54.22 20.62 27.11
C ARG A 1078 52.89 19.84 27.16
N THR A 1079 52.09 20.02 28.22
CA THR A 1079 50.80 19.30 28.42
C THR A 1079 49.62 20.18 28.00
N ALA A 1080 49.54 21.39 28.57
CA ALA A 1080 48.35 22.27 28.51
C ALA A 1080 48.15 22.86 27.12
N ALA A 1081 49.19 22.93 26.29
CA ALA A 1081 49.12 23.62 24.99
C ALA A 1081 48.39 22.77 23.95
N PRO A 1082 48.81 21.52 23.63
CA PRO A 1082 48.13 20.76 22.56
C PRO A 1082 46.81 20.08 22.95
N THR A 1083 46.69 19.56 24.18
CA THR A 1083 45.79 18.45 24.56
C THR A 1083 44.67 18.88 25.51
N VAL A 1084 44.98 19.69 26.51
CA VAL A 1084 44.03 19.99 27.61
C VAL A 1084 42.97 20.98 27.11
N CYS A 1085 43.39 21.93 26.28
CA CYS A 1085 42.51 22.93 25.64
C CYS A 1085 41.35 22.24 24.94
N LEU A 1086 41.62 21.19 24.17
CA LEU A 1086 40.57 20.48 23.40
C LEU A 1086 39.55 19.88 24.36
N LEU A 1087 40.04 19.33 25.47
CA LEU A 1087 39.16 18.64 26.45
C LEU A 1087 38.23 19.65 27.14
N VAL A 1088 38.81 20.76 27.58
CA VAL A 1088 38.03 21.82 28.27
C VAL A 1088 37.05 22.45 27.27
N LEU A 1089 37.46 22.59 26.02
CA LEU A 1089 36.58 23.18 24.98
C LEU A 1089 35.44 22.21 24.69
N SER A 1090 35.74 20.91 24.71
CA SER A 1090 34.73 19.90 24.39
C SER A 1090 33.67 19.92 25.48
N GLN A 1091 34.10 19.98 26.73
CA GLN A 1091 33.12 19.96 27.85
C GLN A 1091 32.29 21.24 27.78
N ALA A 1092 32.90 22.36 27.41
CA ALA A 1092 32.19 23.65 27.31
C ALA A 1092 31.15 23.56 26.19
N GLU A 1093 31.50 22.91 25.07
CA GLU A 1093 30.55 22.63 23.96
C GLU A 1093 29.36 21.82 24.48
N LYS A 1094 29.61 20.81 25.31
CA LYS A 1094 28.53 20.02 25.92
C LYS A 1094 27.63 20.88 26.81
N VAL A 1095 28.22 21.78 27.61
CA VAL A 1095 27.42 22.68 28.49
C VAL A 1095 26.58 23.63 27.64
N LEU A 1096 27.16 24.13 26.56
CA LEU A 1096 26.44 25.02 25.65
C LEU A 1096 25.28 24.27 25.03
N GLU A 1097 25.49 23.01 24.69
CA GLU A 1097 24.44 22.17 24.08
C GLU A 1097 23.31 21.99 25.08
N GLU A 1098 23.64 21.79 26.34
CA GLU A 1098 22.59 21.57 27.35
C GLU A 1098 21.72 22.81 27.53
N VAL A 1099 22.32 23.97 27.57
CA VAL A 1099 21.54 25.23 27.75
C VAL A 1099 20.79 25.56 26.48
N ASP A 1100 21.33 25.22 25.31
CA ASP A 1100 20.61 25.36 24.03
C ASP A 1100 19.30 24.56 24.11
N TRP A 1101 19.42 23.31 24.53
CA TRP A 1101 18.27 22.42 24.75
C TRP A 1101 17.26 23.04 25.71
N LEU A 1102 17.74 23.66 26.80
CA LEU A 1102 16.85 24.34 27.77
C LEU A 1102 16.12 25.48 27.08
N ILE A 1103 16.84 26.26 26.30
CA ILE A 1103 16.27 27.49 25.68
C ILE A 1103 15.18 27.07 24.73
N THR A 1104 15.45 26.05 23.92
CA THR A 1104 14.49 25.59 22.90
C THR A 1104 13.24 25.04 23.56
N LYS A 1105 13.38 24.31 24.66
CA LYS A 1105 12.19 23.78 25.33
C LYS A 1105 11.42 24.90 26.04
N LEU A 1106 12.10 25.96 26.45
CA LEU A 1106 11.44 27.14 27.07
C LEU A 1106 10.68 28.00 26.04
N LYS A 1107 11.22 28.10 24.82
CA LYS A 1107 10.53 28.79 23.70
C LYS A 1107 9.20 28.11 23.39
N GLY A 1108 9.22 26.79 23.25
CA GLY A 1108 8.02 26.02 22.93
C GLY A 1108 7.01 25.99 24.06
N GLN A 1109 7.41 26.33 25.29
CA GLN A 1109 6.50 26.35 26.46
C GLN A 1109 5.43 27.43 26.27
N VAL A 1110 5.81 28.59 25.73
CA VAL A 1110 4.90 29.76 25.50
C VAL A 1110 4.62 29.87 24.00
N PRO A 1126 10.25 25.99 37.16
CA PRO A 1126 10.06 25.56 35.77
C PRO A 1126 10.18 26.70 34.73
N ASN A 1127 10.04 27.95 35.17
CA ASN A 1127 10.28 29.15 34.34
C ASN A 1127 11.39 30.01 34.96
N GLN A 1128 11.19 30.48 36.19
CA GLN A 1128 12.08 31.49 36.80
C GLN A 1128 13.40 30.88 37.24
N PRO A 1129 13.42 29.81 38.09
CA PRO A 1129 14.71 29.24 38.51
C PRO A 1129 15.48 28.65 37.33
N VAL A 1130 14.77 28.22 36.29
CA VAL A 1130 15.40 27.69 35.06
C VAL A 1130 16.27 28.79 34.46
N GLU A 1131 15.69 29.95 34.19
CA GLU A 1131 16.45 31.04 33.55
C GLU A 1131 17.54 31.57 34.50
N LYS A 1132 17.30 31.49 35.81
CA LYS A 1132 18.35 31.90 36.78
C LYS A 1132 19.55 30.96 36.66
N ALA A 1133 19.30 29.67 36.58
CA ALA A 1133 20.39 28.68 36.45
C ALA A 1133 21.08 28.86 35.10
N ILE A 1134 20.31 29.16 34.06
CA ILE A 1134 20.87 29.30 32.69
C ILE A 1134 21.84 30.48 32.69
N ILE A 1135 21.41 31.62 33.22
CA ILE A 1135 22.25 32.84 33.20
C ILE A 1135 23.42 32.66 34.16
N MET A 1136 23.26 31.85 35.21
CA MET A 1136 24.39 31.55 36.13
C MET A 1136 25.47 30.77 35.39
N GLN A 1137 25.08 29.71 34.69
CA GLN A 1137 26.03 28.88 33.90
C GLN A 1137 26.69 29.75 32.84
N LEU A 1138 25.90 30.61 32.21
CA LEU A 1138 26.44 31.45 31.12
C LEU A 1138 27.41 32.48 31.69
N GLY A 1139 27.13 33.01 32.88
CA GLY A 1139 28.04 33.97 33.51
C GLY A 1139 29.36 33.32 33.86
N THR A 1140 29.30 32.12 34.43
CA THR A 1140 30.52 31.41 34.84
C THR A 1140 31.33 31.06 33.59
N LEU A 1141 30.64 30.59 32.57
CA LEU A 1141 31.31 30.24 31.30
C LEU A 1141 31.89 31.50 30.69
N LEU A 1142 31.24 32.63 30.89
CA LEU A 1142 31.75 33.90 30.34
C LEU A 1142 33.08 34.25 31.01
N THR A 1143 33.19 34.06 32.32
CA THR A 1143 34.46 34.29 33.05
C THR A 1143 35.51 33.29 32.56
N PHE A 1144 35.10 32.04 32.37
CA PHE A 1144 35.96 30.97 31.83
C PHE A 1144 36.56 31.41 30.49
N PHE A 1145 35.66 31.79 29.58
CA PHE A 1145 36.05 32.23 28.23
C PHE A 1145 36.89 33.50 28.35
N HIS A 1146 36.53 34.39 29.28
CA HIS A 1146 37.29 35.64 29.53
C HIS A 1146 38.74 35.28 29.82
N GLU A 1147 38.93 34.25 30.63
CA GLU A 1147 40.29 33.83 31.02
C GLU A 1147 41.02 33.24 29.80
N LEU A 1148 40.30 32.51 28.94
CA LEU A 1148 40.93 31.70 27.86
C LEU A 1148 41.23 32.56 26.64
N VAL A 1149 40.37 33.52 26.34
CA VAL A 1149 40.47 34.34 25.11
C VAL A 1149 41.75 35.17 25.17
N GLN A 1150 42.17 35.58 26.37
CA GLN A 1150 43.39 36.41 26.58
C GLN A 1150 44.67 35.57 26.43
N THR A 1151 44.57 34.24 26.35
CA THR A 1151 45.74 33.34 26.32
C THR A 1151 46.27 33.22 24.89
N ALA A 1152 47.50 32.75 24.75
CA ALA A 1152 48.14 32.41 23.45
C ALA A 1152 48.19 30.89 23.28
N LEU A 1153 47.28 30.35 22.46
CA LEU A 1153 47.25 28.90 22.12
C LEU A 1153 48.09 28.67 20.87
N PRO A 1154 48.60 27.44 20.65
CA PRO A 1154 49.15 27.05 19.35
C PRO A 1154 48.07 27.00 18.26
N SER A 1155 48.51 27.15 17.01
CA SER A 1155 47.63 27.36 15.83
C SER A 1155 47.17 26.03 15.22
N GLY A 1156 47.10 24.95 15.99
CA GLY A 1156 46.59 23.65 15.53
C GLY A 1156 45.08 23.61 15.51
N SER A 1157 44.50 22.50 15.96
CA SER A 1157 43.02 22.32 16.08
C SER A 1157 42.46 23.20 17.19
N CYS A 1158 43.28 23.65 18.12
CA CYS A 1158 42.86 24.31 19.38
C CYS A 1158 42.14 25.62 19.02
N VAL A 1159 42.76 26.42 18.16
CA VAL A 1159 42.28 27.78 17.87
C VAL A 1159 40.97 27.72 17.10
N ASP A 1160 40.88 26.87 16.08
CA ASP A 1160 39.63 26.77 15.29
C ASP A 1160 38.54 26.13 16.15
N THR A 1161 38.91 25.23 17.07
CA THR A 1161 37.95 24.67 18.03
C THR A 1161 37.41 25.79 18.92
N LEU A 1162 38.30 26.68 19.36
CA LEU A 1162 37.90 27.84 20.20
C LEU A 1162 36.93 28.74 19.42
N LEU A 1163 37.21 28.97 18.14
CA LEU A 1163 36.32 29.82 17.33
C LEU A 1163 34.97 29.14 17.17
N LYS A 1164 34.95 27.84 16.92
CA LYS A 1164 33.68 27.11 16.71
C LYS A 1164 32.85 27.19 18.00
N ASP A 1165 33.49 26.96 19.14
CA ASP A 1165 32.78 26.97 20.44
C ASP A 1165 32.33 28.39 20.77
N LEU A 1166 33.11 29.40 20.41
CA LEU A 1166 32.71 30.81 20.63
C LEU A 1166 31.53 31.16 19.73
N CYS A 1167 31.51 30.66 18.50
CA CYS A 1167 30.34 30.85 17.60
C CYS A 1167 29.11 30.21 18.26
N LYS A 1168 29.28 29.04 18.86
CA LYS A 1168 28.18 28.35 19.57
C LYS A 1168 27.75 29.18 20.78
N MET A 1169 28.70 29.80 21.46
CA MET A 1169 28.45 30.67 22.63
C MET A 1169 27.57 31.85 22.22
N TYR A 1170 28.00 32.53 21.18
CA TYR A 1170 27.26 33.70 20.69
C TYR A 1170 25.91 33.28 20.14
N THR A 1171 25.83 32.09 19.55
CA THR A 1171 24.55 31.58 19.04
C THR A 1171 23.59 31.36 20.20
N THR A 1172 24.09 30.80 21.31
CA THR A 1172 23.26 30.58 22.51
C THR A 1172 22.81 31.93 23.08
N LEU A 1173 23.71 32.91 23.09
CA LEU A 1173 23.35 34.28 23.55
C LEU A 1173 22.26 34.85 22.65
N THR A 1174 22.42 34.67 21.33
CA THR A 1174 21.46 35.18 20.34
C THR A 1174 20.09 34.56 20.59
N ALA A 1175 20.07 33.24 20.82
CA ALA A 1175 18.82 32.50 21.06
C ALA A 1175 18.19 32.97 22.37
N LEU A 1176 19.00 33.31 23.36
CA LEU A 1176 18.47 33.76 24.66
C LEU A 1176 17.79 35.10 24.48
N VAL A 1177 18.46 36.05 23.83
CA VAL A 1177 17.86 37.40 23.63
C VAL A 1177 16.68 37.29 22.66
N ARG A 1178 16.68 36.31 21.78
CA ARG A 1178 15.53 36.04 20.89
C ARG A 1178 14.34 35.58 21.72
N TYR A 1179 14.54 34.67 22.66
CA TYR A 1179 13.46 34.25 23.58
C TYR A 1179 12.96 35.45 24.38
N TYR A 1180 13.88 36.32 24.80
CA TYR A 1180 13.54 37.57 25.52
C TYR A 1180 12.72 38.49 24.62
N LEU A 1181 13.04 38.51 23.32
CA LEU A 1181 12.25 39.26 22.31
C LEU A 1181 10.85 38.65 22.22
N GLN A 1182 10.74 37.33 22.32
CA GLN A 1182 9.44 36.64 22.24
C GLN A 1182 8.59 37.02 23.46
N VAL A 1183 9.20 37.09 24.63
CA VAL A 1183 8.45 37.11 25.92
C VAL A 1183 8.18 38.54 26.37
N CYS A 1184 8.99 39.52 25.96
CA CYS A 1184 9.00 40.88 26.56
C CYS A 1184 7.69 41.64 26.28
N GLN A 1185 6.89 41.23 25.30
CA GLN A 1185 5.58 41.84 25.00
C GLN A 1185 4.54 41.42 26.04
N SER A 1186 4.53 40.14 26.43
CA SER A 1186 3.52 39.55 27.34
C SER A 1186 3.72 40.09 28.76
N SER A 1187 4.91 39.87 29.32
CA SER A 1187 5.27 40.29 30.69
C SER A 1187 5.56 41.81 30.72
N GLY A 1188 6.62 42.23 30.03
CA GLY A 1188 7.05 43.64 30.01
C GLY A 1188 8.12 43.87 31.06
N GLY A 1189 9.38 43.86 30.63
CA GLY A 1189 10.55 44.10 31.50
C GLY A 1189 11.55 42.98 31.35
N ILE A 1190 12.80 43.27 31.66
CA ILE A 1190 13.93 42.31 31.65
C ILE A 1190 14.21 41.98 33.12
N PRO A 1191 14.38 40.70 33.51
CA PRO A 1191 14.85 40.39 34.86
C PRO A 1191 16.28 40.89 35.08
N LYS A 1192 16.58 41.37 36.29
CA LYS A 1192 17.80 42.15 36.57
C LYS A 1192 19.05 41.31 36.33
N ASN A 1193 18.96 40.00 36.59
CA ASN A 1193 20.10 39.10 36.38
C ASN A 1193 20.47 39.07 34.90
N MET A 1194 19.47 39.09 34.02
CA MET A 1194 19.73 39.16 32.58
C MET A 1194 20.41 40.49 32.26
N GLU A 1195 20.01 41.57 32.93
CA GLU A 1195 20.59 42.91 32.66
C GLU A 1195 22.07 42.89 33.03
N LYS A 1196 22.39 42.33 34.20
CA LYS A 1196 23.80 42.21 34.62
C LYS A 1196 24.54 41.29 33.63
N LEU A 1197 23.91 40.22 33.16
CA LEU A 1197 24.59 39.26 32.25
C LEU A 1197 24.94 39.96 30.94
N VAL A 1198 24.00 40.70 30.38
CA VAL A 1198 24.24 41.39 29.08
C VAL A 1198 25.20 42.56 29.30
N LYS A 1199 25.11 43.21 30.46
CA LYS A 1199 26.09 44.26 30.82
C LYS A 1199 27.48 43.63 30.89
N LEU A 1200 27.58 42.47 31.52
CA LEU A 1200 28.88 41.78 31.70
C LEU A 1200 29.43 41.37 30.33
N SER A 1201 28.54 40.96 29.42
CA SER A 1201 28.97 40.57 28.07
C SER A 1201 29.45 41.81 27.33
N GLY A 1202 28.74 42.92 27.48
CA GLY A 1202 29.09 44.19 26.84
C GLY A 1202 30.40 44.75 27.38
N SER A 1203 30.59 44.74 28.69
CA SER A 1203 31.77 45.38 29.32
C SER A 1203 32.97 44.43 29.23
N HIS A 1204 32.81 43.20 29.70
CA HIS A 1204 33.94 42.23 29.83
C HIS A 1204 34.14 41.47 28.53
N LEU A 1205 33.09 40.93 27.91
CA LEU A 1205 33.28 39.96 26.81
C LEU A 1205 33.59 40.70 25.50
N THR A 1206 32.65 41.52 25.03
CA THR A 1206 32.65 42.00 23.63
C THR A 1206 33.88 42.86 23.30
N PRO A 1207 34.39 43.76 24.19
CA PRO A 1207 35.59 44.53 23.85
C PRO A 1207 36.81 43.62 23.68
N LEU A 1208 36.94 42.66 24.58
CA LEU A 1208 38.06 41.71 24.52
C LEU A 1208 37.86 40.78 23.34
N CYS A 1209 36.60 40.52 22.96
CA CYS A 1209 36.29 39.77 21.73
C CYS A 1209 36.79 40.52 20.51
N TYR A 1210 36.57 41.84 20.46
CA TYR A 1210 37.10 42.69 19.37
C TYR A 1210 38.63 42.60 19.38
N SER A 1211 39.24 42.70 20.55
CA SER A 1211 40.71 42.60 20.70
C SER A 1211 41.16 41.22 20.23
N PHE A 1212 40.35 40.20 20.54
CA PHE A 1212 40.62 38.82 20.13
C PHE A 1212 40.45 38.66 18.62
N ILE A 1213 39.48 39.35 18.02
CA ILE A 1213 39.31 39.31 16.55
C ILE A 1213 40.61 39.85 15.92
N SER A 1214 41.13 40.96 16.44
CA SER A 1214 42.40 41.52 15.91
C SER A 1214 43.52 40.50 16.12
N TYR A 1215 43.53 39.87 17.30
CA TYR A 1215 44.60 38.91 17.68
C TYR A 1215 44.54 37.66 16.81
N VAL A 1216 43.33 37.11 16.62
CA VAL A 1216 43.15 35.85 15.86
C VAL A 1216 43.36 36.11 14.37
N GLN A 1217 43.01 37.30 13.89
CA GLN A 1217 43.12 37.62 12.46
C GLN A 1217 44.61 37.81 12.11
N ASN A 1218 45.36 38.47 13.00
CA ASN A 1218 46.76 38.83 12.69
C ASN A 1218 47.64 37.59 12.67
N LYS A 1219 47.38 36.64 13.57
CA LYS A 1219 48.16 35.39 13.68
C LYS A 1219 47.83 34.51 12.46
N SER A 1220 48.86 34.18 11.68
CA SER A 1220 48.71 33.34 10.45
C SER A 1220 49.98 32.52 10.20
N THR A 1247 39.64 29.61 7.38
CA THR A 1247 39.12 30.85 6.74
C THR A 1247 37.65 31.12 7.07
N LYS A 1248 36.86 30.08 7.39
CA LYS A 1248 35.39 30.14 7.61
C LYS A 1248 35.04 30.61 9.02
N PRO A 1249 35.70 30.13 10.11
CA PRO A 1249 35.23 30.47 11.45
C PRO A 1249 35.23 31.96 11.80
N ILE A 1250 36.17 32.73 11.25
CA ILE A 1250 36.30 34.16 11.62
C ILE A 1250 35.13 34.91 10.99
N PRO A 1251 34.78 34.68 9.70
CA PRO A 1251 33.50 35.15 9.17
C PRO A 1251 32.29 34.70 9.99
N ASN A 1252 32.28 33.45 10.45
CA ASN A 1252 31.18 32.94 11.32
C ASN A 1252 31.09 33.79 12.59
N LEU A 1253 32.25 34.08 13.19
CA LEU A 1253 32.29 34.79 14.49
C LEU A 1253 31.82 36.23 14.31
N ILE A 1254 32.30 36.92 13.28
CA ILE A 1254 31.94 38.34 13.07
C ILE A 1254 30.46 38.42 12.71
N PHE A 1255 29.97 37.45 11.95
CA PHE A 1255 28.53 37.41 11.61
C PHE A 1255 27.72 37.16 12.89
N ALA A 1256 28.19 36.27 13.75
CA ALA A 1256 27.50 35.92 15.00
C ALA A 1256 27.44 37.14 15.93
N ILE A 1257 28.56 37.83 16.10
CA ILE A 1257 28.62 38.97 17.05
C ILE A 1257 27.77 40.12 16.51
N GLU A 1258 27.82 40.38 15.19
CA GLU A 1258 27.05 41.52 14.64
C GLU A 1258 25.56 41.17 14.70
N GLN A 1259 25.22 39.89 14.49
CA GLN A 1259 23.81 39.44 14.61
C GLN A 1259 23.36 39.57 16.07
N TYR A 1260 24.24 39.26 17.01
CA TYR A 1260 23.96 39.43 18.45
C TYR A 1260 23.63 40.91 18.72
N GLU A 1261 24.44 41.82 18.20
CA GLU A 1261 24.25 43.27 18.42
C GLU A 1261 22.94 43.70 17.76
N LYS A 1262 22.64 43.15 16.59
CA LYS A 1262 21.41 43.50 15.83
C LYS A 1262 20.18 43.04 16.62
N PHE A 1263 20.18 41.81 17.10
CA PHE A 1263 19.07 41.29 17.93
C PHE A 1263 18.96 42.09 19.22
N LEU A 1264 20.07 42.59 19.74
CA LEU A 1264 20.03 43.44 20.95
C LEU A 1264 19.38 44.79 20.60
N ILE A 1265 19.64 45.31 19.39
CA ILE A 1265 18.96 46.54 18.89
C ILE A 1265 17.45 46.26 18.89
N HIS A 1266 17.06 45.15 18.28
CA HIS A 1266 15.62 44.80 18.16
C HIS A 1266 15.02 44.66 19.55
N LEU A 1267 15.75 44.08 20.51
CA LEU A 1267 15.25 43.89 21.88
C LEU A 1267 15.09 45.25 22.57
N SER A 1268 16.11 46.10 22.46
CA SER A 1268 16.09 47.43 23.14
C SER A 1268 14.95 48.28 22.57
N LYS A 1269 14.62 48.08 21.30
CA LYS A 1269 13.42 48.69 20.69
C LYS A 1269 12.16 48.01 21.25
N LYS A 1270 12.11 46.67 21.23
CA LYS A 1270 10.92 45.84 21.55
C LYS A 1270 10.79 45.53 23.05
N SER A 1271 11.56 46.18 23.93
CA SER A 1271 11.49 45.93 25.38
C SER A 1271 11.15 47.18 26.20
N LYS A 1272 11.16 48.37 25.59
CA LYS A 1272 10.89 49.67 26.27
C LYS A 1272 11.87 49.86 27.43
N VAL A 1273 13.09 49.34 27.26
CA VAL A 1273 14.21 49.49 28.22
C VAL A 1273 15.48 49.66 27.39
N SER A 1274 16.35 50.56 27.84
CA SER A 1274 17.60 50.91 27.13
C SER A 1274 18.71 49.96 27.60
N LEU A 1275 19.03 48.95 26.79
CA LEU A 1275 20.20 48.06 26.99
C LEU A 1275 21.42 48.56 26.19
N MET A 1276 21.27 49.67 25.45
CA MET A 1276 22.35 50.28 24.64
C MET A 1276 23.10 51.39 25.40
N GLN A 1277 22.60 51.83 26.55
CA GLN A 1277 23.40 52.66 27.49
C GLN A 1277 24.53 51.80 28.11
N HIS A 1278 24.32 50.48 28.25
CA HIS A 1278 25.40 49.52 28.61
C HIS A 1278 26.38 49.37 27.43
N MET A 1279 25.85 49.29 26.20
CA MET A 1279 26.65 49.14 24.96
C MET A 1279 27.27 50.48 24.54
N LYS A 1280 28.24 50.43 23.64
CA LYS A 1280 28.96 51.62 23.09
C LYS A 1280 28.65 51.76 21.60
N ASP B 45 25.49 -76.03 14.34
CA ASP B 45 26.23 -77.12 13.62
C ASP B 45 26.73 -76.65 12.24
N SER B 46 26.00 -75.76 11.55
CA SER B 46 26.45 -75.14 10.29
C SER B 46 27.68 -74.27 10.54
N ILE B 47 28.53 -74.12 9.53
CA ILE B 47 29.79 -73.32 9.60
C ILE B 47 29.46 -71.90 10.02
N PHE B 48 28.34 -71.37 9.52
CA PHE B 48 27.92 -69.97 9.75
C PHE B 48 27.77 -69.71 11.25
N VAL B 49 26.92 -70.51 11.91
CA VAL B 49 26.61 -70.27 13.34
C VAL B 49 27.86 -70.52 14.19
N LYS B 50 28.68 -71.50 13.83
CA LYS B 50 29.91 -71.80 14.60
C LYS B 50 30.89 -70.65 14.49
N LEU B 51 31.11 -70.14 13.28
CA LEU B 51 32.05 -69.03 13.06
C LEU B 51 31.53 -67.77 13.75
N LEU B 52 30.22 -67.57 13.77
CA LEU B 52 29.64 -66.39 14.45
C LEU B 52 29.74 -66.54 15.96
N LYS B 53 29.64 -67.76 16.48
CA LYS B 53 29.74 -68.01 17.94
C LYS B 53 31.18 -67.77 18.40
N ILE B 54 32.16 -68.27 17.66
CA ILE B 54 33.59 -68.09 18.03
C ILE B 54 34.03 -66.65 17.70
N SER B 55 33.29 -65.95 16.84
CA SER B 55 33.58 -64.53 16.50
C SER B 55 33.14 -63.62 17.64
N GLY B 56 31.98 -63.90 18.26
CA GLY B 56 31.53 -63.25 19.49
C GLY B 56 30.20 -62.52 19.37
N ILE B 57 29.24 -63.10 18.65
CA ILE B 57 27.84 -62.61 18.63
C ILE B 57 26.93 -63.75 19.08
N ILE B 58 26.15 -63.53 20.13
CA ILE B 58 25.11 -64.48 20.59
C ILE B 58 23.92 -64.34 19.65
N LEU B 59 23.54 -65.43 18.99
CA LEU B 59 22.39 -65.46 18.08
C LEU B 59 21.12 -65.68 18.90
N LYS B 60 20.24 -64.69 18.94
CA LYS B 60 18.93 -64.85 19.60
C LYS B 60 17.99 -65.64 18.68
N THR B 61 17.03 -66.34 19.28
CA THR B 61 16.08 -67.22 18.56
C THR B 61 15.09 -66.42 17.72
N GLY B 62 14.89 -65.13 18.00
CA GLY B 62 14.12 -64.21 17.15
C GLY B 62 12.88 -63.63 17.82
N GLU B 63 13.06 -62.89 18.91
CA GLU B 63 12.05 -61.94 19.44
C GLU B 63 12.74 -60.60 19.70
N SER B 64 13.65 -60.58 20.67
CA SER B 64 14.44 -59.39 21.08
C SER B 64 15.73 -59.38 20.28
N GLN B 65 16.55 -58.36 20.47
CA GLN B 65 17.73 -58.11 19.62
C GLN B 65 18.84 -59.12 19.96
N ASN B 66 19.75 -59.33 19.01
CA ASN B 66 20.93 -60.20 19.17
C ASN B 66 21.95 -59.50 20.06
N GLN B 67 22.60 -60.24 20.93
CA GLN B 67 23.56 -59.69 21.92
C GLN B 67 24.97 -59.70 21.31
N LEU B 68 25.83 -58.84 21.86
CA LEU B 68 27.26 -58.71 21.47
C LEU B 68 28.12 -58.94 22.72
N ALA B 69 29.13 -59.80 22.59
CA ALA B 69 30.14 -60.07 23.63
C ALA B 69 31.31 -59.08 23.52
N VAL B 70 31.77 -58.83 22.29
CA VAL B 70 32.96 -57.98 22.00
C VAL B 70 32.49 -56.67 21.38
N ASP B 71 33.43 -55.84 20.91
CA ASP B 71 33.13 -54.59 20.18
C ASP B 71 32.81 -54.90 18.71
N GLN B 72 32.54 -53.88 17.90
CA GLN B 72 32.13 -54.03 16.48
C GLN B 72 33.36 -54.32 15.62
N ILE B 73 34.38 -53.47 15.72
CA ILE B 73 35.59 -53.59 14.88
C ILE B 73 36.31 -54.88 15.26
N ALA B 74 36.34 -55.21 16.55
CA ALA B 74 36.96 -56.44 17.06
C ALA B 74 36.30 -57.66 16.41
N PHE B 75 34.97 -57.71 16.43
CA PHE B 75 34.20 -58.83 15.83
C PHE B 75 34.50 -58.92 14.34
N GLN B 76 34.52 -57.77 13.67
CA GLN B 76 34.69 -57.73 12.19
C GLN B 76 36.07 -58.27 11.81
N LYS B 77 37.11 -57.77 12.47
CA LYS B 77 38.49 -58.20 12.20
C LYS B 77 38.67 -59.66 12.62
N LYS B 78 37.98 -60.08 13.67
CA LYS B 78 38.02 -61.46 14.18
C LYS B 78 37.48 -62.41 13.11
N LEU B 79 36.30 -62.11 12.58
CA LEU B 79 35.69 -62.96 11.54
C LEU B 79 36.52 -62.89 10.26
N PHE B 80 37.13 -61.74 9.98
CA PHE B 80 37.96 -61.57 8.77
C PHE B 80 39.17 -62.50 8.84
N GLN B 81 39.94 -62.43 9.93
CA GLN B 81 41.15 -63.29 10.07
C GLN B 81 40.73 -64.76 10.21
N THR B 82 39.56 -65.02 10.79
CA THR B 82 39.04 -66.40 10.94
C THR B 82 38.79 -67.00 9.57
N LEU B 83 38.08 -66.28 8.71
CA LEU B 83 37.77 -66.77 7.34
C LEU B 83 39.04 -66.75 6.48
N ARG B 84 40.01 -65.92 6.82
CA ARG B 84 41.28 -65.84 6.05
C ARG B 84 42.10 -67.11 6.28
N ARG B 85 42.44 -67.37 7.54
CA ARG B 85 43.41 -68.43 7.91
C ARG B 85 42.75 -69.81 7.86
N HIS B 86 41.42 -69.90 7.77
CA HIS B 86 40.71 -71.19 7.69
C HIS B 86 41.04 -71.86 6.36
N PRO B 87 41.33 -73.18 6.32
CA PRO B 87 41.48 -73.87 5.04
C PRO B 87 40.18 -73.93 4.25
N SER B 88 40.29 -74.38 3.00
CA SER B 88 39.20 -74.45 2.00
C SER B 88 38.66 -73.05 1.72
N TYR B 89 39.56 -72.14 1.32
CA TYR B 89 39.34 -70.67 1.31
C TYR B 89 38.24 -70.22 0.33
N PRO B 90 38.21 -70.67 -0.95
CA PRO B 90 37.15 -70.23 -1.87
C PRO B 90 35.80 -70.94 -1.78
N LYS B 91 35.54 -71.77 -0.76
CA LYS B 91 34.26 -72.53 -0.59
C LYS B 91 33.59 -72.23 0.75
N ILE B 92 34.35 -71.81 1.76
CA ILE B 92 33.76 -71.46 3.09
C ILE B 92 32.83 -70.27 2.95
N ILE B 93 33.07 -69.38 1.97
CA ILE B 93 32.17 -68.23 1.71
C ILE B 93 30.81 -68.75 1.25
N GLU B 94 30.80 -69.67 0.29
CA GLU B 94 29.53 -70.19 -0.26
C GLU B 94 28.81 -71.01 0.80
N GLU B 95 29.56 -71.80 1.57
CA GLU B 95 28.99 -72.57 2.70
C GLU B 95 28.39 -71.60 3.73
N PHE B 96 29.09 -70.51 4.00
CA PHE B 96 28.67 -69.48 4.99
C PHE B 96 27.33 -68.89 4.56
N VAL B 97 27.24 -68.48 3.30
CA VAL B 97 26.03 -67.77 2.82
C VAL B 97 24.88 -68.78 2.62
N SER B 98 25.19 -70.05 2.31
CA SER B 98 24.15 -71.09 2.21
C SER B 98 23.55 -71.36 3.60
N GLY B 99 24.40 -71.47 4.62
CA GLY B 99 23.91 -71.53 6.02
C GLY B 99 23.12 -70.30 6.37
N LEU B 100 23.55 -69.13 5.90
CA LEU B 100 22.85 -67.85 6.18
C LEU B 100 21.46 -67.89 5.58
N GLU B 101 21.35 -68.20 4.29
CA GLU B 101 20.02 -68.17 3.62
C GLU B 101 19.11 -69.21 4.22
N SER B 102 19.63 -70.39 4.57
CA SER B 102 18.84 -71.44 5.25
C SER B 102 18.37 -70.96 6.62
N TYR B 103 19.18 -70.14 7.30
CA TYR B 103 18.82 -69.59 8.62
C TYR B 103 17.78 -68.48 8.50
N ILE B 104 17.91 -67.59 7.50
CA ILE B 104 17.06 -66.38 7.34
C ILE B 104 15.86 -66.69 6.43
N GLU B 105 15.55 -67.97 6.17
CA GLU B 105 14.24 -68.35 5.60
C GLU B 105 13.12 -67.91 6.54
N ASP B 106 13.35 -68.04 7.86
CA ASP B 106 12.38 -67.66 8.91
C ASP B 106 12.24 -66.13 8.93
N GLU B 107 11.03 -65.65 9.24
CA GLU B 107 10.71 -64.21 9.24
C GLU B 107 11.37 -63.53 10.44
N ASP B 108 11.22 -64.13 11.62
CA ASP B 108 11.72 -63.52 12.88
C ASP B 108 13.25 -63.51 12.87
N SER B 109 13.87 -64.59 12.40
CA SER B 109 15.35 -64.72 12.41
C SER B 109 15.96 -63.64 11.51
N PHE B 110 15.40 -63.49 10.31
CA PHE B 110 15.87 -62.48 9.34
C PHE B 110 15.59 -61.09 9.91
N ARG B 111 14.41 -60.90 10.49
CA ARG B 111 13.98 -59.59 11.04
C ARG B 111 14.92 -59.16 12.15
N ASN B 112 15.40 -60.11 12.96
CA ASN B 112 16.33 -59.81 14.07
C ASN B 112 17.74 -59.59 13.53
N CYS B 113 18.12 -60.31 12.48
CA CYS B 113 19.43 -60.13 11.84
C CYS B 113 19.52 -58.73 11.24
N LEU B 114 18.41 -58.23 10.68
CA LEU B 114 18.34 -56.88 10.09
C LEU B 114 18.37 -55.83 11.20
N LEU B 115 17.64 -56.07 12.29
CA LEU B 115 17.61 -55.11 13.41
C LEU B 115 18.96 -55.08 14.09
N SER B 116 19.18 -54.03 14.88
CA SER B 116 20.51 -53.71 15.45
C SER B 116 20.78 -54.61 16.67
N CYS B 117 22.06 -54.93 16.87
CA CYS B 117 22.51 -55.86 17.92
C CYS B 117 22.48 -55.14 19.26
N GLU B 118 22.74 -55.89 20.33
CA GLU B 118 22.72 -55.37 21.72
C GLU B 118 24.13 -55.55 22.31
N ARG B 119 24.65 -54.52 22.99
CA ARG B 119 25.91 -54.64 23.75
C ARG B 119 25.57 -55.18 25.15
N LEU B 120 26.27 -56.24 25.56
CA LEU B 120 26.13 -56.85 26.92
C LEU B 120 26.95 -56.04 27.93
N GLN B 121 28.12 -55.55 27.51
CA GLN B 121 29.07 -54.76 28.33
C GLN B 121 28.45 -53.40 28.68
N SER B 130 26.73 -46.97 24.01
CA SER B 130 26.41 -48.32 24.51
C SER B 130 25.46 -49.07 23.57
N TYR B 131 25.38 -48.71 22.27
CA TYR B 131 24.40 -49.27 21.31
C TYR B 131 24.87 -49.08 19.87
N SER B 132 24.90 -50.22 19.16
CA SER B 132 25.60 -50.38 17.89
C SER B 132 24.66 -50.93 16.82
N LYS B 133 25.27 -51.35 15.71
CA LYS B 133 24.64 -51.57 14.39
C LYS B 133 24.05 -52.97 14.35
N SER B 134 23.69 -53.42 13.13
CA SER B 134 23.12 -54.75 12.87
C SER B 134 24.21 -55.73 12.39
N LEU B 135 23.88 -57.02 12.50
CA LEU B 135 24.77 -58.10 12.06
C LEU B 135 24.97 -58.01 10.56
N ILE B 136 23.96 -57.64 9.79
CA ILE B 136 24.05 -57.61 8.31
C ILE B 136 25.01 -56.50 7.88
N LYS B 137 24.91 -55.33 8.51
CA LYS B 137 25.82 -54.22 8.17
C LYS B 137 27.24 -54.58 8.60
N LEU B 138 27.40 -55.21 9.76
CA LEU B 138 28.74 -55.60 10.24
C LEU B 138 29.34 -56.63 9.28
N LEU B 139 28.49 -57.53 8.78
CA LEU B 139 28.92 -58.63 7.88
C LEU B 139 29.26 -58.04 6.51
N LEU B 140 28.52 -57.02 6.07
CA LEU B 140 28.75 -56.35 4.77
C LEU B 140 29.93 -55.38 4.84
N GLY B 141 30.43 -55.09 6.05
CA GLY B 141 31.67 -54.31 6.21
C GLY B 141 32.88 -55.05 5.65
N ILE B 142 32.82 -56.39 5.63
CA ILE B 142 33.93 -57.27 5.17
C ILE B 142 33.79 -57.47 3.65
N ASP B 143 34.84 -57.14 2.92
CA ASP B 143 34.81 -56.99 1.44
C ASP B 143 34.63 -58.35 0.75
N ILE B 144 35.23 -59.40 1.31
CA ILE B 144 35.22 -60.76 0.69
C ILE B 144 33.84 -61.42 0.81
N LEU B 145 33.01 -60.98 1.76
CA LEU B 145 31.62 -61.48 1.93
C LEU B 145 30.62 -60.63 1.14
N GLN B 146 30.94 -59.35 0.89
CA GLN B 146 30.00 -58.28 0.49
C GLN B 146 29.08 -58.71 -0.65
N PRO B 147 29.60 -59.13 -1.83
CA PRO B 147 28.73 -59.28 -3.00
C PRO B 147 27.78 -60.47 -2.87
N ALA B 148 28.20 -61.52 -2.18
CA ALA B 148 27.36 -62.70 -1.93
C ALA B 148 26.15 -62.31 -1.07
N ILE B 149 26.40 -61.53 -0.02
CA ILE B 149 25.29 -61.14 0.90
C ILE B 149 24.41 -60.14 0.15
N ILE B 150 24.99 -59.29 -0.69
CA ILE B 150 24.21 -58.37 -1.57
C ILE B 150 23.25 -59.21 -2.42
N LYS B 151 23.77 -60.26 -3.05
CA LYS B 151 23.00 -61.07 -4.01
C LYS B 151 21.85 -61.77 -3.28
N THR B 152 22.14 -62.39 -2.13
CA THR B 152 21.12 -63.12 -1.36
C THR B 152 20.23 -62.16 -0.56
N LEU B 153 20.52 -60.85 -0.56
CA LEU B 153 19.62 -59.82 0.00
C LEU B 153 18.60 -59.41 -1.07
N PHE B 154 19.02 -59.35 -2.33
CA PHE B 154 18.16 -58.94 -3.46
C PHE B 154 17.39 -60.12 -4.04
N GLU B 155 17.92 -61.33 -3.94
CA GLU B 155 17.24 -62.53 -4.47
C GLU B 155 15.94 -62.81 -3.71
N LYS B 156 15.93 -62.54 -2.39
CA LYS B 156 14.79 -62.81 -1.49
C LYS B 156 13.94 -61.56 -1.25
N LEU B 157 14.23 -60.44 -1.92
CA LEU B 157 13.46 -59.17 -1.78
C LEU B 157 12.10 -59.27 -2.46
N PRO B 158 11.93 -59.84 -3.68
CA PRO B 158 10.58 -60.13 -4.20
C PRO B 158 9.70 -61.06 -3.37
N GLU B 159 10.25 -61.71 -2.33
CA GLU B 159 9.44 -62.44 -1.32
C GLU B 159 8.60 -61.44 -0.51
N TYR B 160 9.08 -60.21 -0.30
CA TYR B 160 8.49 -59.23 0.64
C TYR B 160 7.86 -58.04 -0.09
N PHE B 161 7.32 -58.25 -1.30
CA PHE B 161 6.61 -57.19 -2.05
C PHE B 161 5.25 -56.93 -1.42
N PHE B 162 4.46 -57.99 -1.27
CA PHE B 162 3.06 -57.94 -0.79
C PHE B 162 2.98 -58.09 0.72
N GLU B 163 4.09 -58.46 1.37
CA GLU B 163 4.18 -58.48 2.86
C GLU B 163 4.29 -57.02 3.33
N ASN B 164 3.39 -56.62 4.24
CA ASN B 164 3.29 -55.22 4.73
C ASN B 164 2.68 -55.22 6.13
N LYS B 165 3.53 -54.96 7.14
CA LYS B 165 3.11 -54.66 8.53
C LYS B 165 2.27 -55.80 9.09
N ASN B 166 2.90 -56.94 9.39
CA ASN B 166 2.20 -58.16 9.87
C ASN B 166 2.00 -58.07 11.38
N SER B 167 3.09 -58.08 12.15
CA SER B 167 3.10 -58.29 13.61
C SER B 167 3.58 -57.04 14.34
N ASP B 168 4.83 -56.63 14.12
CA ASP B 168 5.51 -55.52 14.86
C ASP B 168 5.35 -54.18 14.13
N GLU B 169 4.62 -54.12 13.01
CA GLU B 169 4.42 -52.91 12.18
C GLU B 169 5.77 -52.38 11.68
N ILE B 170 6.69 -53.31 11.37
CA ILE B 170 8.03 -53.02 10.81
C ILE B 170 8.00 -53.49 9.35
N ASN B 171 7.81 -52.54 8.43
CA ASN B 171 7.78 -52.83 6.97
C ASN B 171 9.17 -53.34 6.56
N ILE B 172 9.23 -54.55 6.03
CA ILE B 172 10.50 -55.32 5.89
C ILE B 172 11.37 -54.72 4.78
N PRO B 173 10.91 -54.48 3.54
CA PRO B 173 11.85 -54.16 2.47
C PRO B 173 12.57 -52.82 2.67
N ARG B 174 11.95 -51.88 3.37
CA ARG B 174 12.68 -50.65 3.77
C ARG B 174 13.78 -51.03 4.76
N LEU B 175 13.52 -52.00 5.64
CA LEU B 175 14.57 -52.52 6.55
C LEU B 175 15.67 -53.25 5.76
N ILE B 176 15.34 -53.85 4.63
CA ILE B 176 16.33 -54.55 3.79
C ILE B 176 17.26 -53.52 3.16
N VAL B 177 16.69 -52.47 2.59
CA VAL B 177 17.51 -51.43 1.91
C VAL B 177 18.16 -50.53 2.95
N SER B 178 17.74 -50.59 4.20
CA SER B 178 18.40 -49.83 5.29
C SER B 178 19.87 -50.25 5.41
N GLN B 179 20.16 -51.54 5.16
CA GLN B 179 21.48 -52.14 5.45
C GLN B 179 22.48 -51.83 4.33
N LEU B 180 22.06 -51.13 3.26
CA LEU B 180 22.97 -50.74 2.14
C LEU B 180 23.34 -49.25 2.20
N LYS B 181 22.68 -48.49 3.06
CA LYS B 181 22.92 -47.04 3.16
C LYS B 181 24.32 -46.83 3.72
N TRP B 182 25.03 -45.85 3.18
CA TRP B 182 26.33 -45.38 3.70
C TRP B 182 27.34 -46.52 3.82
N LEU B 183 27.41 -47.45 2.87
CA LEU B 183 28.47 -48.48 2.92
C LEU B 183 29.84 -47.80 2.88
N ASP B 184 30.76 -48.33 3.69
CA ASP B 184 32.15 -47.82 3.79
C ASP B 184 32.86 -48.11 2.47
N ARG B 185 32.77 -49.37 2.02
CA ARG B 185 33.41 -49.88 0.78
C ARG B 185 32.34 -50.48 -0.13
N VAL B 186 32.42 -50.17 -1.42
CA VAL B 186 31.63 -50.80 -2.50
C VAL B 186 32.62 -51.49 -3.44
N VAL B 187 32.38 -52.77 -3.74
CA VAL B 187 33.37 -53.66 -4.44
C VAL B 187 33.43 -53.31 -5.95
N ASP B 188 29.96 -54.23 -5.56
CA ASP B 188 30.19 -54.21 -7.03
C ASP B 188 29.27 -53.15 -7.62
N GLY B 189 29.81 -51.93 -7.78
CA GLY B 189 29.02 -50.71 -8.02
C GLY B 189 28.10 -50.84 -9.21
N LYS B 190 28.64 -51.33 -10.33
CA LYS B 190 27.84 -51.56 -11.55
C LYS B 190 26.78 -52.64 -11.29
N ASP B 191 27.17 -53.75 -10.65
CA ASP B 191 26.23 -54.87 -10.41
C ASP B 191 25.14 -54.41 -9.45
N LEU B 192 25.51 -53.71 -8.39
CA LEU B 192 24.54 -53.18 -7.41
C LEU B 192 23.57 -52.23 -8.13
N THR B 193 24.09 -51.36 -9.00
CA THR B 193 23.26 -50.40 -9.75
C THR B 193 22.25 -51.17 -10.62
N THR B 194 22.72 -52.17 -11.37
CA THR B 194 21.84 -52.91 -12.30
C THR B 194 20.80 -53.69 -11.51
N LYS B 195 21.17 -54.21 -10.34
CA LYS B 195 20.24 -54.96 -9.47
C LYS B 195 19.14 -54.04 -8.96
N ILE B 196 19.50 -52.84 -8.49
CA ILE B 196 18.46 -51.90 -8.00
C ILE B 196 17.63 -51.39 -9.17
N MET B 197 18.18 -51.37 -10.38
CA MET B 197 17.39 -50.97 -11.57
C MET B 197 16.39 -52.07 -11.91
N GLN B 198 16.80 -53.33 -11.85
CA GLN B 198 15.86 -54.45 -12.05
C GLN B 198 14.75 -54.36 -11.01
N LEU B 199 15.10 -54.10 -9.75
CA LEU B 199 14.08 -54.00 -8.68
C LEU B 199 13.18 -52.79 -8.94
N ILE B 200 13.76 -51.64 -9.28
CA ILE B 200 12.99 -50.38 -9.40
C ILE B 200 12.06 -50.46 -10.60
N SER B 201 12.40 -51.28 -11.60
CA SER B 201 11.49 -51.57 -12.72
C SER B 201 10.35 -52.47 -12.24
N ILE B 202 10.69 -53.62 -11.65
CA ILE B 202 9.72 -54.72 -11.40
C ILE B 202 8.88 -54.43 -10.14
N ALA B 203 9.28 -53.46 -9.32
CA ALA B 203 8.73 -53.29 -7.96
C ALA B 203 7.26 -52.88 -7.99
N PRO B 204 6.54 -53.07 -6.87
CA PRO B 204 5.34 -52.29 -6.58
C PRO B 204 5.63 -50.78 -6.48
N GLU B 205 4.55 -49.99 -6.54
CA GLU B 205 4.62 -48.51 -6.66
C GLU B 205 5.18 -47.91 -5.36
N ASN B 206 4.72 -48.41 -4.22
CA ASN B 206 5.16 -47.91 -2.90
C ASN B 206 6.63 -48.27 -2.68
N LEU B 207 7.02 -49.49 -3.03
CA LEU B 207 8.41 -49.95 -2.82
C LEU B 207 9.35 -49.12 -3.68
N GLN B 208 8.98 -48.88 -4.93
CA GLN B 208 9.84 -48.11 -5.84
C GLN B 208 9.82 -46.62 -5.46
N HIS B 209 8.73 -46.12 -4.91
CA HIS B 209 8.74 -44.76 -4.33
C HIS B 209 9.72 -44.68 -3.16
N ASP B 210 9.82 -45.76 -2.37
CA ASP B 210 10.68 -45.74 -1.17
C ASP B 210 12.15 -45.86 -1.56
N ILE B 211 12.49 -46.77 -2.46
CA ILE B 211 13.92 -47.09 -2.69
C ILE B 211 14.56 -46.03 -3.57
N ILE B 212 13.74 -45.36 -4.35
CA ILE B 212 14.23 -44.39 -5.36
C ILE B 212 14.83 -43.17 -4.64
N THR B 213 14.21 -42.74 -3.55
CA THR B 213 14.69 -41.57 -2.79
C THR B 213 15.89 -41.97 -1.91
N SER B 214 16.01 -43.25 -1.49
CA SER B 214 17.16 -43.77 -0.72
C SER B 214 18.33 -44.18 -1.64
N LEU B 215 18.30 -43.78 -2.92
CA LEU B 215 19.42 -43.97 -3.90
C LEU B 215 20.68 -43.20 -3.54
N PRO B 216 20.65 -41.90 -3.19
CA PRO B 216 21.90 -41.15 -3.04
C PRO B 216 22.67 -41.64 -1.81
N GLU B 217 21.98 -42.20 -0.84
CA GLU B 217 22.67 -42.78 0.35
C GLU B 217 23.53 -43.94 -0.11
N ILE B 218 22.98 -44.73 -1.04
CA ILE B 218 23.46 -46.07 -1.46
C ILE B 218 24.66 -45.98 -2.38
N LEU B 219 24.56 -45.18 -3.43
CA LEU B 219 25.60 -45.07 -4.48
C LEU B 219 26.73 -44.14 -4.02
N GLY B 220 27.93 -44.34 -4.57
CA GLY B 220 29.13 -43.55 -4.26
C GLY B 220 29.11 -42.18 -4.90
N ASP B 221 30.08 -41.89 -5.78
CA ASP B 221 30.17 -40.62 -6.55
C ASP B 221 30.62 -40.86 -8.01
N SER B 222 30.43 -42.07 -8.55
CA SER B 222 30.89 -42.42 -9.91
C SER B 222 29.71 -42.54 -10.88
N GLN B 223 28.80 -43.46 -10.58
CA GLN B 223 28.00 -44.20 -11.58
C GLN B 223 26.65 -43.53 -11.84
N HIS B 224 26.59 -42.21 -11.75
CA HIS B 224 25.31 -41.46 -11.67
C HIS B 224 24.68 -41.22 -13.04
N ALA B 225 25.45 -41.32 -14.12
CA ALA B 225 24.97 -40.93 -15.47
C ALA B 225 23.90 -41.91 -15.94
N ASP B 226 24.25 -43.21 -15.98
CA ASP B 226 23.31 -44.25 -16.47
C ASP B 226 22.10 -44.34 -15.54
N VAL B 227 22.31 -44.10 -14.25
CA VAL B 227 21.20 -44.07 -13.25
C VAL B 227 20.25 -42.94 -13.64
N GLY B 228 20.80 -41.76 -13.93
CA GLY B 228 19.99 -40.61 -14.35
C GLY B 228 19.19 -40.94 -15.59
N LYS B 229 19.85 -41.58 -16.56
CA LYS B 229 19.21 -41.94 -17.84
C LYS B 229 18.05 -42.90 -17.58
N GLU B 230 18.29 -43.95 -16.80
CA GLU B 230 17.25 -44.98 -16.59
C GLU B 230 16.08 -44.38 -15.82
N LEU B 231 16.37 -43.49 -14.87
CA LEU B 231 15.29 -42.87 -14.06
C LEU B 231 14.45 -41.94 -14.92
N SER B 232 15.08 -41.14 -15.80
CA SER B 232 14.34 -40.28 -16.74
C SER B 232 13.53 -41.14 -17.69
N ASP B 233 14.06 -42.27 -18.14
CA ASP B 233 13.32 -43.20 -19.04
C ASP B 233 12.14 -43.82 -18.28
N LEU B 234 12.26 -43.99 -16.97
CA LEU B 234 11.13 -44.41 -16.12
C LEU B 234 10.12 -43.27 -15.99
N LEU B 235 10.60 -42.04 -16.01
CA LEU B 235 9.74 -40.86 -15.79
C LEU B 235 8.79 -40.63 -16.97
N ILE B 236 9.26 -40.89 -18.19
CA ILE B 236 8.42 -40.65 -19.40
C ILE B 236 7.21 -41.60 -19.40
N GLU B 237 7.36 -42.80 -18.82
CA GLU B 237 6.28 -43.80 -18.77
C GLU B 237 5.39 -43.47 -17.56
N ASN B 238 5.93 -43.61 -16.35
CA ASN B 238 5.16 -43.52 -15.10
C ASN B 238 5.12 -42.06 -14.69
N THR B 239 3.92 -41.49 -14.58
CA THR B 239 3.71 -40.08 -14.15
C THR B 239 3.34 -40.04 -12.67
N SER B 240 2.97 -41.17 -12.06
CA SER B 240 2.73 -41.24 -10.60
C SER B 240 4.02 -40.95 -9.83
N LEU B 241 5.18 -41.35 -10.37
CA LEU B 241 6.50 -41.23 -9.69
C LEU B 241 7.28 -40.02 -10.19
N THR B 242 6.63 -38.91 -10.53
CA THR B 242 7.34 -37.70 -10.95
C THR B 242 8.01 -37.06 -9.75
N VAL B 243 7.36 -37.09 -8.60
CA VAL B 243 7.78 -36.23 -7.46
C VAL B 243 9.10 -36.72 -6.85
N PRO B 244 9.31 -38.03 -6.53
CA PRO B 244 10.56 -38.43 -5.91
C PRO B 244 11.73 -38.45 -6.89
N ILE B 245 11.47 -38.74 -8.16
CA ILE B 245 12.56 -38.84 -9.15
C ILE B 245 13.25 -37.48 -9.30
N LEU B 246 12.48 -36.41 -9.41
CA LEU B 246 13.05 -35.07 -9.55
C LEU B 246 13.80 -34.74 -8.28
N ASP B 247 13.19 -35.07 -7.14
CA ASP B 247 13.81 -34.89 -5.80
C ASP B 247 15.25 -35.42 -5.87
N VAL B 248 15.38 -36.61 -6.46
CA VAL B 248 16.62 -37.39 -6.46
C VAL B 248 17.59 -36.80 -7.46
N LEU B 249 17.10 -36.30 -8.58
CA LEU B 249 17.99 -35.97 -9.71
C LEU B 249 18.92 -34.80 -9.35
N SER B 250 18.46 -33.90 -8.51
CA SER B 250 19.31 -32.82 -7.96
C SER B 250 20.23 -33.40 -6.90
N SER B 251 19.77 -34.45 -6.20
CA SER B 251 20.44 -35.12 -5.05
C SER B 251 21.46 -36.18 -5.50
N LEU B 252 21.61 -36.43 -6.80
CA LEU B 252 22.74 -37.21 -7.38
C LEU B 252 23.82 -36.23 -7.75
N ARG B 253 24.67 -36.57 -8.70
CA ARG B 253 25.58 -35.57 -9.30
C ARG B 253 25.39 -35.64 -10.80
N LEU B 254 24.37 -34.96 -11.30
CA LEU B 254 24.06 -34.93 -12.74
C LEU B 254 24.61 -33.65 -13.37
N ASP B 255 24.73 -33.67 -14.70
CA ASP B 255 25.09 -32.49 -15.51
C ASP B 255 23.86 -31.59 -15.60
N PRO B 256 24.01 -30.25 -15.46
CA PRO B 256 22.84 -29.37 -15.39
C PRO B 256 21.89 -29.47 -16.60
N ASN B 257 22.44 -29.76 -17.77
CA ASN B 257 21.64 -29.86 -19.02
C ASN B 257 20.82 -31.14 -19.07
N PHE B 258 21.08 -32.11 -18.20
CA PHE B 258 20.15 -33.23 -18.00
C PHE B 258 18.94 -32.75 -17.20
N LEU B 259 19.21 -31.97 -16.16
CA LEU B 259 18.14 -31.50 -15.24
C LEU B 259 17.20 -30.56 -15.98
N LEU B 260 17.75 -29.66 -16.79
CA LEU B 260 16.91 -28.72 -17.55
C LEU B 260 16.05 -29.47 -18.56
N LYS B 261 16.59 -30.55 -19.12
CA LYS B 261 15.81 -31.40 -20.06
C LYS B 261 14.65 -32.06 -19.31
N VAL B 262 14.91 -32.58 -18.12
CA VAL B 262 13.82 -33.26 -17.35
C VAL B 262 12.81 -32.22 -16.90
N ARG B 263 13.26 -31.00 -16.60
CA ARG B 263 12.35 -29.92 -16.21
C ARG B 263 11.42 -29.56 -17.39
N GLN B 264 12.00 -29.41 -18.59
CA GLN B 264 11.19 -29.14 -19.78
C GLN B 264 10.24 -30.32 -20.01
N LEU B 265 10.72 -31.53 -19.78
CA LEU B 265 9.91 -32.74 -20.03
C LEU B 265 8.70 -32.78 -19.10
N VAL B 266 8.85 -32.38 -17.85
CA VAL B 266 7.72 -32.46 -16.90
C VAL B 266 6.78 -31.27 -17.12
N MET B 267 7.31 -30.13 -17.53
CA MET B 267 6.43 -28.99 -17.88
C MET B 267 5.63 -29.33 -19.14
N ASP B 268 6.18 -30.16 -20.02
CA ASP B 268 5.43 -30.61 -21.20
C ASP B 268 4.20 -31.39 -20.74
N LYS B 269 4.35 -32.28 -19.76
CA LYS B 269 3.28 -33.20 -19.34
C LYS B 269 2.60 -32.70 -18.07
N LEU B 270 2.60 -31.40 -17.83
CA LEU B 270 2.19 -30.80 -16.54
C LEU B 270 0.69 -30.99 -16.30
N SER B 271 -0.10 -31.17 -17.36
CA SER B 271 -1.56 -31.37 -17.28
C SER B 271 -1.89 -32.78 -16.79
N SER B 272 -1.00 -33.75 -16.99
CA SER B 272 -1.26 -35.20 -16.78
C SER B 272 -0.81 -35.66 -15.38
N ILE B 273 -0.74 -34.75 -14.42
CA ILE B 273 -0.28 -35.04 -13.04
C ILE B 273 -1.51 -35.00 -12.15
N ARG B 274 -1.59 -35.96 -11.24
CA ARG B 274 -2.65 -35.97 -10.21
C ARG B 274 -2.53 -34.73 -9.34
N LEU B 275 -3.61 -34.40 -8.65
CA LEU B 275 -3.78 -33.08 -7.99
C LEU B 275 -2.89 -32.90 -6.77
N GLU B 276 -2.59 -34.01 -6.08
CA GLU B 276 -1.85 -33.98 -4.78
C GLU B 276 -0.39 -33.67 -5.03
N ASP B 277 0.16 -34.03 -6.19
CA ASP B 277 1.60 -33.94 -6.49
C ASP B 277 1.94 -32.60 -7.15
N LEU B 278 0.93 -31.81 -7.48
CA LEU B 278 1.05 -30.63 -8.34
C LEU B 278 1.76 -29.48 -7.64
N PRO B 279 1.37 -29.08 -6.42
CA PRO B 279 2.11 -28.01 -5.76
C PRO B 279 3.55 -28.37 -5.50
N VAL B 280 3.85 -29.67 -5.35
CA VAL B 280 5.23 -30.15 -5.09
C VAL B 280 6.07 -29.96 -6.32
N ILE B 281 5.51 -30.27 -7.48
CA ILE B 281 6.24 -30.12 -8.77
C ILE B 281 6.45 -28.64 -9.08
N ILE B 282 5.46 -27.83 -8.78
CA ILE B 282 5.57 -26.38 -9.03
C ILE B 282 6.57 -25.82 -8.04
N LYS B 283 6.59 -26.36 -6.84
CA LYS B 283 7.60 -25.98 -5.85
C LYS B 283 8.98 -26.30 -6.40
N PHE B 284 9.15 -27.49 -6.98
CA PHE B 284 10.44 -27.89 -7.57
C PHE B 284 10.83 -26.93 -8.68
N ILE B 285 9.88 -26.60 -9.54
CA ILE B 285 10.18 -25.74 -10.74
C ILE B 285 10.59 -24.31 -10.34
N LEU B 286 9.94 -23.78 -9.33
CA LEU B 286 10.17 -22.42 -8.86
C LEU B 286 11.43 -22.38 -8.00
N HIS B 287 11.72 -23.45 -7.25
CA HIS B 287 12.94 -23.56 -6.45
C HIS B 287 14.15 -23.75 -7.35
N SER B 288 13.95 -24.22 -8.58
CA SER B 288 15.01 -24.51 -9.53
C SER B 288 14.95 -23.52 -10.68
N VAL B 289 14.98 -22.24 -10.34
CA VAL B 289 15.19 -21.15 -11.33
C VAL B 289 16.45 -20.39 -10.98
N THR B 290 17.08 -19.88 -12.02
CA THR B 290 18.25 -18.99 -11.96
C THR B 290 17.73 -17.56 -12.09
N ALA B 291 18.61 -16.63 -12.45
CA ALA B 291 18.24 -15.28 -12.90
C ALA B 291 18.01 -15.23 -14.41
N MET B 292 18.55 -16.18 -15.18
CA MET B 292 18.65 -16.06 -16.65
C MET B 292 17.47 -16.79 -17.33
N ASP B 293 17.12 -17.98 -16.86
CA ASP B 293 16.08 -18.82 -17.51
C ASP B 293 14.68 -18.46 -17.02
N THR B 294 14.56 -17.65 -15.97
CA THR B 294 13.35 -17.55 -15.13
C THR B 294 12.12 -17.21 -15.96
N LEU B 295 12.24 -16.31 -16.93
CA LEU B 295 11.06 -15.80 -17.64
C LEU B 295 10.50 -16.87 -18.60
N GLU B 296 11.36 -17.66 -19.23
CA GLU B 296 10.89 -18.68 -20.21
C GLU B 296 10.10 -19.76 -19.47
N VAL B 297 10.65 -20.23 -18.35
CA VAL B 297 9.98 -21.26 -17.51
C VAL B 297 8.71 -20.67 -16.91
N ILE B 298 8.75 -19.42 -16.47
CA ILE B 298 7.58 -18.80 -15.81
C ILE B 298 6.46 -18.68 -16.84
N SER B 299 6.82 -18.30 -18.07
CA SER B 299 5.84 -18.06 -19.13
C SER B 299 5.26 -19.40 -19.60
N GLU B 300 6.07 -20.46 -19.63
CA GLU B 300 5.56 -21.81 -19.94
C GLU B 300 4.57 -22.20 -18.85
N LEU B 301 4.92 -21.88 -17.62
CA LEU B 301 4.10 -22.25 -16.44
C LEU B 301 2.80 -21.46 -16.47
N ARG B 302 2.88 -20.20 -16.88
CA ARG B 302 1.69 -19.32 -16.96
C ARG B 302 0.75 -19.84 -18.05
N GLU B 303 1.31 -20.32 -19.16
CA GLU B 303 0.53 -20.82 -20.31
C GLU B 303 -0.01 -22.23 -20.08
N LYS B 304 0.62 -23.03 -19.22
CA LYS B 304 0.30 -24.46 -19.05
C LYS B 304 -0.53 -24.77 -17.80
N LEU B 305 -0.57 -23.84 -16.84
CA LEU B 305 -1.38 -23.98 -15.60
C LEU B 305 -2.76 -23.35 -15.78
N ASP B 306 -3.79 -24.16 -15.55
CA ASP B 306 -5.15 -23.93 -16.07
C ASP B 306 -6.15 -23.72 -14.93
N LEU B 307 -6.19 -24.63 -13.97
CA LEU B 307 -7.27 -24.77 -12.97
C LEU B 307 -8.65 -24.94 -13.63
N GLN B 308 -8.73 -25.73 -14.71
CA GLN B 308 -10.03 -26.26 -15.20
C GLN B 308 -10.00 -27.79 -15.33
N HIS B 309 -8.91 -28.44 -14.90
CA HIS B 309 -8.77 -29.92 -14.84
C HIS B 309 -8.75 -30.44 -13.40
N CYS B 310 -8.46 -29.58 -12.42
CA CYS B 310 -8.33 -29.94 -10.99
C CYS B 310 -9.47 -29.40 -10.12
N VAL B 311 -10.31 -28.53 -10.65
CA VAL B 311 -11.46 -27.96 -9.89
C VAL B 311 -12.48 -29.06 -9.62
N SER B 337 -13.29 -29.77 -0.70
CA SER B 337 -12.39 -30.71 0.02
C SER B 337 -11.73 -31.76 -0.88
N SER B 338 -11.80 -31.61 -2.21
CA SER B 338 -11.27 -32.56 -3.23
C SER B 338 -10.28 -31.85 -4.15
N GLY B 339 -10.68 -30.69 -4.69
CA GLY B 339 -9.85 -29.81 -5.53
C GLY B 339 -9.51 -28.49 -4.86
N GLN B 340 -10.39 -27.97 -4.01
CA GLN B 340 -10.22 -26.63 -3.39
C GLN B 340 -9.01 -26.64 -2.46
N SER B 341 -8.82 -27.72 -1.70
CA SER B 341 -7.68 -27.85 -0.75
C SER B 341 -6.37 -27.84 -1.53
N CYS B 342 -6.31 -28.57 -2.64
CA CYS B 342 -5.07 -28.66 -3.45
C CYS B 342 -4.76 -27.28 -4.05
N ILE B 343 -5.77 -26.56 -4.48
CA ILE B 343 -5.57 -25.21 -5.05
C ILE B 343 -5.09 -24.27 -3.95
N ILE B 344 -5.67 -24.38 -2.76
CA ILE B 344 -5.23 -23.57 -1.59
C ILE B 344 -3.73 -23.83 -1.38
N LEU B 345 -3.34 -25.10 -1.39
CA LEU B 345 -1.93 -25.46 -1.15
C LEU B 345 -1.05 -24.89 -2.24
N LEU B 346 -1.52 -24.97 -3.47
CA LEU B 346 -0.75 -24.49 -4.63
C LEU B 346 -0.49 -22.98 -4.52
N PHE B 347 -1.53 -22.23 -4.17
CA PHE B 347 -1.41 -20.76 -4.07
C PHE B 347 -0.54 -20.39 -2.89
N ASP B 348 -0.60 -21.22 -1.84
CA ASP B 348 0.31 -21.07 -0.69
C ASP B 348 1.74 -21.22 -1.18
N VAL B 349 1.99 -22.21 -2.01
CA VAL B 349 3.34 -22.45 -2.56
C VAL B 349 3.81 -21.24 -3.37
N ILE B 350 2.92 -20.68 -4.19
CA ILE B 350 3.31 -19.61 -5.13
C ILE B 350 3.46 -18.31 -4.34
N LYS B 351 2.60 -18.13 -3.34
CA LYS B 351 2.68 -16.95 -2.46
C LYS B 351 4.04 -16.98 -1.80
N SER B 352 4.36 -18.13 -1.21
CA SER B 352 5.59 -18.32 -0.43
C SER B 352 6.76 -18.30 -1.39
N ALA B 353 6.60 -18.61 -2.65
CA ALA B 353 7.74 -18.47 -3.56
C ALA B 353 8.04 -17.00 -3.85
N ILE B 354 6.99 -16.23 -4.11
CA ILE B 354 7.20 -14.83 -4.56
C ILE B 354 7.59 -14.00 -3.37
N ARG B 355 7.29 -14.51 -2.17
CA ARG B 355 7.52 -13.74 -0.95
C ARG B 355 9.00 -13.78 -0.64
N TYR B 356 9.59 -14.95 -0.92
CA TYR B 356 10.97 -15.29 -0.56
C TYR B 356 11.84 -15.16 -1.78
N GLU B 357 11.32 -14.59 -2.85
CA GLU B 357 12.10 -14.49 -4.11
C GLU B 357 11.42 -13.50 -5.04
N LYS B 358 11.99 -12.31 -5.22
CA LYS B 358 11.27 -11.11 -5.74
C LYS B 358 11.15 -11.16 -7.25
N THR B 359 12.03 -11.88 -7.90
CA THR B 359 12.09 -11.84 -9.36
C THR B 359 10.95 -12.66 -9.92
N ILE B 360 10.33 -13.55 -9.16
CA ILE B 360 9.18 -14.30 -9.70
C ILE B 360 7.95 -13.41 -9.87
N SER B 361 7.84 -12.38 -9.07
CA SER B 361 6.73 -11.43 -9.19
C SER B 361 6.91 -10.67 -10.51
N GLU B 362 8.09 -10.12 -10.74
CA GLU B 362 8.35 -9.28 -11.93
C GLU B 362 8.22 -10.14 -13.19
N ALA B 363 8.80 -11.33 -13.13
CA ALA B 363 8.69 -12.36 -14.17
C ALA B 363 7.23 -12.58 -14.51
N TRP B 364 6.38 -12.63 -13.49
CA TRP B 364 4.98 -12.96 -13.72
C TRP B 364 4.14 -11.76 -14.18
N ILE B 365 4.50 -10.55 -13.82
CA ILE B 365 3.81 -9.40 -14.44
C ILE B 365 4.23 -9.31 -15.91
N LYS B 366 5.51 -9.58 -16.21
CA LYS B 366 6.00 -9.55 -17.60
C LYS B 366 5.28 -10.61 -18.40
N ALA B 367 4.98 -11.74 -17.81
CA ALA B 367 4.31 -12.82 -18.54
C ALA B 367 2.84 -12.51 -18.82
N ILE B 368 2.21 -11.63 -18.07
CA ILE B 368 0.82 -11.24 -18.32
C ILE B 368 0.77 -9.97 -19.18
N GLU B 369 1.63 -8.99 -18.94
CA GLU B 369 1.65 -7.70 -19.70
C GLU B 369 1.97 -7.99 -21.18
N ASN B 370 2.94 -8.87 -21.47
CA ASN B 370 3.40 -9.24 -22.83
C ASN B 370 2.41 -10.16 -23.52
N THR B 371 1.46 -10.72 -22.80
CA THR B 371 0.29 -11.37 -23.41
C THR B 371 -0.71 -10.27 -23.77
N ALA B 372 -0.55 -9.66 -24.95
CA ALA B 372 -1.41 -8.58 -25.48
C ALA B 372 -2.36 -9.13 -26.55
N SER B 373 -1.82 -9.93 -27.46
CA SER B 373 -2.57 -10.54 -28.58
C SER B 373 -3.64 -11.48 -28.03
N VAL B 374 -3.21 -12.42 -27.19
CA VAL B 374 -4.05 -13.53 -26.69
C VAL B 374 -5.15 -12.91 -25.82
N SER B 375 -6.37 -12.82 -26.35
CA SER B 375 -7.60 -12.57 -25.58
C SER B 375 -8.17 -13.90 -25.08
N GLU B 376 -7.37 -14.96 -25.04
CA GLU B 376 -7.46 -16.06 -24.05
C GLU B 376 -6.61 -15.72 -22.80
N HIS B 377 -7.12 -14.80 -21.99
CA HIS B 377 -6.72 -14.62 -20.59
C HIS B 377 -7.57 -15.56 -19.75
N LYS B 378 -6.94 -16.20 -18.80
CA LYS B 378 -7.58 -17.21 -17.95
C LYS B 378 -7.98 -16.55 -16.64
N VAL B 379 -8.53 -17.35 -15.74
CA VAL B 379 -8.71 -16.95 -14.33
C VAL B 379 -7.32 -16.74 -13.69
N PHE B 380 -6.42 -17.71 -13.88
CA PHE B 380 -5.07 -17.74 -13.29
C PHE B 380 -4.36 -16.40 -13.42
N ASP B 381 -4.64 -15.65 -14.45
CA ASP B 381 -4.00 -14.34 -14.65
C ASP B 381 -4.49 -13.37 -13.61
N LEU B 382 -5.80 -13.28 -13.38
CA LEU B 382 -6.27 -12.34 -12.35
C LEU B 382 -5.94 -12.78 -10.90
N VAL B 383 -6.08 -14.04 -10.57
CA VAL B 383 -5.82 -14.43 -9.18
C VAL B 383 -4.35 -14.20 -8.88
N MET B 384 -3.52 -14.31 -9.89
CA MET B 384 -2.08 -14.09 -9.76
C MET B 384 -1.86 -12.58 -9.64
N LEU B 385 -2.67 -11.80 -10.32
CA LEU B 385 -2.46 -10.38 -10.20
C LEU B 385 -2.86 -9.95 -8.78
N PHE B 386 -3.98 -10.42 -8.27
CA PHE B 386 -4.31 -10.03 -6.89
C PHE B 386 -3.33 -10.59 -5.86
N ILE B 387 -2.75 -11.74 -6.07
CA ILE B 387 -1.76 -12.22 -5.08
C ILE B 387 -0.47 -11.43 -5.09
N ILE B 388 0.04 -11.10 -6.24
CA ILE B 388 1.25 -10.26 -6.28
C ILE B 388 0.94 -8.85 -5.79
N TYR B 389 -0.32 -8.41 -5.87
CA TYR B 389 -0.72 -7.12 -5.30
C TYR B 389 -0.65 -7.23 -3.77
N SER B 390 -1.30 -8.24 -3.23
CA SER B 390 -1.51 -8.28 -1.78
C SER B 390 -0.18 -8.55 -1.07
N THR B 391 0.68 -9.40 -1.64
CA THR B 391 2.10 -9.59 -1.18
C THR B 391 2.94 -8.47 -1.77
N ASN B 392 4.15 -8.76 -2.16
CA ASN B 392 5.18 -7.72 -2.32
C ASN B 392 4.59 -6.45 -2.92
N THR B 393 4.75 -5.34 -2.21
CA THR B 393 3.99 -4.10 -2.36
C THR B 393 4.84 -3.04 -3.06
N GLN B 394 5.79 -3.44 -3.90
CA GLN B 394 6.38 -2.51 -4.89
C GLN B 394 5.52 -2.51 -6.15
N THR B 395 4.89 -3.63 -6.41
CA THR B 395 4.28 -3.94 -7.70
C THR B 395 2.97 -3.19 -7.91
N LYS B 396 2.44 -2.54 -6.84
CA LYS B 396 1.06 -2.07 -6.82
C LYS B 396 0.82 -1.09 -7.94
N LYS B 397 1.62 -0.04 -8.06
CA LYS B 397 1.42 0.95 -9.14
C LYS B 397 1.51 0.24 -10.49
N TYR B 398 2.46 -0.68 -10.56
CA TYR B 398 2.71 -1.43 -11.79
C TYR B 398 1.51 -2.33 -12.09
N ILE B 399 0.92 -3.03 -11.12
CA ILE B 399 -0.28 -3.86 -11.46
C ILE B 399 -1.52 -2.99 -11.65
N ASP B 400 -1.55 -1.78 -11.11
CA ASP B 400 -2.66 -0.87 -11.44
C ASP B 400 -2.54 -0.50 -12.92
N ARG B 401 -1.31 -0.26 -13.38
CA ARG B 401 -1.08 0.24 -14.74
C ARG B 401 -1.45 -0.91 -15.65
N VAL B 402 -0.87 -2.06 -15.41
CA VAL B 402 -1.10 -3.23 -16.28
C VAL B 402 -2.58 -3.58 -16.34
N LEU B 403 -3.27 -3.57 -15.21
CA LEU B 403 -4.69 -3.98 -15.16
C LEU B 403 -5.60 -2.93 -15.81
N ARG B 404 -5.23 -1.65 -15.77
CA ARG B 404 -5.92 -0.62 -16.57
C ARG B 404 -5.82 -0.95 -18.05
N ASN B 405 -4.64 -1.35 -18.51
CA ASN B 405 -4.37 -1.59 -19.92
C ASN B 405 -4.93 -2.93 -20.37
N LYS B 406 -5.48 -3.72 -19.46
CA LYS B 406 -6.17 -4.95 -19.85
C LYS B 406 -7.67 -4.76 -19.95
N ILE B 407 -8.23 -3.69 -19.42
CA ILE B 407 -9.69 -3.48 -19.41
C ILE B 407 -10.11 -2.67 -20.61
N ARG B 408 -9.35 -1.62 -20.97
CA ARG B 408 -9.57 -0.76 -22.16
C ARG B 408 -9.49 -1.63 -23.41
N SER B 409 -8.53 -2.54 -23.40
CA SER B 409 -8.21 -3.46 -24.51
C SER B 409 -9.18 -4.63 -24.59
N GLY B 410 -10.14 -4.77 -23.68
CA GLY B 410 -11.19 -5.80 -23.76
C GLY B 410 -10.65 -7.18 -23.43
N CYS B 411 -9.37 -7.26 -23.03
CA CYS B 411 -8.62 -8.53 -22.83
C CYS B 411 -9.08 -9.21 -21.54
N ILE B 412 -9.33 -8.43 -20.48
CA ILE B 412 -9.97 -8.88 -19.21
C ILE B 412 -11.34 -8.22 -19.09
N GLN B 413 -12.35 -9.06 -18.87
CA GLN B 413 -13.78 -8.70 -18.91
C GLN B 413 -14.48 -9.28 -17.68
N GLU B 414 -15.70 -8.81 -17.46
CA GLU B 414 -16.42 -9.01 -16.20
C GLU B 414 -16.80 -10.46 -15.94
N GLN B 415 -16.92 -11.30 -16.96
CA GLN B 415 -17.30 -12.71 -16.72
C GLN B 415 -16.10 -13.49 -16.19
N LEU B 416 -14.90 -13.06 -16.55
CA LEU B 416 -13.65 -13.58 -15.95
C LEU B 416 -13.61 -13.30 -14.45
N LEU B 417 -13.90 -12.06 -14.11
CA LEU B 417 -13.97 -11.56 -12.73
C LEU B 417 -15.08 -12.30 -11.96
N GLN B 418 -16.22 -12.51 -12.59
CA GLN B 418 -17.33 -13.26 -11.97
C GLN B 418 -16.85 -14.69 -11.65
N SER B 419 -16.26 -15.37 -12.63
CA SER B 419 -15.80 -16.77 -12.44
C SER B 419 -14.70 -16.80 -11.38
N THR B 420 -13.75 -15.86 -11.46
CA THR B 420 -12.60 -15.69 -10.51
C THR B 420 -13.09 -15.69 -9.07
N PHE B 421 -13.98 -14.77 -8.77
CA PHE B 421 -14.49 -14.61 -7.41
C PHE B 421 -15.37 -15.77 -7.05
N SER B 422 -16.22 -16.25 -7.98
CA SER B 422 -17.30 -17.23 -7.66
C SER B 422 -16.72 -18.62 -7.41
N VAL B 423 -15.53 -18.89 -7.96
CA VAL B 423 -14.80 -20.15 -7.73
C VAL B 423 -13.83 -19.99 -6.55
N HIS B 424 -12.98 -18.96 -6.60
CA HIS B 424 -11.79 -18.83 -5.74
C HIS B 424 -11.94 -17.76 -4.66
N TYR B 425 -13.10 -17.71 -3.99
CA TYR B 425 -13.37 -16.78 -2.86
C TYR B 425 -12.92 -17.35 -1.52
N LEU B 426 -12.10 -18.41 -1.49
CA LEU B 426 -11.36 -18.85 -0.29
C LEU B 426 -9.92 -18.44 -0.38
N VAL B 427 -9.39 -18.36 -1.60
CA VAL B 427 -8.01 -17.89 -1.86
C VAL B 427 -7.99 -16.37 -1.73
N LEU B 428 -9.09 -15.77 -2.09
CA LEU B 428 -9.10 -14.33 -2.18
C LEU B 428 -9.41 -13.76 -0.82
N LYS B 429 -10.15 -14.48 0.04
CA LYS B 429 -10.81 -13.93 1.24
C LYS B 429 -9.78 -13.16 2.04
N ASP B 430 -8.62 -13.74 2.21
CA ASP B 430 -7.59 -13.18 3.07
C ASP B 430 -6.92 -11.96 2.47
N MET B 431 -7.34 -11.48 1.33
CA MET B 431 -6.74 -10.24 0.79
C MET B 431 -7.80 -9.20 0.47
N CYS B 432 -8.83 -9.12 1.32
CA CYS B 432 -9.90 -8.12 1.12
C CYS B 432 -9.24 -6.76 0.91
N SER B 433 -8.38 -6.32 1.81
CA SER B 433 -8.05 -4.90 1.92
C SER B 433 -7.33 -4.44 0.67
N SER B 434 -6.54 -5.31 0.08
CA SER B 434 -5.81 -4.92 -1.14
C SER B 434 -6.75 -4.75 -2.32
N ILE B 435 -7.59 -5.75 -2.55
CA ILE B 435 -8.73 -5.62 -3.48
C ILE B 435 -9.50 -4.31 -3.37
N LEU B 436 -9.93 -3.97 -2.18
CA LEU B 436 -10.56 -2.70 -1.96
C LEU B 436 -9.59 -1.57 -2.16
N SER B 437 -8.29 -1.75 -2.00
CA SER B 437 -7.38 -0.65 -2.39
C SER B 437 -7.31 -0.48 -3.91
N LEU B 438 -7.64 -1.56 -4.58
CA LEU B 438 -7.53 -1.59 -6.05
C LEU B 438 -8.80 -1.00 -6.65
N ALA B 439 -9.94 -1.51 -6.18
CA ALA B 439 -11.32 -1.06 -6.52
C ALA B 439 -11.41 0.47 -6.44
N GLN B 440 -10.88 0.96 -5.32
CA GLN B 440 -10.98 2.39 -5.05
C GLN B 440 -10.20 3.12 -6.11
N SER B 441 -9.11 2.55 -6.62
CA SER B 441 -8.29 3.25 -7.61
C SER B 441 -8.91 3.20 -9.01
N LEU B 442 -9.67 2.17 -9.30
CA LEU B 442 -10.50 2.03 -10.51
C LEU B 442 -11.94 2.51 -10.25
N LEU B 443 -12.16 3.50 -9.41
CA LEU B 443 -13.33 4.37 -9.55
C LEU B 443 -12.80 5.77 -9.81
N HIS B 444 -11.56 6.11 -9.47
CA HIS B 444 -11.05 7.49 -9.63
C HIS B 444 -10.73 7.81 -11.08
N SER B 445 -10.72 6.80 -11.95
CA SER B 445 -10.38 6.99 -13.37
C SER B 445 -11.55 7.57 -14.14
N LEU B 446 -11.31 7.80 -15.44
CA LEU B 446 -12.34 7.93 -16.49
C LEU B 446 -12.50 6.56 -17.12
N ASP B 447 -13.05 6.46 -18.33
CA ASP B 447 -13.02 5.23 -19.15
C ASP B 447 -13.93 4.16 -18.54
N GLN B 448 -15.24 4.37 -18.64
CA GLN B 448 -16.28 3.73 -17.81
C GLN B 448 -16.15 2.20 -17.75
N SER B 449 -15.46 1.55 -18.67
CA SER B 449 -15.19 0.09 -18.54
C SER B 449 -14.33 -0.21 -17.30
N ILE B 450 -13.36 0.65 -17.02
CA ILE B 450 -12.57 0.63 -15.77
C ILE B 450 -13.49 0.82 -14.56
N ILE B 451 -14.30 1.87 -14.59
CA ILE B 451 -15.19 2.23 -13.47
C ILE B 451 -16.17 1.10 -13.29
N SER B 452 -16.67 0.52 -14.38
CA SER B 452 -17.56 -0.64 -14.27
C SER B 452 -16.85 -1.77 -13.55
N PHE B 453 -15.57 -1.95 -13.85
CA PHE B 453 -14.76 -3.04 -13.26
C PHE B 453 -14.68 -2.80 -11.77
N GLY B 454 -14.28 -1.60 -11.35
CA GLY B 454 -14.19 -1.24 -9.91
C GLY B 454 -15.51 -1.47 -9.20
N SER B 455 -16.58 -0.94 -9.75
CA SER B 455 -17.94 -1.23 -9.30
C SER B 455 -18.15 -2.74 -9.05
N LEU B 456 -17.80 -3.59 -10.03
CA LEU B 456 -17.91 -5.07 -9.86
C LEU B 456 -17.01 -5.60 -8.72
N LEU B 457 -15.85 -5.00 -8.55
CA LEU B 457 -14.98 -5.43 -7.46
C LEU B 457 -15.66 -5.28 -6.11
N TYR B 458 -16.26 -4.08 -5.93
CA TYR B 458 -16.92 -3.66 -4.68
C TYR B 458 -18.11 -4.54 -4.50
N LYS B 459 -18.79 -4.88 -5.60
CA LYS B 459 -20.01 -5.69 -5.48
C LYS B 459 -19.65 -7.08 -5.02
N TYR B 460 -18.58 -7.66 -5.61
CA TYR B 460 -18.22 -9.06 -5.29
C TYR B 460 -17.57 -9.12 -3.91
N ALA B 461 -16.71 -8.15 -3.61
CA ALA B 461 -16.06 -8.07 -2.30
C ALA B 461 -17.16 -8.14 -1.27
N PHE B 462 -18.20 -7.31 -1.47
CA PHE B 462 -19.32 -7.24 -0.53
C PHE B 462 -20.01 -8.60 -0.49
N LYS B 463 -20.20 -9.24 -1.66
CA LYS B 463 -21.05 -10.45 -1.72
C LYS B 463 -20.42 -11.69 -1.11
N PHE B 464 -19.14 -11.94 -1.38
CA PHE B 464 -18.42 -13.21 -1.04
C PHE B 464 -17.71 -13.19 0.29
N PHE B 465 -17.10 -12.07 0.68
CA PHE B 465 -16.33 -11.98 1.94
C PHE B 465 -17.26 -11.98 3.18
N ASP B 466 -16.63 -11.95 4.35
CA ASP B 466 -17.36 -11.97 5.64
C ASP B 466 -17.80 -10.55 6.03
N THR B 467 -18.44 -10.42 7.18
CA THR B 467 -19.16 -9.19 7.61
C THR B 467 -18.23 -8.04 7.95
N TYR B 468 -16.93 -8.24 8.04
CA TYR B 468 -16.01 -7.13 8.29
C TYR B 468 -15.73 -6.42 6.99
N CYS B 469 -15.55 -7.17 5.93
CA CYS B 469 -15.23 -6.60 4.60
C CYS B 469 -16.47 -5.92 4.07
N GLN B 470 -17.65 -6.39 4.45
CA GLN B 470 -18.89 -5.72 4.02
C GLN B 470 -18.85 -4.28 4.54
N GLN B 471 -18.54 -4.18 5.82
CA GLN B 471 -18.46 -2.92 6.57
C GLN B 471 -17.40 -2.00 5.95
N GLU B 472 -16.25 -2.53 5.54
CA GLU B 472 -15.22 -1.74 4.87
C GLU B 472 -15.62 -1.25 3.48
N VAL B 473 -16.35 -2.14 2.78
CA VAL B 473 -16.98 -1.82 1.46
C VAL B 473 -17.99 -0.68 1.60
N VAL B 474 -18.94 -0.83 2.53
CA VAL B 474 -19.93 0.25 2.66
C VAL B 474 -19.28 1.59 3.04
N GLY B 475 -18.36 1.49 3.99
CA GLY B 475 -17.60 2.64 4.33
C GLY B 475 -17.05 3.25 3.07
N ALA B 476 -16.58 2.41 2.16
CA ALA B 476 -15.77 3.02 1.12
C ALA B 476 -16.60 3.70 0.09
N LEU B 477 -17.73 3.07 -0.17
CA LEU B 477 -18.69 3.70 -1.11
C LEU B 477 -19.20 5.04 -0.50
N VAL B 478 -19.52 5.00 0.78
CA VAL B 478 -19.97 6.22 1.49
C VAL B 478 -18.89 7.26 1.34
N THR B 479 -17.70 6.85 1.45
CA THR B 479 -16.71 7.86 1.33
C THR B 479 -16.69 8.38 -0.07
N HIS B 480 -17.01 7.53 -1.06
CA HIS B 480 -17.08 7.91 -2.55
C HIS B 480 -18.17 8.99 -2.78
N ILE B 481 -19.33 8.65 -2.25
CA ILE B 481 -20.49 9.49 -2.37
C ILE B 481 -20.21 10.89 -1.79
N CYS B 482 -19.75 10.92 -0.53
CA CYS B 482 -19.68 12.17 0.21
C CYS B 482 -18.55 13.02 -0.30
N SER B 483 -17.38 12.42 -0.51
CA SER B 483 -16.23 13.23 -0.92
C SER B 483 -16.36 13.41 -2.43
N GLY B 484 -16.19 12.33 -3.17
CA GLY B 484 -16.74 12.19 -4.52
C GLY B 484 -16.32 13.16 -5.61
N ASN B 485 -16.60 12.73 -6.85
CA ASN B 485 -16.92 13.58 -8.02
C ASN B 485 -17.91 12.79 -8.87
N GLU B 486 -18.62 13.49 -9.77
CA GLU B 486 -20.00 13.12 -10.19
C GLU B 486 -20.10 11.63 -10.51
N ALA B 487 -19.25 11.12 -11.40
CA ALA B 487 -19.43 9.78 -11.97
C ALA B 487 -19.17 8.73 -10.89
N GLU B 488 -18.19 9.01 -10.05
CA GLU B 488 -17.85 8.16 -8.90
C GLU B 488 -19.01 8.10 -7.89
N VAL B 489 -19.66 9.24 -7.72
CA VAL B 489 -20.86 9.31 -6.84
C VAL B 489 -22.01 8.50 -7.42
N ASP B 490 -22.21 8.65 -8.74
CA ASP B 490 -23.29 7.94 -9.44
C ASP B 490 -23.04 6.43 -9.36
N THR B 491 -21.80 6.03 -9.60
CA THR B 491 -21.43 4.61 -9.62
C THR B 491 -21.64 4.00 -8.23
N ALA B 492 -21.13 4.68 -7.22
CA ALA B 492 -21.31 4.26 -5.82
C ALA B 492 -22.79 4.19 -5.41
N LEU B 493 -23.62 5.10 -5.91
CA LEU B 493 -25.06 5.02 -5.62
C LEU B 493 -25.70 3.84 -6.33
N ASP B 494 -25.19 3.55 -7.54
CA ASP B 494 -25.70 2.39 -8.30
C ASP B 494 -25.32 1.12 -7.54
N VAL B 495 -24.10 1.09 -7.04
CA VAL B 495 -23.63 -0.10 -6.29
C VAL B 495 -24.49 -0.29 -5.05
N LEU B 496 -24.77 0.80 -4.39
CA LEU B 496 -25.58 0.77 -3.18
C LEU B 496 -26.97 0.26 -3.48
N LEU B 497 -27.56 0.67 -4.61
CA LEU B 497 -28.85 0.09 -5.02
C LEU B 497 -28.73 -1.43 -5.21
N GLU B 498 -27.65 -1.89 -5.84
CA GLU B 498 -27.47 -3.34 -6.07
C GLU B 498 -27.29 -4.07 -4.75
N LEU B 499 -26.62 -3.44 -3.80
CA LEU B 499 -26.30 -4.06 -2.50
C LEU B 499 -27.54 -4.13 -1.59
N VAL B 500 -28.45 -3.17 -1.71
CA VAL B 500 -29.70 -3.18 -0.91
C VAL B 500 -30.68 -4.13 -1.56
N VAL B 501 -30.61 -4.29 -2.88
CA VAL B 501 -31.45 -5.31 -3.58
C VAL B 501 -30.96 -6.71 -3.17
N LEU B 502 -29.65 -6.90 -3.22
CA LEU B 502 -29.02 -8.22 -3.11
C LEU B 502 -29.19 -8.79 -1.70
N ASN B 503 -28.65 -8.11 -0.70
CA ASN B 503 -28.74 -8.51 0.73
C ASN B 503 -29.01 -7.26 1.56
N PRO B 504 -30.29 -6.92 1.84
CA PRO B 504 -30.59 -5.75 2.68
C PRO B 504 -30.40 -6.02 4.17
N SER B 505 -30.26 -7.29 4.56
CA SER B 505 -30.05 -7.68 5.97
C SER B 505 -28.69 -7.19 6.48
N ALA B 506 -27.63 -7.48 5.72
CA ALA B 506 -26.24 -7.12 6.08
C ALA B 506 -25.94 -5.65 5.78
N MET B 507 -26.74 -4.99 4.97
CA MET B 507 -26.56 -3.55 4.72
C MET B 507 -27.23 -2.73 5.83
N MET B 508 -28.26 -3.27 6.47
CA MET B 508 -28.89 -2.58 7.60
C MET B 508 -27.92 -2.49 8.78
N MET B 509 -27.12 -3.53 9.04
CA MET B 509 -26.09 -3.45 10.11
C MET B 509 -25.05 -2.35 9.84
N ASN B 510 -24.93 -1.90 8.58
CA ASN B 510 -24.04 -0.78 8.17
C ASN B 510 -24.89 0.42 7.76
N ALA B 511 -26.06 0.60 8.40
CA ALA B 511 -27.04 1.68 8.09
C ALA B 511 -26.59 3.05 8.59
N VAL B 512 -25.76 3.08 9.62
CA VAL B 512 -25.31 4.32 10.28
C VAL B 512 -24.45 5.11 9.30
N PHE B 513 -23.59 4.42 8.56
CA PHE B 513 -22.73 5.13 7.59
C PHE B 513 -23.59 5.78 6.53
N VAL B 514 -24.63 5.07 6.13
CA VAL B 514 -25.48 5.52 5.00
C VAL B 514 -26.28 6.72 5.52
N LYS B 515 -26.82 6.60 6.74
CA LYS B 515 -27.60 7.70 7.35
C LYS B 515 -26.69 8.94 7.34
N GLY B 516 -25.43 8.75 7.70
CA GLY B 516 -24.55 9.89 7.90
C GLY B 516 -24.25 10.60 6.59
N ILE B 517 -24.83 10.16 5.49
CA ILE B 517 -24.55 10.86 4.21
C ILE B 517 -25.34 12.16 4.21
N LEU B 518 -26.47 12.18 4.96
CA LEU B 518 -27.38 13.34 5.05
C LEU B 518 -26.67 14.57 5.62
N ASP B 519 -25.60 14.37 6.39
CA ASP B 519 -24.80 15.50 6.87
C ASP B 519 -23.93 16.09 5.76
N TYR B 520 -23.86 15.47 4.61
CA TYR B 520 -22.93 15.88 3.54
C TYR B 520 -23.67 16.03 2.19
N LEU B 521 -24.88 16.59 2.16
CA LEU B 521 -25.67 16.67 0.90
C LEU B 521 -25.36 17.87 0.02
N ASP B 522 -24.32 18.67 0.31
CA ASP B 522 -24.02 19.89 -0.48
C ASP B 522 -23.24 19.50 -1.74
N ASN B 523 -22.47 18.43 -1.64
CA ASN B 523 -21.73 17.83 -2.78
C ASN B 523 -22.70 17.25 -3.80
N ILE B 524 -23.86 16.77 -3.37
CA ILE B 524 -24.74 15.92 -4.20
C ILE B 524 -25.67 16.81 -5.04
N SER B 525 -25.89 16.38 -6.29
CA SER B 525 -26.79 16.98 -7.30
C SER B 525 -28.09 16.19 -7.34
N PRO B 526 -29.24 16.85 -7.60
CA PRO B 526 -30.55 16.25 -7.31
C PRO B 526 -31.04 15.04 -8.11
N GLN B 527 -30.34 14.76 -9.20
CA GLN B 527 -30.41 13.47 -9.92
C GLN B 527 -29.88 12.36 -9.00
N GLN B 528 -28.79 12.63 -8.27
CA GLN B 528 -28.21 11.65 -7.33
C GLN B 528 -29.10 11.60 -6.10
N ILE B 529 -29.73 12.71 -5.74
CA ILE B 529 -30.51 12.80 -4.49
C ILE B 529 -31.74 11.92 -4.58
N ARG B 530 -32.35 11.86 -5.75
CA ARG B 530 -33.45 10.90 -5.93
C ARG B 530 -32.98 9.47 -5.65
N LYS B 531 -31.81 9.11 -6.19
CA LYS B 531 -31.25 7.75 -5.97
C LYS B 531 -30.93 7.56 -4.48
N LEU B 532 -30.37 8.60 -3.85
CA LEU B 532 -29.87 8.50 -2.46
C LEU B 532 -31.04 8.19 -1.57
N PHE B 533 -32.11 8.97 -1.73
CA PHE B 533 -33.30 8.80 -0.90
C PHE B 533 -34.06 7.53 -1.29
N TYR B 534 -33.92 7.07 -2.54
CA TYR B 534 -34.37 5.71 -2.90
C TYR B 534 -33.67 4.69 -2.00
N VAL B 535 -32.35 4.80 -1.92
CA VAL B 535 -31.54 3.81 -1.16
C VAL B 535 -32.03 3.87 0.29
N LEU B 536 -32.06 5.08 0.81
CA LEU B 536 -32.17 5.24 2.26
C LEU B 536 -33.55 4.77 2.71
N SER B 537 -34.56 5.15 1.94
CA SER B 537 -35.95 4.75 2.19
C SER B 537 -36.10 3.23 1.97
N THR B 538 -35.42 2.65 0.99
CA THR B 538 -35.50 1.19 0.71
C THR B 538 -34.92 0.42 1.90
N LEU B 539 -33.85 0.95 2.50
CA LEU B 539 -33.35 0.42 3.79
C LEU B 539 -34.42 0.60 4.86
N ALA B 540 -34.99 1.80 4.91
CA ALA B 540 -35.79 2.25 6.05
C ALA B 540 -37.06 1.41 6.18
N PHE B 541 -37.78 1.20 5.09
CA PHE B 541 -39.13 0.56 5.09
C PHE B 541 -38.98 -0.93 4.84
N SER B 542 -38.26 -1.59 5.74
CA SER B 542 -38.29 -3.04 5.99
C SER B 542 -38.63 -3.24 7.47
N LYS B 543 -39.70 -4.01 7.73
CA LYS B 543 -40.29 -4.14 9.09
C LYS B 543 -39.40 -5.00 10.00
N GLN B 544 -38.33 -5.63 9.48
CA GLN B 544 -37.46 -6.53 10.26
C GLN B 544 -36.48 -5.73 11.12
N ASN B 545 -36.28 -4.44 10.83
CA ASN B 545 -35.43 -3.53 11.65
C ASN B 545 -36.16 -2.20 11.82
N GLU B 546 -37.33 -2.28 12.44
CA GLU B 546 -38.08 -1.09 12.90
C GLU B 546 -37.40 -0.49 14.13
N ALA B 547 -36.65 -1.28 14.91
CA ALA B 547 -36.05 -0.84 16.19
C ALA B 547 -35.04 0.29 15.93
N SER B 548 -34.31 0.20 14.83
CA SER B 548 -33.49 1.30 14.26
C SER B 548 -34.30 2.02 13.19
N SER B 549 -35.35 2.73 13.63
CA SER B 549 -36.13 3.69 12.80
C SER B 549 -35.52 5.09 12.88
N HIS B 550 -34.26 5.20 13.32
CA HIS B 550 -33.56 6.48 13.52
C HIS B 550 -33.40 7.18 12.17
N ILE B 551 -33.30 6.41 11.09
CA ILE B 551 -33.01 7.02 9.77
C ILE B 551 -34.28 7.67 9.24
N GLN B 552 -35.46 7.20 9.65
CA GLN B 552 -36.71 7.90 9.30
C GLN B 552 -36.72 9.28 9.97
N ASP B 553 -36.35 9.34 11.25
CA ASP B 553 -36.36 10.61 11.99
C ASP B 553 -35.39 11.58 11.32
N ASP B 554 -34.21 11.09 10.94
CA ASP B 554 -33.16 11.96 10.34
C ASP B 554 -33.56 12.39 8.92
N MET B 555 -34.23 11.50 8.19
CA MET B 555 -34.76 11.83 6.85
C MET B 555 -35.85 12.88 6.96
N HIS B 556 -36.78 12.67 7.89
CA HIS B 556 -37.89 13.61 8.13
C HIS B 556 -37.30 14.96 8.53
N LEU B 557 -36.29 14.97 9.39
CA LEU B 557 -35.68 16.24 9.82
C LEU B 557 -35.11 16.99 8.62
N VAL B 558 -34.33 16.32 7.78
CA VAL B 558 -33.64 17.04 6.67
C VAL B 558 -34.67 17.45 5.64
N ILE B 559 -35.70 16.65 5.45
CA ILE B 559 -36.83 17.02 4.56
C ILE B 559 -37.44 18.33 5.08
N ARG B 560 -37.76 18.32 6.36
CA ARG B 560 -38.56 19.39 6.99
C ARG B 560 -37.69 20.65 7.08
N LYS B 561 -36.38 20.53 7.21
CA LYS B 561 -35.50 21.71 7.30
C LYS B 561 -35.27 22.30 5.92
N GLN B 562 -35.21 21.45 4.92
CA GLN B 562 -35.03 21.92 3.54
C GLN B 562 -36.34 22.60 3.13
N LEU B 563 -37.45 21.86 3.29
CA LEU B 563 -38.78 22.27 2.78
C LEU B 563 -39.10 23.66 3.29
N SER B 564 -38.74 23.92 4.53
CA SER B 564 -39.04 25.16 5.24
C SER B 564 -37.89 26.12 5.03
N SER B 565 -37.67 26.51 3.79
CA SER B 565 -36.61 27.44 3.40
C SER B 565 -37.06 28.21 2.17
N THR B 566 -36.75 29.50 2.14
CA THR B 566 -37.04 30.38 0.99
C THR B 566 -36.20 29.95 -0.22
N VAL B 567 -34.94 29.55 0.01
CA VAL B 567 -33.97 29.23 -1.07
C VAL B 567 -34.48 27.98 -1.78
N PHE B 568 -34.76 28.11 -3.09
CA PHE B 568 -35.37 27.06 -3.92
C PHE B 568 -34.41 25.86 -4.06
N LYS B 569 -33.10 26.11 -4.04
CA LYS B 569 -32.06 25.06 -4.16
C LYS B 569 -32.19 24.02 -3.05
N TYR B 570 -32.64 24.42 -1.86
CA TYR B 570 -32.90 23.49 -0.74
C TYR B 570 -34.31 22.92 -0.84
N LYS B 571 -35.24 23.74 -1.29
CA LYS B 571 -36.66 23.33 -1.37
C LYS B 571 -36.82 22.17 -2.35
N LEU B 572 -36.10 22.20 -3.48
CA LEU B 572 -36.18 21.10 -4.47
C LEU B 572 -35.68 19.81 -3.85
N ILE B 573 -34.60 19.88 -3.07
CA ILE B 573 -34.07 18.69 -2.37
C ILE B 573 -35.19 18.13 -1.52
N GLY B 574 -35.86 19.02 -0.79
CA GLY B 574 -36.91 18.61 0.14
C GLY B 574 -38.04 17.93 -0.58
N ILE B 575 -38.45 18.54 -1.67
CA ILE B 575 -39.59 18.04 -2.48
C ILE B 575 -39.25 16.65 -3.01
N ILE B 576 -38.08 16.51 -3.62
CA ILE B 576 -37.65 15.27 -4.31
C ILE B 576 -37.53 14.14 -3.31
N GLY B 577 -36.81 14.39 -2.21
CA GLY B 577 -36.69 13.40 -1.13
C GLY B 577 -38.05 13.05 -0.58
N ALA B 578 -38.94 14.04 -0.50
CA ALA B 578 -40.26 13.88 0.14
C ALA B 578 -41.11 12.94 -0.70
N VAL B 579 -41.26 13.26 -1.97
CA VAL B 579 -42.13 12.44 -2.85
C VAL B 579 -41.50 11.07 -3.04
N THR B 580 -40.17 10.99 -3.00
CA THR B 580 -39.45 9.71 -3.16
C THR B 580 -39.69 8.82 -1.93
N MET B 581 -39.57 9.40 -0.75
CA MET B 581 -39.94 8.71 0.49
C MET B 581 -41.39 8.24 0.36
N ALA B 582 -42.28 9.10 -0.14
CA ALA B 582 -43.70 8.79 -0.25
C ALA B 582 -43.88 7.56 -1.15
N GLY B 583 -43.15 7.55 -2.27
CA GLY B 583 -43.25 6.48 -3.26
C GLY B 583 -42.80 5.16 -2.70
N ILE B 584 -41.78 5.17 -1.88
CA ILE B 584 -41.23 3.90 -1.35
C ILE B 584 -42.16 3.38 -0.25
N MET B 585 -42.73 4.26 0.57
CA MET B 585 -43.61 3.78 1.65
C MET B 585 -45.00 3.45 1.13
N ALA B 586 -45.30 3.75 -0.15
CA ALA B 586 -46.47 3.24 -0.90
C ALA B 586 -46.08 1.93 -1.63
N ALA B 587 -46.54 0.77 -1.14
CA ALA B 587 -46.09 -0.57 -1.59
C ALA B 587 -46.68 -0.90 -2.97
N ASP B 604 -53.10 2.04 7.49
CA ASP B 604 -53.45 3.44 7.13
C ASP B 604 -52.55 4.48 7.83
N GLU B 605 -51.76 4.10 8.85
CA GLU B 605 -50.84 5.02 9.53
C GLU B 605 -49.84 5.55 8.49
N GLN B 606 -49.32 4.65 7.65
CA GLN B 606 -48.40 5.03 6.55
C GLN B 606 -49.10 6.04 5.64
N CYS B 607 -50.39 5.84 5.36
CA CYS B 607 -51.15 6.74 4.47
C CYS B 607 -51.31 8.11 5.12
N THR B 608 -51.49 8.15 6.44
CA THR B 608 -51.55 9.43 7.19
C THR B 608 -50.20 10.14 7.04
N GLN B 609 -49.11 9.37 7.15
CA GLN B 609 -47.74 9.91 6.99
C GLN B 609 -47.58 10.50 5.59
N VAL B 610 -47.99 9.75 4.58
CA VAL B 610 -47.80 10.16 3.16
C VAL B 610 -48.59 11.43 2.90
N THR B 611 -49.84 11.45 3.36
CA THR B 611 -50.76 12.57 3.08
C THR B 611 -50.26 13.82 3.81
N SER B 612 -49.83 13.65 5.05
CA SER B 612 -49.29 14.77 5.86
C SER B 612 -48.03 15.33 5.21
N LEU B 613 -47.15 14.44 4.80
CA LEU B 613 -45.86 14.80 4.15
C LEU B 613 -46.15 15.55 2.84
N LEU B 614 -47.04 15.01 2.02
CA LEU B 614 -47.34 15.63 0.70
C LEU B 614 -48.09 16.94 0.89
N GLN B 615 -48.95 17.03 1.90
CA GLN B 615 -49.65 18.31 2.20
C GLN B 615 -48.61 19.32 2.66
N LEU B 616 -47.62 18.88 3.43
CA LEU B 616 -46.53 19.76 3.88
C LEU B 616 -45.77 20.26 2.66
N VAL B 617 -45.51 19.38 1.71
CA VAL B 617 -44.77 19.77 0.49
C VAL B 617 -45.62 20.78 -0.27
N HIS B 618 -46.92 20.51 -0.37
CA HIS B 618 -47.86 21.40 -1.07
C HIS B 618 -47.83 22.78 -0.40
N SER B 619 -47.90 22.80 0.92
CA SER B 619 -47.95 24.05 1.70
C SER B 619 -46.68 24.86 1.46
N CYS B 620 -45.53 24.19 1.45
CA CYS B 620 -44.23 24.88 1.27
C CYS B 620 -44.07 25.33 -0.17
N SER B 621 -44.71 24.62 -1.09
CA SER B 621 -44.61 24.92 -2.52
C SER B 621 -45.55 26.07 -2.91
N GLU B 622 -46.79 26.07 -2.42
CA GLU B 622 -47.86 27.01 -2.87
C GLU B 622 -47.36 28.45 -3.01
N GLN B 623 -46.91 29.07 -1.91
CA GLN B 623 -46.73 30.55 -1.83
C GLN B 623 -45.63 31.01 -2.78
N SER B 624 -43.66 28.72 -3.80
CA SER B 624 -43.26 29.27 -5.12
C SER B 624 -44.01 28.55 -6.25
N PRO B 625 -44.32 29.22 -7.38
CA PRO B 625 -44.95 28.53 -8.52
C PRO B 625 -44.15 27.34 -9.06
N GLN B 626 -42.85 27.53 -9.29
CA GLN B 626 -41.99 26.46 -9.83
C GLN B 626 -41.83 25.33 -8.82
N ALA B 627 -41.93 25.61 -7.53
CA ALA B 627 -41.90 24.55 -6.50
C ALA B 627 -43.13 23.67 -6.65
N SER B 628 -44.32 24.26 -6.77
CA SER B 628 -45.58 23.50 -6.95
C SER B 628 -45.51 22.73 -8.25
N ALA B 629 -44.94 23.35 -9.27
CA ALA B 629 -44.74 22.71 -10.57
C ALA B 629 -43.85 21.47 -10.44
N LEU B 630 -42.74 21.59 -9.71
CA LEU B 630 -41.77 20.49 -9.51
C LEU B 630 -42.44 19.37 -8.74
N TYR B 631 -43.26 19.74 -7.76
CA TYR B 631 -44.05 18.78 -6.96
C TYR B 631 -44.92 17.95 -7.89
N TYR B 632 -45.68 18.65 -8.72
CA TYR B 632 -46.66 18.02 -9.63
C TYR B 632 -45.93 17.13 -10.62
N ASP B 633 -44.83 17.64 -11.18
CA ASP B 633 -44.07 16.90 -12.21
C ASP B 633 -43.50 15.63 -11.61
N GLU B 634 -42.84 15.74 -10.46
CA GLU B 634 -42.11 14.60 -9.87
C GLU B 634 -43.10 13.57 -9.35
N PHE B 635 -44.22 14.02 -8.79
CA PHE B 635 -45.28 13.11 -8.34
C PHE B 635 -45.85 12.36 -9.54
N ALA B 636 -46.05 13.06 -10.66
CA ALA B 636 -46.58 12.43 -11.88
C ALA B 636 -45.61 11.36 -12.38
N ASN B 637 -44.32 11.69 -12.42
CA ASN B 637 -43.27 10.74 -12.85
C ASN B 637 -43.29 9.53 -11.92
N LEU B 638 -43.43 9.77 -10.62
CA LEU B 638 -43.52 8.68 -9.62
C LEU B 638 -44.70 7.76 -9.95
N ILE B 639 -45.84 8.31 -10.37
CA ILE B 639 -46.99 7.45 -10.74
C ILE B 639 -46.65 6.65 -12.00
N GLN B 640 -46.14 7.30 -13.05
CA GLN B 640 -46.07 6.61 -14.37
C GLN B 640 -45.03 5.49 -14.30
N HIS B 641 -43.98 5.65 -13.50
CA HIS B 641 -42.91 4.62 -13.39
C HIS B 641 -43.33 3.52 -12.43
N GLU B 642 -43.76 3.91 -11.22
CA GLU B 642 -44.28 3.00 -10.17
C GLU B 642 -45.77 3.30 -9.97
N LYS B 643 -46.63 2.35 -10.29
CA LYS B 643 -48.09 2.58 -10.40
C LYS B 643 -48.68 3.05 -9.07
N LEU B 644 -48.02 1.06 -6.67
CA LEU B 644 -48.37 1.34 -5.25
C LEU B 644 -49.85 1.09 -4.97
N ASP B 645 -50.18 1.01 -3.68
CA ASP B 645 -51.54 0.73 -3.16
C ASP B 645 -52.36 2.00 -3.32
N PRO B 646 -53.43 2.06 -4.16
CA PRO B 646 -54.11 3.32 -4.43
C PRO B 646 -55.03 3.70 -3.26
N LYS B 647 -54.41 4.06 -2.12
CA LYS B 647 -55.06 4.64 -0.94
C LYS B 647 -54.64 6.10 -0.79
N ALA B 648 -53.35 6.39 -0.90
CA ALA B 648 -52.85 7.78 -0.96
C ALA B 648 -53.28 8.40 -2.30
N LEU B 649 -53.43 7.59 -3.34
CA LEU B 649 -53.74 8.09 -4.69
C LEU B 649 -55.20 8.54 -4.75
N GLU B 650 -56.10 7.68 -4.28
CA GLU B 650 -57.54 8.03 -4.16
C GLU B 650 -57.69 9.15 -3.12
N TRP B 651 -56.81 9.23 -2.14
CA TRP B 651 -56.80 10.35 -1.18
C TRP B 651 -56.53 11.65 -1.91
N VAL B 652 -55.48 11.69 -2.74
CA VAL B 652 -55.06 12.96 -3.37
C VAL B 652 -56.02 13.30 -4.51
N GLY B 653 -56.42 12.30 -5.31
CA GLY B 653 -57.18 12.51 -6.56
C GLY B 653 -58.53 13.17 -6.34
N GLN B 654 -59.15 12.98 -5.18
CA GLN B 654 -60.41 13.67 -4.81
C GLN B 654 -60.15 15.16 -4.53
N THR B 655 -58.91 15.53 -4.22
CA THR B 655 -58.47 16.94 -4.05
C THR B 655 -58.03 17.48 -5.41
N ILE B 656 -57.32 16.66 -6.19
CA ILE B 656 -56.72 17.11 -7.48
C ILE B 656 -57.86 17.47 -8.44
N CYS B 657 -58.84 16.58 -8.57
CA CYS B 657 -59.96 16.78 -9.51
C CYS B 657 -60.76 18.03 -9.11
N ASN B 658 -61.02 18.19 -7.81
CA ASN B 658 -61.83 19.34 -7.33
C ASN B 658 -61.05 20.63 -7.51
N ASP B 659 -59.76 20.62 -7.15
CA ASP B 659 -58.91 21.83 -7.26
C ASP B 659 -58.78 22.22 -8.73
N PHE B 660 -58.65 21.25 -9.63
CA PHE B 660 -58.53 21.53 -11.08
C PHE B 660 -59.85 22.07 -11.62
N GLN B 661 -60.98 21.48 -11.23
CA GLN B 661 -62.28 21.83 -11.82
C GLN B 661 -62.81 23.18 -11.29
N ASP B 662 -62.21 23.75 -10.23
CA ASP B 662 -62.50 25.14 -9.77
C ASP B 662 -61.32 26.09 -10.06
N ALA B 663 -60.11 25.59 -10.29
CA ALA B 663 -58.91 26.44 -10.51
C ALA B 663 -58.92 26.99 -11.94
N PHE B 664 -59.26 26.16 -12.92
CA PHE B 664 -59.18 26.50 -14.36
C PHE B 664 -60.51 26.30 -15.08
N VAL B 665 -61.28 25.29 -14.70
CA VAL B 665 -62.54 24.94 -15.40
C VAL B 665 -63.59 26.00 -15.01
N VAL B 666 -64.05 26.74 -16.02
CA VAL B 666 -65.09 27.78 -15.89
C VAL B 666 -66.26 27.36 -16.78
N ASP B 667 -67.48 27.72 -16.39
CA ASP B 667 -68.66 27.63 -17.29
C ASP B 667 -68.39 28.51 -18.52
N SER B 668 -68.81 28.08 -19.71
CA SER B 668 -68.54 28.83 -20.96
C SER B 668 -69.39 30.10 -20.97
N CYS B 669 -68.97 31.11 -20.20
CA CYS B 669 -69.42 32.51 -20.32
C CYS B 669 -68.32 33.28 -21.05
N VAL B 670 -68.69 34.07 -22.04
CA VAL B 670 -67.73 34.62 -23.03
C VAL B 670 -66.74 35.55 -22.32
N VAL B 671 -67.27 36.56 -21.63
CA VAL B 671 -66.46 37.57 -20.89
C VAL B 671 -66.65 37.29 -19.39
N PRO B 672 -65.58 37.04 -18.62
CA PRO B 672 -65.70 37.02 -17.17
C PRO B 672 -65.46 38.42 -16.60
N GLU B 673 -65.52 38.52 -15.28
CA GLU B 673 -65.20 39.76 -14.55
C GLU B 673 -63.72 40.12 -14.79
N GLY B 674 -63.36 41.32 -14.33
CA GLY B 674 -61.98 41.83 -14.41
C GLY B 674 -61.81 42.77 -15.58
N ASP B 675 -60.87 43.70 -15.40
CA ASP B 675 -60.54 44.77 -16.38
C ASP B 675 -59.39 44.28 -17.26
N PHE B 676 -59.70 44.01 -18.53
CA PHE B 676 -58.75 43.42 -19.51
C PHE B 676 -58.63 44.35 -20.71
N PRO B 677 -57.42 44.75 -21.15
CA PRO B 677 -57.29 45.51 -22.40
C PRO B 677 -57.17 44.60 -23.62
N PHE B 678 -57.97 43.53 -23.67
CA PHE B 678 -57.88 42.46 -24.67
C PHE B 678 -59.25 41.81 -24.86
N PRO B 679 -59.76 41.66 -26.12
CA PRO B 679 -61.04 40.98 -26.31
C PRO B 679 -60.94 39.50 -25.93
N VAL B 680 -61.48 39.16 -24.77
CA VAL B 680 -61.41 37.78 -24.23
C VAL B 680 -62.54 36.96 -24.84
N LYS B 681 -62.19 35.89 -25.54
CA LYS B 681 -63.15 34.95 -26.13
C LYS B 681 -62.78 33.53 -25.70
N ALA B 682 -63.57 32.57 -26.13
CA ALA B 682 -63.34 31.12 -25.95
C ALA B 682 -62.79 30.56 -27.28
N LEU B 683 -61.48 30.71 -27.49
CA LEU B 683 -60.80 30.37 -28.76
C LEU B 683 -60.41 28.89 -28.80
N TYR B 684 -60.01 28.42 -29.98
CA TYR B 684 -59.45 27.06 -30.22
C TYR B 684 -60.34 25.95 -29.68
N GLY B 685 -61.64 26.19 -29.61
CA GLY B 685 -62.60 25.11 -29.48
C GLY B 685 -62.64 24.32 -30.77
N LEU B 686 -63.08 23.07 -30.66
CA LEU B 686 -63.08 22.13 -31.80
C LEU B 686 -64.35 22.26 -32.66
N GLU B 687 -65.41 22.94 -32.15
CA GLU B 687 -66.59 23.43 -32.92
C GLU B 687 -67.60 22.32 -33.26
N GLU B 688 -67.26 21.03 -33.09
CA GLU B 688 -68.29 19.97 -32.96
C GLU B 688 -69.05 20.22 -31.65
N TYR B 689 -68.30 20.68 -30.65
CA TYR B 689 -68.78 21.21 -29.35
C TYR B 689 -69.84 22.29 -29.57
N ASP B 690 -70.91 22.21 -28.78
CA ASP B 690 -71.92 23.28 -28.66
C ASP B 690 -71.27 24.44 -27.91
N THR B 691 -71.47 25.67 -28.38
CA THR B 691 -70.84 26.87 -27.78
C THR B 691 -71.46 27.17 -26.41
N GLN B 692 -72.79 27.14 -26.31
CA GLN B 692 -73.55 27.54 -25.10
C GLN B 692 -73.56 26.39 -24.08
N ASN B 693 -72.37 26.08 -23.55
CA ASN B 693 -72.07 24.83 -22.82
C ASN B 693 -71.24 25.16 -21.57
N GLY B 694 -70.64 24.14 -20.96
CA GLY B 694 -69.91 24.26 -19.70
C GLY B 694 -68.45 24.57 -19.90
N ILE B 695 -67.65 23.52 -20.10
CA ILE B 695 -66.20 23.48 -19.78
C ILE B 695 -65.45 24.43 -20.72
N ALA B 696 -64.77 25.41 -20.14
CA ALA B 696 -63.78 26.28 -20.82
C ALA B 696 -62.67 26.52 -19.82
N ILE B 697 -61.48 26.87 -20.29
CA ILE B 697 -60.27 26.86 -19.42
C ILE B 697 -59.73 28.27 -19.31
N ASN B 698 -59.65 28.74 -18.08
CA ASN B 698 -59.29 30.13 -17.75
C ASN B 698 -57.79 30.22 -17.88
N LEU B 699 -57.27 31.07 -18.75
CA LEU B 699 -55.82 31.37 -18.71
C LEU B 699 -55.60 32.84 -18.41
N LEU B 700 -56.23 33.70 -19.19
CA LEU B 700 -55.81 35.10 -19.23
C LEU B 700 -56.21 35.81 -17.94
N PRO B 701 -57.41 35.60 -17.37
CA PRO B 701 -57.70 36.18 -16.06
C PRO B 701 -56.75 35.67 -14.97
N LEU B 702 -56.25 34.44 -15.09
CA LEU B 702 -55.30 33.92 -14.09
C LEU B 702 -53.99 34.70 -14.18
N LEU B 703 -53.37 34.71 -15.36
CA LEU B 703 -52.03 35.32 -15.50
C LEU B 703 -52.11 36.84 -15.33
N PHE B 704 -53.25 37.43 -15.65
CA PHE B 704 -53.47 38.87 -15.40
C PHE B 704 -53.59 39.11 -13.89
N SER B 705 -54.26 38.22 -13.18
CA SER B 705 -54.41 38.33 -11.71
C SER B 705 -53.05 38.14 -11.04
N GLN B 706 -52.16 37.33 -11.62
CA GLN B 706 -50.81 37.16 -11.05
C GLN B 706 -50.02 38.46 -11.16
N ASP B 707 -50.24 39.25 -12.22
CA ASP B 707 -49.52 40.52 -12.47
C ASP B 707 -50.52 41.67 -12.70
N SER B 726 -49.67 29.22 -10.29
CA SER B 726 -51.09 28.83 -10.39
C SER B 726 -51.48 28.60 -11.86
N PRO B 727 -51.13 29.47 -12.84
CA PRO B 727 -51.23 29.12 -14.26
C PRO B 727 -50.09 28.24 -14.73
N LEU B 728 -48.91 28.43 -14.14
CA LEU B 728 -47.66 27.73 -14.52
C LEU B 728 -47.73 26.24 -14.28
N CYS B 729 -48.72 25.75 -13.55
CA CYS B 729 -48.83 24.32 -13.21
C CYS B 729 -49.83 23.61 -14.12
N LEU B 730 -50.46 24.32 -15.06
CA LEU B 730 -51.57 23.77 -15.88
C LEU B 730 -51.16 22.43 -16.48
N ALA B 731 -50.03 22.44 -17.16
CA ALA B 731 -49.58 21.27 -17.88
C ALA B 731 -49.27 20.14 -16.93
N PRO B 732 -48.37 20.32 -15.95
CA PRO B 732 -48.00 19.21 -15.10
C PRO B 732 -49.19 18.72 -14.29
N TYR B 733 -50.05 19.64 -13.91
CA TYR B 733 -51.24 19.26 -13.15
C TYR B 733 -52.13 18.38 -14.03
N PHE B 734 -52.24 18.70 -15.32
CA PHE B 734 -53.03 17.87 -16.24
C PHE B 734 -52.36 16.52 -16.40
N ARG B 735 -51.04 16.51 -16.40
CA ARG B 735 -50.31 15.25 -16.54
C ARG B 735 -50.65 14.38 -15.35
N LEU B 736 -50.70 15.00 -14.19
CA LEU B 736 -50.95 14.27 -12.95
C LEU B 736 -52.35 13.70 -13.04
N LEU B 737 -53.26 14.55 -13.49
CA LEU B 737 -54.67 14.20 -13.60
C LEU B 737 -54.79 13.02 -14.55
N ARG B 738 -54.14 13.14 -15.70
CA ARG B 738 -54.18 12.11 -16.76
C ARG B 738 -53.70 10.79 -16.18
N LEU B 739 -52.60 10.86 -15.46
CA LEU B 739 -51.94 9.60 -15.05
C LEU B 739 -52.77 8.94 -13.98
N CYS B 740 -53.35 9.71 -13.08
CA CYS B 740 -54.12 9.10 -11.98
C CYS B 740 -55.41 8.52 -12.55
N VAL B 741 -56.02 9.18 -13.52
CA VAL B 741 -57.28 8.66 -14.10
C VAL B 741 -56.97 7.46 -14.99
N GLU B 742 -55.79 7.42 -15.61
CA GLU B 742 -55.40 6.23 -16.39
C GLU B 742 -55.15 5.06 -15.45
N ARG B 743 -54.65 5.34 -14.25
CA ARG B 743 -54.48 4.28 -13.23
C ARG B 743 -55.82 3.86 -12.68
N GLN B 744 -56.76 4.79 -12.53
CA GLN B 744 -58.08 4.50 -11.95
C GLN B 744 -58.92 3.70 -12.95
N HIS B 745 -59.19 4.31 -14.10
CA HIS B 745 -60.14 3.78 -15.11
C HIS B 745 -59.44 2.96 -16.19
N ASN B 746 -58.13 2.71 -16.04
CA ASN B 746 -57.38 1.73 -16.87
C ASN B 746 -57.31 2.20 -18.33
N GLY B 747 -57.06 3.49 -18.54
CA GLY B 747 -56.91 4.09 -19.88
C GLY B 747 -58.14 4.81 -20.38
N ASN B 748 -59.29 4.63 -19.73
CA ASN B 748 -60.55 5.33 -20.07
C ASN B 748 -60.49 6.76 -19.52
N LEU B 749 -60.85 7.75 -20.33
CA LEU B 749 -60.87 9.19 -19.94
C LEU B 749 -62.28 9.75 -20.08
N GLU B 750 -63.26 8.99 -19.59
CA GLU B 750 -64.70 9.23 -19.86
C GLU B 750 -65.15 10.60 -19.33
N GLU B 751 -64.53 11.12 -18.27
CA GLU B 751 -64.90 12.42 -17.65
C GLU B 751 -63.94 13.53 -18.09
N ILE B 752 -62.92 13.22 -18.90
CA ILE B 752 -61.87 14.19 -19.30
C ILE B 752 -61.91 14.43 -20.81
N ASP B 753 -62.84 13.81 -21.53
CA ASP B 753 -62.97 14.06 -22.98
C ASP B 753 -63.37 15.51 -23.20
N GLY B 754 -64.13 16.11 -22.28
CA GLY B 754 -64.43 17.55 -22.32
C GLY B 754 -63.16 18.38 -22.35
N LEU B 755 -62.13 17.94 -21.61
CA LEU B 755 -60.84 18.65 -21.55
C LEU B 755 -60.16 18.63 -22.91
N LEU B 756 -60.44 17.60 -23.72
CA LEU B 756 -59.81 17.47 -25.06
C LEU B 756 -60.27 18.59 -25.97
N ASP B 757 -61.57 18.92 -25.93
CA ASP B 757 -62.24 19.77 -26.96
C ASP B 757 -62.72 21.12 -26.41
N CYS B 758 -62.57 21.38 -25.12
CA CYS B 758 -63.11 22.60 -24.49
C CYS B 758 -62.35 23.82 -24.98
N PRO B 759 -63.03 24.90 -25.40
CA PRO B 759 -62.31 26.10 -25.82
C PRO B 759 -61.45 26.62 -24.66
N ILE B 760 -60.66 27.64 -24.95
CA ILE B 760 -59.71 28.23 -24.00
C ILE B 760 -59.97 29.71 -23.89
N PHE B 761 -60.20 30.19 -22.67
CA PHE B 761 -60.49 31.62 -22.42
C PHE B 761 -59.19 32.40 -22.67
N LEU B 762 -59.01 32.76 -23.93
CA LEU B 762 -57.84 33.50 -24.43
C LEU B 762 -58.28 34.77 -25.13
N THR B 763 -57.35 35.72 -25.18
CA THR B 763 -57.45 36.94 -26.02
C THR B 763 -57.55 36.54 -27.50
N ASP B 764 -57.69 37.54 -28.36
CA ASP B 764 -57.62 37.39 -29.83
C ASP B 764 -56.18 37.07 -30.23
N LEU B 765 -55.90 35.80 -30.58
CA LEU B 765 -54.57 35.35 -31.06
C LEU B 765 -54.49 35.40 -32.58
N GLU B 766 -55.03 36.46 -33.15
CA GLU B 766 -54.77 36.90 -34.53
C GLU B 766 -53.30 37.34 -34.54
N PRO B 767 -52.55 37.19 -35.65
CA PRO B 767 -51.23 37.80 -35.73
C PRO B 767 -51.27 39.31 -35.44
N GLY B 768 -50.88 39.69 -34.23
CA GLY B 768 -50.95 41.05 -33.71
C GLY B 768 -49.91 41.98 -34.31
N GLU B 769 -50.10 42.36 -35.58
CA GLU B 769 -49.34 43.43 -36.26
C GLU B 769 -49.81 44.81 -35.80
N LYS B 770 -51.09 44.94 -35.45
CA LYS B 770 -51.63 46.18 -34.84
C LYS B 770 -51.15 46.28 -33.40
N LEU B 771 -50.89 45.14 -32.76
CA LEU B 771 -50.28 45.09 -31.41
C LEU B 771 -48.76 45.06 -31.62
N GLU B 772 -48.24 46.18 -32.12
CA GLU B 772 -46.80 46.41 -32.35
C GLU B 772 -46.43 47.81 -31.87
N SER B 773 -45.13 48.01 -31.61
CA SER B 773 -44.55 49.24 -31.04
C SER B 773 -45.19 49.60 -29.69
N MET B 774 -47.34 46.34 -28.94
CA MET B 774 -46.70 46.92 -27.73
C MET B 774 -45.71 45.93 -27.12
N SER B 775 -44.40 46.17 -27.25
CA SER B 775 -43.37 45.25 -26.69
C SER B 775 -43.14 45.54 -25.21
N ALA B 776 -44.21 45.77 -24.44
CA ALA B 776 -44.18 45.91 -22.97
C ALA B 776 -44.44 44.53 -22.37
N LYS B 777 -44.61 44.47 -21.04
CA LYS B 777 -44.86 43.20 -20.31
C LYS B 777 -46.06 42.45 -20.88
N GLU B 778 -47.01 43.15 -21.50
CA GLU B 778 -48.16 42.47 -22.14
C GLU B 778 -47.67 41.62 -23.31
N ARG B 779 -46.57 42.01 -23.95
CA ARG B 779 -45.98 41.15 -25.00
C ARG B 779 -45.51 39.85 -24.39
N SER B 780 -44.85 39.93 -23.24
CA SER B 780 -44.44 38.72 -22.50
C SER B 780 -45.70 37.96 -22.09
N PHE B 781 -46.78 38.65 -21.74
CA PHE B 781 -48.06 37.99 -21.38
C PHE B 781 -48.53 37.15 -22.56
N MET B 782 -48.51 37.74 -23.75
CA MET B 782 -48.99 37.01 -24.94
C MET B 782 -48.07 35.83 -25.23
N CYS B 783 -46.76 36.06 -25.19
CA CYS B 783 -45.81 35.01 -25.58
C CYS B 783 -45.96 33.84 -24.62
N SER B 784 -45.99 34.15 -23.33
CA SER B 784 -46.16 33.13 -22.27
C SER B 784 -47.52 32.47 -22.41
N LEU B 785 -48.52 33.24 -22.81
CA LEU B 785 -49.87 32.68 -22.96
C LEU B 785 -49.84 31.59 -24.02
N ILE B 786 -49.25 31.90 -25.17
CA ILE B 786 -49.25 30.96 -26.32
C ILE B 786 -48.41 29.77 -25.90
N PHE B 787 -47.35 30.05 -25.17
CA PHE B 787 -46.45 29.02 -24.65
C PHE B 787 -47.22 28.06 -23.74
N LEU B 788 -47.96 28.62 -22.82
CA LEU B 788 -48.66 27.81 -21.78
C LEU B 788 -49.68 26.93 -22.48
N THR B 789 -50.42 27.50 -23.40
CA THR B 789 -51.49 26.74 -24.07
C THR B 789 -50.86 25.67 -24.96
N LEU B 790 -49.69 25.93 -25.53
CA LEU B 790 -49.01 24.90 -26.34
C LEU B 790 -48.65 23.73 -25.46
N ASN B 791 -48.10 24.02 -24.27
CA ASN B 791 -47.70 22.96 -23.34
C ASN B 791 -48.93 22.19 -22.91
N TRP B 792 -50.00 22.91 -22.68
CA TRP B 792 -51.34 22.32 -22.43
C TRP B 792 -51.69 21.38 -23.59
N PHE B 793 -51.60 21.89 -24.80
CA PHE B 793 -52.00 21.14 -25.97
C PHE B 793 -51.12 19.89 -26.10
N ARG B 794 -49.83 20.04 -25.82
CA ARG B 794 -48.88 18.91 -25.98
C ARG B 794 -49.26 17.82 -25.02
N GLU B 795 -49.74 18.23 -23.86
CA GLU B 795 -50.13 17.23 -22.86
C GLU B 795 -51.39 16.53 -23.32
N ILE B 796 -52.24 17.23 -24.03
CA ILE B 796 -53.47 16.60 -24.51
C ILE B 796 -53.13 15.53 -25.54
N VAL B 797 -52.33 15.91 -26.52
CA VAL B 797 -52.06 14.97 -27.64
C VAL B 797 -51.23 13.81 -27.10
N ASN B 798 -50.43 14.10 -26.06
CA ASN B 798 -49.69 13.05 -25.35
C ASN B 798 -50.69 12.14 -24.67
N ALA B 799 -51.80 12.70 -24.20
CA ALA B 799 -52.80 11.97 -23.43
C ALA B 799 -53.67 11.07 -24.31
N PHE B 800 -54.18 11.57 -25.45
CA PHE B 800 -55.24 10.89 -26.24
C PHE B 800 -54.74 10.24 -27.53
N CYS B 801 -53.45 10.06 -27.69
CA CYS B 801 -52.88 9.42 -28.88
C CYS B 801 -53.27 7.94 -28.90
N GLN B 802 -53.14 7.27 -27.76
CA GLN B 802 -53.23 5.80 -27.65
C GLN B 802 -54.65 5.31 -27.92
N GLU B 803 -55.66 6.18 -27.77
CA GLU B 803 -57.08 5.80 -27.94
C GLU B 803 -57.35 5.54 -29.41
N THR B 804 -58.21 4.55 -29.67
CA THR B 804 -58.38 3.91 -30.99
C THR B 804 -59.62 4.43 -31.73
N SER B 805 -60.48 5.20 -31.05
CA SER B 805 -61.73 5.70 -31.63
C SER B 805 -61.39 6.68 -32.75
N PRO B 806 -61.92 6.52 -33.98
CA PRO B 806 -61.43 7.29 -35.13
C PRO B 806 -61.79 8.77 -35.07
N GLU B 807 -62.99 9.10 -34.59
CA GLU B 807 -63.40 10.50 -34.37
C GLU B 807 -62.52 11.13 -33.29
N MET B 808 -62.14 10.36 -32.27
CA MET B 808 -61.22 10.85 -31.23
C MET B 808 -59.86 11.12 -31.85
N LYS B 809 -59.44 10.28 -32.79
CA LYS B 809 -58.18 10.50 -33.53
C LYS B 809 -58.29 11.78 -34.35
N GLY B 810 -59.44 12.02 -34.94
CA GLY B 810 -59.67 13.27 -35.68
C GLY B 810 -59.51 14.46 -34.76
N LYS B 811 -60.07 14.37 -33.56
CA LYS B 811 -59.95 15.47 -32.59
C LYS B 811 -58.48 15.69 -32.29
N VAL B 812 -57.76 14.59 -32.10
CA VAL B 812 -56.32 14.64 -31.74
C VAL B 812 -55.55 15.31 -32.87
N LEU B 813 -55.91 14.96 -34.10
CA LEU B 813 -55.19 15.51 -35.25
C LEU B 813 -55.48 17.00 -35.35
N THR B 814 -56.70 17.40 -35.06
CA THR B 814 -57.05 18.82 -35.11
C THR B 814 -56.21 19.52 -34.05
N ARG B 815 -56.01 18.85 -32.93
CA ARG B 815 -55.17 19.40 -31.85
C ARG B 815 -53.76 19.58 -32.36
N LEU B 816 -53.26 18.64 -33.13
CA LEU B 816 -51.88 18.76 -33.64
C LEU B 816 -51.76 19.94 -34.59
N LYS B 817 -52.74 20.13 -35.47
CA LYS B 817 -52.64 21.25 -36.42
C LYS B 817 -52.78 22.54 -35.64
N HIS B 818 -53.59 22.54 -34.60
CA HIS B 818 -53.66 23.70 -33.70
C HIS B 818 -52.27 23.96 -33.12
N ILE B 819 -51.58 22.90 -32.71
CA ILE B 819 -50.26 23.05 -32.09
C ILE B 819 -49.35 23.78 -33.07
N VAL B 820 -49.34 23.31 -34.31
CA VAL B 820 -48.35 23.85 -35.28
C VAL B 820 -48.73 25.28 -35.65
N GLU B 821 -50.03 25.57 -35.70
CA GLU B 821 -50.48 26.94 -35.98
C GLU B 821 -49.97 27.84 -34.87
N LEU B 822 -50.11 27.38 -33.63
CA LEU B 822 -49.65 28.17 -32.47
C LEU B 822 -48.15 28.29 -32.53
N GLN B 823 -47.46 27.26 -33.01
CA GLN B 823 -45.99 27.30 -33.06
C GLN B 823 -45.55 28.39 -34.04
N ILE B 824 -46.16 28.44 -35.20
CA ILE B 824 -45.75 29.44 -36.22
C ILE B 824 -46.15 30.83 -35.73
N ILE B 825 -47.28 30.94 -35.06
CA ILE B 825 -47.71 32.24 -34.49
C ILE B 825 -46.73 32.64 -33.41
N LEU B 826 -46.34 31.70 -32.58
CA LEU B 826 -45.45 32.00 -31.45
C LEU B 826 -44.09 32.39 -31.99
N GLU B 827 -43.66 31.72 -33.05
CA GLU B 827 -42.36 32.06 -33.64
C GLU B 827 -42.44 33.43 -34.29
N LYS B 828 -43.62 33.79 -34.80
CA LYS B 828 -43.85 35.17 -35.29
C LYS B 828 -43.69 36.14 -34.11
N TYR B 829 -44.31 35.82 -32.98
CA TYR B 829 -44.28 36.69 -31.79
C TYR B 829 -42.87 36.78 -31.22
N LEU B 830 -42.09 35.72 -31.38
CA LEU B 830 -40.67 35.71 -30.96
C LEU B 830 -39.81 36.43 -31.98
N ALA B 831 -40.20 36.40 -33.25
CA ALA B 831 -39.52 37.20 -34.29
C ALA B 831 -39.71 38.69 -33.99
N VAL B 832 -40.78 39.07 -33.28
CA VAL B 832 -41.00 40.46 -32.82
C VAL B 832 -39.90 40.80 -31.82
N THR B 833 -39.78 40.01 -30.75
CA THR B 833 -38.81 40.24 -29.66
C THR B 833 -38.06 38.95 -29.32
N PRO B 834 -36.71 38.91 -29.41
CA PRO B 834 -35.95 37.74 -28.96
C PRO B 834 -35.64 37.72 -27.46
N ASP B 835 -35.75 38.88 -26.80
CA ASP B 835 -35.22 39.08 -25.43
C ASP B 835 -36.25 38.60 -24.40
N TYR B 836 -37.53 38.69 -24.73
CA TYR B 836 -38.63 38.37 -23.79
C TYR B 836 -38.74 36.86 -23.67
N VAL B 837 -37.90 36.28 -22.83
CA VAL B 837 -37.98 34.84 -22.49
C VAL B 837 -39.21 34.65 -21.61
N PRO B 838 -40.10 33.69 -21.93
CA PRO B 838 -41.05 33.17 -20.97
C PRO B 838 -40.43 31.97 -20.30
N PRO B 839 -39.66 32.14 -19.21
CA PRO B 839 -38.76 31.11 -18.76
C PRO B 839 -39.62 30.12 -17.97
N LEU B 840 -39.97 29.02 -18.63
CA LEU B 840 -40.69 27.89 -18.02
C LEU B 840 -40.14 26.58 -18.57
N GLY B 841 -39.10 26.06 -17.92
CA GLY B 841 -38.53 24.77 -18.31
C GLY B 841 -39.48 23.63 -17.97
N ASN B 842 -39.14 22.43 -18.39
CA ASN B 842 -39.75 21.21 -17.82
C ASN B 842 -39.22 21.05 -16.40
N PHE B 843 -40.10 20.71 -15.46
CA PHE B 843 -39.85 20.94 -14.01
C PHE B 843 -39.07 19.80 -13.37
N ASP B 844 -39.10 18.58 -13.92
CA ASP B 844 -38.42 17.43 -13.27
C ASP B 844 -36.91 17.68 -13.27
N VAL B 845 -36.36 17.95 -14.46
CA VAL B 845 -34.88 17.97 -14.70
C VAL B 845 -34.46 19.31 -15.33
N GLU B 846 -35.20 19.81 -16.32
CA GLU B 846 -34.74 20.98 -17.10
C GLU B 846 -34.80 22.26 -16.25
N THR B 847 -35.78 22.40 -15.38
CA THR B 847 -35.97 23.65 -14.60
C THR B 847 -34.86 23.79 -13.56
N LEU B 848 -34.48 22.72 -12.87
CA LEU B 848 -33.37 22.78 -11.90
C LEU B 848 -32.04 22.98 -12.63
N ASP B 849 -31.93 22.54 -13.89
CA ASP B 849 -30.78 22.87 -14.75
C ASP B 849 -30.77 24.37 -15.04
N ILE B 850 -31.95 24.94 -15.29
CA ILE B 850 -32.11 26.40 -15.52
C ILE B 850 -31.84 27.14 -14.20
N THR B 851 -32.54 26.75 -13.13
CA THR B 851 -32.48 27.40 -11.81
C THR B 851 -31.37 26.75 -10.96
N LEU B 916 -32.27 29.82 -30.84
CA LEU B 916 -33.36 30.08 -29.84
C LEU B 916 -34.46 29.03 -29.94
N LEU B 917 -35.00 28.77 -31.13
CA LEU B 917 -36.13 27.83 -31.29
C LEU B 917 -35.72 26.40 -30.90
N LEU B 918 -34.48 25.98 -31.14
CA LEU B 918 -34.06 24.60 -30.78
C LEU B 918 -34.04 24.47 -29.26
N HIS B 919 -33.58 25.51 -28.55
CA HIS B 919 -33.45 25.50 -27.08
C HIS B 919 -34.85 25.35 -26.49
N ASN B 920 -35.75 26.26 -26.84
CA ASN B 920 -37.12 26.18 -26.29
C ASN B 920 -37.83 24.94 -26.86
N SER B 921 -37.46 24.51 -28.07
CA SER B 921 -38.06 23.34 -28.77
C SER B 921 -37.89 22.07 -27.95
N HIS B 922 -36.77 21.89 -27.27
CA HIS B 922 -36.53 20.66 -26.48
C HIS B 922 -36.58 20.97 -24.99
N ALA B 923 -36.09 22.14 -24.56
CA ALA B 923 -35.81 22.41 -23.13
C ALA B 923 -37.04 22.94 -22.38
N PHE B 924 -37.88 23.70 -23.08
CA PHE B 924 -38.96 24.50 -22.47
C PHE B 924 -40.28 23.76 -22.53
N PHE B 925 -40.64 23.26 -23.68
CA PHE B 925 -41.94 22.60 -23.87
C PHE B 925 -41.96 21.34 -23.04
N ARG B 926 -43.15 20.88 -22.78
CA ARG B 926 -43.37 19.54 -22.26
C ARG B 926 -42.84 18.58 -23.30
N GLU B 927 -42.50 17.38 -22.88
CA GLU B 927 -41.79 16.38 -23.69
C GLU B 927 -42.82 15.42 -24.22
N LEU B 928 -42.70 15.07 -25.49
CA LEU B 928 -43.65 14.09 -26.03
C LEU B 928 -43.22 12.71 -25.60
N ASP B 929 -44.20 11.84 -25.45
CA ASP B 929 -44.01 10.42 -25.09
C ASP B 929 -43.67 9.66 -26.37
N ILE B 930 -43.22 8.43 -26.28
CA ILE B 930 -42.90 7.62 -27.48
C ILE B 930 -44.21 7.21 -28.18
N GLU B 931 -45.27 6.99 -27.40
CA GLU B 931 -46.55 6.46 -27.90
C GLU B 931 -47.29 7.50 -28.71
N VAL B 932 -46.84 8.76 -28.68
CA VAL B 932 -47.35 9.84 -29.55
C VAL B 932 -47.16 9.48 -31.02
N PHE B 933 -46.17 8.67 -31.33
CA PHE B 933 -45.86 8.29 -32.70
C PHE B 933 -46.72 7.11 -33.13
N SER B 934 -47.64 6.65 -32.29
CA SER B 934 -48.69 5.69 -32.69
C SER B 934 -49.66 6.33 -33.68
N ILE B 935 -49.69 7.66 -33.72
CA ILE B 935 -50.61 8.40 -34.62
C ILE B 935 -50.33 7.95 -36.05
N LEU B 936 -49.06 7.92 -36.45
CA LEU B 936 -48.75 7.84 -37.88
C LEU B 936 -48.85 6.41 -38.42
N HIS B 937 -49.43 5.48 -37.68
CA HIS B 937 -50.01 4.25 -38.29
C HIS B 937 -50.93 4.67 -39.44
N CYS B 938 -51.75 5.68 -39.19
CA CYS B 938 -52.65 6.25 -40.21
C CYS B 938 -51.81 6.83 -41.34
N GLY B 939 -52.36 6.78 -42.56
CA GLY B 939 -51.68 7.19 -43.79
C GLY B 939 -51.88 8.65 -44.10
N LEU B 940 -50.84 9.28 -44.64
CA LEU B 940 -50.85 10.70 -45.03
C LEU B 940 -51.82 10.91 -46.20
N VAL B 941 -52.43 12.08 -46.24
CA VAL B 941 -53.16 12.59 -47.42
C VAL B 941 -52.42 13.82 -47.92
N THR B 942 -52.38 13.99 -49.24
CA THR B 942 -51.65 15.09 -49.88
C THR B 942 -52.68 16.13 -50.35
N LYS B 943 -52.41 17.40 -50.05
CA LYS B 943 -53.33 18.51 -50.39
C LYS B 943 -53.14 19.00 -51.83
N PHE B 944 -51.90 19.01 -52.35
CA PHE B 944 -51.58 19.65 -53.64
C PHE B 944 -51.84 18.70 -54.81
N ILE B 945 -51.30 17.47 -54.75
CA ILE B 945 -51.43 16.47 -55.84
C ILE B 945 -52.77 15.73 -55.71
N LEU B 946 -53.02 15.17 -54.53
CA LEU B 946 -54.18 14.27 -54.26
C LEU B 946 -54.12 13.08 -55.23
N LEU B 960 -54.25 14.59 -42.02
CA LEU B 960 -52.83 14.55 -41.54
C LEU B 960 -51.89 15.28 -42.48
N GLY B 961 -51.55 16.51 -42.16
CA GLY B 961 -50.80 17.37 -43.08
C GLY B 961 -49.30 17.16 -42.99
N PRO B 962 -48.55 17.78 -43.92
CA PRO B 962 -47.11 17.70 -43.94
C PRO B 962 -46.44 18.28 -42.72
N PRO B 963 -46.76 19.50 -42.22
CA PRO B 963 -46.17 19.96 -40.95
C PRO B 963 -46.65 19.24 -39.68
N GLU B 964 -47.79 18.55 -39.76
CA GLU B 964 -48.29 17.60 -38.74
C GLU B 964 -47.56 16.27 -38.83
N LEU B 965 -46.73 16.08 -39.87
CA LEU B 965 -45.72 15.01 -39.95
C LEU B 965 -44.32 15.54 -39.65
N LEU B 966 -44.00 16.78 -40.03
CA LEU B 966 -42.68 17.33 -39.69
C LEU B 966 -42.53 17.40 -38.17
N PHE B 967 -43.56 17.82 -37.43
CA PHE B 967 -43.52 17.99 -35.96
C PHE B 967 -43.07 16.67 -35.36
N LEU B 968 -43.77 15.60 -35.69
CA LEU B 968 -43.51 14.30 -35.06
C LEU B 968 -42.07 13.83 -35.36
N LEU B 969 -41.61 14.01 -36.57
CA LEU B 969 -40.29 13.49 -37.01
C LEU B 969 -39.14 14.34 -36.48
N GLU B 970 -39.34 15.64 -36.41
CA GLU B 970 -38.35 16.53 -35.82
C GLU B 970 -38.21 16.17 -34.34
N ASP B 971 -39.28 15.68 -33.73
CA ASP B 971 -39.20 15.19 -32.34
C ASP B 971 -38.35 13.92 -32.38
N LEU B 972 -38.73 12.97 -33.23
CA LEU B 972 -38.18 11.63 -33.11
C LEU B 972 -36.70 11.61 -33.41
N SER B 973 -36.26 12.46 -34.32
CA SER B 973 -34.82 12.58 -34.62
C SER B 973 -34.04 13.00 -33.38
N GLN B 974 -34.56 14.01 -32.66
CA GLN B 974 -33.88 14.54 -31.45
C GLN B 974 -33.92 13.52 -30.32
N LYS B 975 -34.98 12.73 -30.21
CA LYS B 975 -35.00 11.63 -29.23
C LYS B 975 -33.92 10.60 -29.55
N LEU B 976 -33.79 10.22 -30.81
CA LEU B 976 -32.86 9.15 -31.20
C LEU B 976 -31.42 9.60 -31.08
N GLU B 977 -31.10 10.81 -31.49
CA GLU B 977 -29.69 11.23 -31.42
C GLU B 977 -29.27 11.36 -29.95
N SER B 978 -30.16 11.82 -29.09
CA SER B 978 -29.82 12.03 -27.67
C SER B 978 -29.70 10.67 -26.97
N MET B 979 -30.58 9.73 -27.33
CA MET B 979 -30.67 8.46 -26.62
C MET B 979 -29.57 7.51 -27.07
N LEU B 980 -29.22 7.47 -28.37
CA LEU B 980 -28.43 6.35 -28.96
C LEU B 980 -26.97 6.70 -29.28
N THR B 981 -26.57 7.96 -29.16
CA THR B 981 -25.17 8.39 -29.43
C THR B 981 -24.61 9.08 -28.18
N PHE B 1001 -34.73 15.72 -21.36
CA PHE B 1001 -35.12 14.42 -21.96
C PHE B 1001 -35.36 13.42 -20.84
N SER B 1002 -36.37 13.73 -20.05
CA SER B 1002 -36.58 13.12 -18.73
C SER B 1002 -37.24 11.77 -18.91
N HIS B 1003 -38.49 11.79 -19.37
CA HIS B 1003 -39.39 10.63 -19.29
C HIS B 1003 -38.86 9.52 -20.18
N LEU B 1004 -38.13 9.90 -21.22
CA LEU B 1004 -37.52 8.97 -22.20
C LEU B 1004 -36.49 8.08 -21.50
N GLN B 1005 -35.56 8.69 -20.77
CA GLN B 1005 -34.31 8.03 -20.36
C GLN B 1005 -34.55 6.99 -19.27
N GLN B 1006 -35.74 6.93 -18.68
CA GLN B 1006 -36.11 5.81 -17.79
C GLN B 1006 -36.60 4.60 -18.58
N ARG B 1007 -36.65 4.68 -19.91
CA ARG B 1007 -36.71 3.49 -20.78
C ARG B 1007 -35.28 3.20 -21.25
N SER B 1008 -34.93 1.92 -21.38
CA SER B 1008 -33.63 1.48 -21.94
C SER B 1008 -33.62 1.75 -23.45
N ALA B 1009 -32.43 2.03 -24.00
CA ALA B 1009 -32.27 2.29 -25.44
C ALA B 1009 -32.79 1.09 -26.24
N GLN B 1010 -32.60 -0.11 -25.71
CA GLN B 1010 -33.00 -1.33 -26.43
C GLN B 1010 -34.52 -1.35 -26.61
N GLU B 1011 -35.26 -1.07 -25.55
CA GLU B 1011 -36.74 -1.04 -25.63
C GLU B 1011 -37.19 0.11 -26.54
N ILE B 1012 -36.44 1.21 -26.54
CA ILE B 1012 -36.76 2.38 -27.42
C ILE B 1012 -36.71 1.92 -28.88
N VAL B 1013 -35.59 1.36 -29.26
CA VAL B 1013 -35.41 0.95 -30.69
C VAL B 1013 -36.34 -0.21 -30.98
N HIS B 1014 -36.63 -1.03 -29.98
CA HIS B 1014 -37.54 -2.17 -30.16
C HIS B 1014 -38.92 -1.67 -30.58
N CYS B 1015 -39.44 -0.66 -29.90
CA CYS B 1015 -40.77 -0.16 -30.23
C CYS B 1015 -40.71 0.68 -31.50
N VAL B 1016 -39.57 1.34 -31.77
CA VAL B 1016 -39.39 2.09 -33.04
C VAL B 1016 -39.56 1.13 -34.20
N PHE B 1017 -38.95 -0.05 -34.10
CA PHE B 1017 -39.04 -1.08 -35.14
C PHE B 1017 -40.51 -1.34 -35.48
N GLN B 1018 -41.35 -1.43 -34.45
CA GLN B 1018 -42.81 -1.57 -34.64
C GLN B 1018 -43.38 -0.21 -35.07
N LEU B 1019 -43.17 0.81 -34.24
CA LEU B 1019 -43.96 2.06 -34.29
C LEU B 1019 -43.38 3.03 -35.33
N LEU B 1020 -42.36 2.64 -36.07
CA LEU B 1020 -41.93 3.44 -37.24
C LEU B 1020 -42.10 2.58 -38.49
N THR B 1021 -41.31 1.51 -38.65
CA THR B 1021 -40.91 0.95 -39.97
C THR B 1021 -42.11 0.44 -40.75
N PRO B 1022 -42.87 -0.57 -40.28
CA PRO B 1022 -43.95 -1.13 -41.09
C PRO B 1022 -45.17 -0.23 -41.15
N MET B 1023 -45.14 0.90 -40.46
CA MET B 1023 -46.19 1.92 -40.50
C MET B 1023 -45.72 3.09 -41.35
N CYS B 1024 -44.51 3.54 -41.13
CA CYS B 1024 -43.96 4.71 -41.86
C CYS B 1024 -43.48 4.27 -43.25
N ASN B 1025 -43.33 2.98 -43.50
CA ASN B 1025 -43.00 2.49 -44.85
C ASN B 1025 -44.10 2.94 -45.82
N HIS B 1026 -45.35 2.90 -45.40
CA HIS B 1026 -46.49 3.29 -46.26
C HIS B 1026 -46.34 4.77 -46.59
N LEU B 1027 -45.99 5.56 -45.58
CA LEU B 1027 -45.80 7.01 -45.74
C LEU B 1027 -44.59 7.26 -46.63
N GLU B 1028 -43.55 6.44 -46.49
CA GLU B 1028 -42.35 6.58 -47.33
C GLU B 1028 -42.69 6.31 -48.79
N ASN B 1029 -43.44 5.25 -49.04
CA ASN B 1029 -43.80 4.87 -50.42
C ASN B 1029 -44.76 5.92 -50.98
N ILE B 1030 -45.66 6.43 -50.14
CA ILE B 1030 -46.59 7.51 -50.55
C ILE B 1030 -45.77 8.76 -50.90
N HIS B 1031 -44.71 9.03 -50.16
CA HIS B 1031 -43.81 10.17 -50.45
C HIS B 1031 -43.13 9.94 -51.80
N ASN B 1032 -42.68 8.70 -52.03
CA ASN B 1032 -42.05 8.33 -53.32
C ASN B 1032 -43.04 8.59 -54.47
N TYR B 1033 -44.29 8.18 -54.26
CA TYR B 1033 -45.34 8.35 -55.27
C TYR B 1033 -45.61 9.83 -55.49
N PHE B 1034 -45.58 10.60 -54.42
CA PHE B 1034 -45.78 12.06 -54.48
C PHE B 1034 -44.68 12.67 -55.35
N GLN B 1035 -43.43 12.34 -55.04
CA GLN B 1035 -42.30 13.01 -55.71
C GLN B 1035 -42.21 12.50 -57.15
N CYS B 1036 -42.63 11.26 -57.40
CA CYS B 1036 -42.72 10.72 -58.78
C CYS B 1036 -43.74 11.56 -59.57
N LEU B 1037 -44.91 11.82 -58.99
CA LEU B 1037 -45.95 12.60 -59.70
C LEU B 1037 -45.44 14.04 -59.89
N ALA B 1038 -44.75 14.60 -58.91
CA ALA B 1038 -44.22 15.97 -58.99
C ALA B 1038 -43.11 16.05 -60.04
N ALA B 1039 -42.34 14.99 -60.20
CA ALA B 1039 -41.27 14.92 -61.22
C ALA B 1039 -41.88 14.75 -62.61
N GLU B 1040 -42.92 13.92 -62.74
CA GLU B 1040 -43.54 13.64 -64.06
C GLU B 1040 -44.27 14.90 -64.54
N ASN B 1041 -44.83 15.67 -63.61
CA ASN B 1041 -45.67 16.83 -63.97
C ASN B 1041 -44.80 17.95 -64.54
N HIS B 1042 -43.65 18.22 -63.90
CA HIS B 1042 -42.73 19.27 -64.34
C HIS B 1042 -41.93 18.79 -65.55
N LYS B 1051 -48.02 26.30 -52.09
CA LYS B 1051 -47.59 25.47 -53.24
C LYS B 1051 -46.17 24.96 -52.99
N VAL B 1052 -45.20 25.88 -52.98
CA VAL B 1052 -43.76 25.56 -52.82
C VAL B 1052 -43.50 25.08 -51.39
N GLN B 1053 -44.24 25.60 -50.42
CA GLN B 1053 -44.05 25.25 -49.01
C GLN B 1053 -44.47 23.81 -48.76
N GLU B 1054 -45.47 23.30 -49.45
CA GLU B 1054 -45.89 21.90 -49.30
C GLU B 1054 -44.70 20.99 -49.60
N TYR B 1055 -44.13 21.16 -50.79
CA TYR B 1055 -42.96 20.39 -51.24
C TYR B 1055 -41.80 20.62 -50.26
N HIS B 1056 -41.62 21.85 -49.79
CA HIS B 1056 -40.49 22.20 -48.89
C HIS B 1056 -40.60 21.43 -47.58
N ILE B 1057 -41.81 21.34 -47.06
CA ILE B 1057 -42.03 20.61 -45.79
C ILE B 1057 -41.79 19.14 -46.06
N MET B 1058 -42.29 18.64 -47.18
CA MET B 1058 -42.20 17.20 -47.42
C MET B 1058 -40.75 16.82 -47.68
N SER B 1059 -39.95 17.75 -48.18
CA SER B 1059 -38.50 17.57 -48.34
C SER B 1059 -37.84 17.41 -46.96
N SER B 1060 -38.15 18.31 -46.05
CA SER B 1060 -37.59 18.25 -44.67
C SER B 1060 -38.12 17.00 -43.98
N CYS B 1061 -39.36 16.62 -44.23
CA CYS B 1061 -39.97 15.37 -43.72
C CYS B 1061 -39.13 14.17 -44.16
N TYR B 1062 -38.77 14.16 -45.44
CA TYR B 1062 -37.91 13.12 -46.05
C TYR B 1062 -36.54 13.12 -45.36
N GLN B 1063 -35.96 14.30 -45.18
CA GLN B 1063 -34.61 14.46 -44.58
C GLN B 1063 -34.61 13.84 -43.18
N ARG B 1064 -35.64 14.15 -42.44
CA ARG B 1064 -35.74 13.67 -41.07
C ARG B 1064 -35.98 12.18 -41.11
N LEU B 1065 -36.74 11.67 -42.07
CA LEU B 1065 -37.00 10.23 -42.09
C LEU B 1065 -35.70 9.45 -42.30
N LEU B 1066 -34.84 9.95 -43.15
CA LEU B 1066 -33.57 9.27 -43.45
C LEU B 1066 -32.63 9.42 -42.25
N GLN B 1067 -32.65 10.57 -41.58
CA GLN B 1067 -31.80 10.82 -40.39
C GLN B 1067 -32.19 9.87 -39.26
N ILE B 1068 -33.47 9.66 -39.10
CA ILE B 1068 -34.03 8.64 -38.18
C ILE B 1068 -33.52 7.27 -38.61
N PHE B 1069 -33.56 6.98 -39.90
CA PHE B 1069 -33.11 5.67 -40.41
C PHE B 1069 -31.65 5.45 -40.06
N HIS B 1070 -30.83 6.48 -40.22
CA HIS B 1070 -29.38 6.42 -39.94
C HIS B 1070 -29.20 6.11 -38.48
N GLY B 1071 -29.87 6.89 -37.66
CA GLY B 1071 -29.79 6.73 -36.20
C GLY B 1071 -30.22 5.34 -35.83
N LEU B 1072 -31.19 4.78 -36.52
CA LEU B 1072 -31.70 3.46 -36.14
C LEU B 1072 -30.70 2.41 -36.57
N PHE B 1073 -30.27 2.43 -37.83
CA PHE B 1073 -29.48 1.32 -38.40
C PHE B 1073 -28.00 1.48 -38.09
N ALA B 1074 -27.60 2.63 -37.55
CA ALA B 1074 -26.25 2.81 -36.95
C ALA B 1074 -26.26 2.46 -35.46
N TRP B 1075 -27.18 1.59 -35.01
CA TRP B 1075 -27.35 1.29 -33.58
C TRP B 1075 -26.31 0.23 -33.19
N SER B 1076 -25.42 0.59 -32.27
CA SER B 1076 -24.30 -0.26 -31.82
C SER B 1076 -24.79 -1.56 -31.21
N GLY B 1077 -26.02 -1.60 -30.69
CA GLY B 1077 -26.64 -2.83 -30.17
C GLY B 1077 -26.79 -3.92 -31.23
N PHE B 1078 -26.80 -3.56 -32.52
CA PHE B 1078 -26.74 -4.53 -33.63
C PHE B 1078 -25.37 -5.19 -33.74
N SER B 1079 -24.31 -4.53 -33.26
CA SER B 1079 -22.96 -5.11 -33.19
C SER B 1079 -22.96 -6.31 -32.24
N GLN B 1080 -23.79 -6.26 -31.21
CA GLN B 1080 -23.91 -7.32 -30.19
C GLN B 1080 -24.82 -8.44 -30.69
N PRO B 1081 -24.53 -9.71 -30.33
CA PRO B 1081 -25.18 -10.85 -30.97
C PRO B 1081 -26.64 -11.12 -30.60
N GLU B 1082 -27.32 -10.20 -29.92
CA GLU B 1082 -28.70 -10.42 -29.44
C GLU B 1082 -29.72 -9.84 -30.42
N ASN B 1083 -29.36 -8.80 -31.17
CA ASN B 1083 -30.33 -7.89 -31.83
C ASN B 1083 -30.45 -8.21 -33.33
N GLN B 1084 -29.75 -9.23 -33.81
CA GLN B 1084 -29.69 -9.56 -35.26
C GLN B 1084 -30.99 -10.27 -35.68
N ASN B 1085 -31.60 -11.01 -34.77
CA ASN B 1085 -32.97 -11.57 -34.99
C ASN B 1085 -33.94 -10.45 -35.32
N LEU B 1086 -33.77 -9.29 -34.68
CA LEU B 1086 -34.59 -8.10 -34.98
C LEU B 1086 -34.23 -7.57 -36.36
N LEU B 1087 -32.96 -7.61 -36.72
CA LEU B 1087 -32.58 -7.28 -38.12
C LEU B 1087 -33.25 -8.29 -39.05
N TYR B 1088 -33.25 -9.58 -38.68
CA TYR B 1088 -33.94 -10.62 -39.47
C TYR B 1088 -35.45 -10.35 -39.48
N SER B 1089 -35.97 -9.65 -38.49
CA SER B 1089 -37.31 -9.02 -38.57
C SER B 1089 -37.25 -7.81 -39.49
N ALA B 1090 -36.42 -6.82 -39.14
CA ALA B 1090 -36.59 -5.43 -39.58
C ALA B 1090 -36.42 -5.33 -41.09
N LEU B 1091 -35.27 -5.77 -41.58
CA LEU B 1091 -34.90 -5.62 -43.00
C LEU B 1091 -35.69 -6.60 -43.86
N HIS B 1092 -36.15 -7.71 -43.29
CA HIS B 1092 -37.11 -8.60 -43.97
C HIS B 1092 -38.32 -7.78 -44.41
N VAL B 1093 -38.83 -6.92 -43.54
CA VAL B 1093 -39.98 -6.05 -43.88
C VAL B 1093 -39.55 -5.07 -44.97
N LEU B 1094 -38.32 -4.55 -44.90
CA LEU B 1094 -37.80 -3.69 -45.99
C LEU B 1094 -37.73 -4.48 -47.29
N SER B 1095 -37.45 -5.78 -47.20
CA SER B 1095 -37.45 -6.67 -48.38
C SER B 1095 -38.87 -6.84 -48.92
N SER B 1096 -39.86 -6.84 -48.02
CA SER B 1096 -41.26 -7.17 -48.38
C SER B 1096 -41.93 -6.05 -49.17
N ARG B 1097 -41.30 -4.88 -49.30
CA ARG B 1097 -41.90 -3.72 -50.00
C ARG B 1097 -41.79 -3.86 -51.52
N LEU B 1098 -41.01 -4.83 -52.02
CA LEU B 1098 -40.94 -5.18 -53.46
C LEU B 1098 -41.73 -6.46 -53.70
N LYS B 1099 -41.35 -7.52 -52.99
CA LYS B 1099 -41.94 -8.86 -53.20
C LYS B 1099 -41.91 -9.62 -51.87
N GLN B 1100 -42.97 -10.39 -51.63
CA GLN B 1100 -43.14 -11.36 -50.52
C GLN B 1100 -43.06 -12.79 -51.06
N GLY B 1101 -42.87 -13.75 -50.15
CA GLY B 1101 -42.88 -15.20 -50.45
C GLY B 1101 -41.56 -15.87 -50.12
N GLU B 1102 -40.48 -15.08 -50.05
CA GLU B 1102 -39.10 -15.59 -49.78
C GLU B 1102 -38.82 -15.52 -48.27
N HIS B 1103 -39.55 -16.34 -47.51
CA HIS B 1103 -39.45 -16.37 -46.04
C HIS B 1103 -38.29 -17.27 -45.63
N SER B 1104 -37.70 -16.98 -44.46
CA SER B 1104 -36.55 -17.71 -43.89
C SER B 1104 -35.39 -17.71 -44.89
N GLN B 1105 -34.88 -16.52 -45.20
CA GLN B 1105 -33.79 -16.32 -46.19
C GLN B 1105 -32.46 -16.17 -45.46
N PRO B 1106 -31.32 -16.46 -46.14
CA PRO B 1106 -30.02 -16.12 -45.60
C PRO B 1106 -29.83 -14.61 -45.50
N LEU B 1107 -28.86 -14.22 -44.68
CA LEU B 1107 -28.67 -12.83 -44.22
C LEU B 1107 -28.40 -11.93 -45.43
N GLU B 1108 -27.38 -12.27 -46.20
CA GLU B 1108 -26.93 -11.38 -47.29
C GLU B 1108 -28.00 -11.29 -48.37
N GLU B 1109 -28.83 -12.32 -48.51
CA GLU B 1109 -29.98 -12.27 -49.44
C GLU B 1109 -30.97 -11.20 -48.99
N LEU B 1110 -31.31 -11.18 -47.70
CA LEU B 1110 -32.24 -10.17 -47.17
C LEU B 1110 -31.61 -8.79 -47.34
N LEU B 1111 -30.32 -8.66 -47.09
CA LEU B 1111 -29.59 -7.38 -47.27
C LEU B 1111 -29.73 -6.92 -48.72
N SER B 1112 -29.48 -7.83 -49.65
CA SER B 1112 -29.48 -7.50 -51.09
C SER B 1112 -30.88 -7.05 -51.50
N GLN B 1113 -31.88 -7.79 -51.08
CA GLN B 1113 -33.28 -7.45 -51.41
C GLN B 1113 -33.63 -6.09 -50.82
N SER B 1114 -33.19 -5.83 -49.60
CA SER B 1114 -33.55 -4.59 -48.88
C SER B 1114 -32.89 -3.39 -49.53
N VAL B 1115 -31.60 -3.48 -49.83
CA VAL B 1115 -30.88 -2.34 -50.46
C VAL B 1115 -31.41 -2.17 -51.88
N HIS B 1116 -31.84 -3.26 -52.52
CA HIS B 1116 -32.45 -3.20 -53.86
C HIS B 1116 -33.81 -2.49 -53.77
N TYR B 1117 -34.53 -2.67 -52.67
CA TYR B 1117 -35.77 -1.90 -52.43
C TYR B 1117 -35.41 -0.42 -52.25
N LEU B 1118 -34.41 -0.13 -51.44
CA LEU B 1118 -34.22 1.24 -50.95
C LEU B 1118 -33.48 2.09 -51.98
N GLN B 1119 -32.57 1.49 -52.72
CA GLN B 1119 -31.74 2.22 -53.71
C GLN B 1119 -32.63 3.14 -54.56
N ASN B 1120 -33.75 2.60 -55.08
CA ASN B 1120 -34.53 3.23 -56.17
C ASN B 1120 -35.07 4.61 -55.78
N PHE B 1121 -35.07 4.96 -54.49
CA PHE B 1121 -35.48 6.31 -54.04
C PHE B 1121 -34.50 7.37 -54.54
N HIS B 1122 -33.28 6.98 -54.92
CA HIS B 1122 -32.20 7.90 -55.32
C HIS B 1122 -32.58 8.78 -56.52
N GLN B 1123 -33.64 8.43 -57.26
CA GLN B 1123 -34.20 9.30 -58.33
C GLN B 1123 -35.03 10.43 -57.72
N SER B 1124 -35.73 10.18 -56.62
CA SER B 1124 -36.73 11.08 -56.00
C SER B 1124 -36.12 11.99 -54.93
N ILE B 1125 -34.82 11.89 -54.66
CA ILE B 1125 -34.16 12.70 -53.61
C ILE B 1125 -34.06 14.15 -54.08
N PRO B 1126 -34.67 15.11 -53.35
CA PRO B 1126 -34.65 16.50 -53.80
C PRO B 1126 -33.36 17.25 -53.49
N SER B 1127 -32.69 16.92 -52.40
CA SER B 1127 -31.61 17.75 -51.85
C SER B 1127 -30.35 16.91 -51.65
N PHE B 1128 -29.37 17.51 -50.99
CA PHE B 1128 -28.01 16.98 -50.80
C PHE B 1128 -27.91 16.21 -49.47
N GLN B 1129 -28.38 16.82 -48.40
CA GLN B 1129 -28.19 16.30 -47.02
C GLN B 1129 -28.95 14.97 -46.90
N CYS B 1130 -30.15 14.90 -47.47
CA CYS B 1130 -30.97 13.67 -47.38
C CYS B 1130 -30.30 12.56 -48.18
N ALA B 1131 -29.67 12.91 -49.29
CA ALA B 1131 -28.91 11.93 -50.08
C ALA B 1131 -27.76 11.39 -49.25
N LEU B 1132 -27.05 12.28 -48.58
CA LEU B 1132 -25.90 11.92 -47.73
C LEU B 1132 -26.35 10.94 -46.66
N TYR B 1133 -27.52 11.20 -46.07
CA TYR B 1133 -28.06 10.31 -45.02
C TYR B 1133 -28.47 8.97 -45.62
N LEU B 1134 -29.01 8.96 -46.83
CA LEU B 1134 -29.42 7.70 -47.47
C LEU B 1134 -28.19 6.84 -47.74
N ILE B 1135 -27.17 7.45 -48.32
CA ILE B 1135 -25.99 6.66 -48.72
C ILE B 1135 -25.28 6.17 -47.47
N ARG B 1136 -25.24 6.98 -46.42
CA ARG B 1136 -24.59 6.57 -45.17
C ARG B 1136 -25.42 5.45 -44.53
N LEU B 1137 -26.73 5.51 -44.66
CA LEU B 1137 -27.60 4.40 -44.22
C LEU B 1137 -27.18 3.12 -44.94
N LEU B 1138 -27.03 3.19 -46.25
CA LEU B 1138 -26.65 2.01 -47.05
C LEU B 1138 -25.28 1.53 -46.60
N MET B 1139 -24.37 2.46 -46.32
CA MET B 1139 -23.01 2.13 -45.84
C MET B 1139 -23.15 1.25 -44.62
N VAL B 1140 -23.89 1.74 -43.63
CA VAL B 1140 -23.83 1.14 -42.28
C VAL B 1140 -24.68 -0.13 -42.22
N ILE B 1141 -25.61 -0.34 -43.15
CA ILE B 1141 -26.37 -1.60 -43.19
C ILE B 1141 -25.61 -2.66 -44.00
N LEU B 1142 -24.82 -2.25 -44.98
CA LEU B 1142 -24.13 -3.23 -45.86
C LEU B 1142 -22.82 -3.73 -45.24
N GLU B 1143 -22.36 -3.12 -44.15
CA GLU B 1143 -21.22 -3.65 -43.38
C GLU B 1143 -21.61 -4.89 -42.57
N LYS B 1144 -22.86 -5.34 -42.62
CA LYS B 1144 -23.30 -6.60 -41.97
C LYS B 1144 -23.01 -7.82 -42.87
N SER B 1145 -22.56 -7.61 -44.11
CA SER B 1145 -22.23 -8.67 -45.09
C SER B 1145 -20.71 -8.90 -45.12
N GLN B 1150 -15.69 -6.80 -53.18
CA GLN B 1150 -16.97 -7.22 -53.81
C GLN B 1150 -18.08 -6.22 -53.47
N ASN B 1151 -18.16 -5.80 -52.21
CA ASN B 1151 -19.23 -4.89 -51.73
C ASN B 1151 -19.03 -3.45 -52.21
N LYS B 1152 -17.79 -3.03 -52.48
CA LYS B 1152 -17.46 -1.61 -52.79
C LYS B 1152 -18.11 -1.15 -54.09
N GLU B 1153 -18.48 -2.09 -54.97
CA GLU B 1153 -19.08 -1.80 -56.29
C GLU B 1153 -20.44 -1.12 -56.11
N LYS B 1154 -21.29 -1.60 -55.21
CA LYS B 1154 -22.64 -1.00 -55.08
C LYS B 1154 -22.52 0.44 -54.62
N ILE B 1155 -21.74 0.65 -53.57
CA ILE B 1155 -21.62 1.97 -52.91
C ILE B 1155 -20.98 2.95 -53.90
N ALA B 1156 -19.87 2.56 -54.51
CA ALA B 1156 -19.10 3.47 -55.37
C ALA B 1156 -19.98 3.89 -56.56
N SER B 1157 -20.65 2.93 -57.19
CA SER B 1157 -21.55 3.22 -58.33
C SER B 1157 -22.63 4.18 -57.85
N LEU B 1158 -23.19 3.89 -56.69
CA LEU B 1158 -24.30 4.70 -56.16
C LEU B 1158 -23.75 6.07 -55.77
N ALA B 1159 -22.53 6.10 -55.23
CA ALA B 1159 -21.85 7.37 -54.92
C ALA B 1159 -21.64 8.13 -56.23
N ARG B 1160 -21.25 7.42 -57.29
CA ARG B 1160 -21.09 8.05 -58.60
C ARG B 1160 -22.45 8.56 -59.09
N GLN B 1161 -23.51 7.80 -58.86
CA GLN B 1161 -24.87 8.20 -59.27
C GLN B 1161 -25.25 9.51 -58.58
N PHE B 1162 -24.96 9.60 -57.28
CA PHE B 1162 -25.21 10.83 -56.51
C PHE B 1162 -24.28 11.93 -56.99
N LEU B 1163 -23.06 11.58 -57.40
CA LEU B 1163 -22.07 12.59 -57.82
C LEU B 1163 -22.40 13.13 -59.20
N CYS B 1164 -22.92 12.30 -60.10
CA CYS B 1164 -23.27 12.76 -61.46
C CYS B 1164 -24.67 13.38 -61.47
N ARG B 1165 -25.43 13.24 -60.38
CA ARG B 1165 -26.76 13.86 -60.27
C ARG B 1165 -26.61 15.37 -60.11
N VAL B 1166 -27.68 16.07 -60.48
CA VAL B 1166 -27.71 17.54 -60.59
C VAL B 1166 -27.64 18.16 -59.18
N TRP B 1167 -28.55 17.75 -58.28
CA TRP B 1167 -28.83 18.44 -57.00
C TRP B 1167 -29.13 19.89 -57.32
N PRO B 1168 -30.37 20.21 -57.73
CA PRO B 1168 -30.64 21.43 -58.49
C PRO B 1168 -30.33 22.74 -57.76
N SER B 1169 -30.23 23.80 -58.56
CA SER B 1169 -29.56 25.09 -58.23
C SER B 1169 -30.57 26.08 -57.66
N GLY B 1170 -31.50 25.61 -56.82
CA GLY B 1170 -32.20 26.47 -55.87
C GLY B 1170 -31.21 27.15 -54.95
N ASP B 1171 -31.53 28.37 -54.52
CA ASP B 1171 -30.57 29.21 -53.75
C ASP B 1171 -30.39 28.63 -52.34
N LYS B 1172 -31.47 28.39 -51.62
CA LYS B 1172 -31.36 27.71 -50.31
C LYS B 1172 -30.97 26.23 -50.53
N GLU B 1173 -31.33 25.66 -51.68
CA GLU B 1173 -30.97 24.26 -52.02
C GLU B 1173 -29.45 24.14 -52.22
N LYS B 1174 -28.85 25.08 -52.96
CA LYS B 1174 -27.38 25.10 -53.14
C LYS B 1174 -26.71 25.56 -51.84
N SER B 1175 -27.41 26.31 -51.00
CA SER B 1175 -26.96 26.64 -49.63
C SER B 1175 -26.90 25.35 -48.78
N ASN B 1176 -27.76 24.37 -49.08
CA ASN B 1176 -27.75 23.02 -48.43
C ASN B 1176 -26.61 22.15 -48.95
N ILE B 1177 -25.81 22.62 -49.92
CA ILE B 1177 -24.53 21.99 -50.32
C ILE B 1177 -23.44 22.79 -49.61
N SER B 1178 -23.18 22.40 -48.36
CA SER B 1178 -22.18 23.02 -47.47
C SER B 1178 -20.96 22.11 -47.39
N ASN B 1179 -19.85 22.69 -46.93
CA ASN B 1179 -18.47 22.18 -47.17
C ASN B 1179 -18.34 20.76 -46.59
N ASP B 1180 -18.82 20.57 -45.36
CA ASP B 1180 -18.62 19.30 -44.62
C ASP B 1180 -19.39 18.17 -45.31
N GLN B 1181 -20.56 18.47 -45.86
CA GLN B 1181 -21.44 17.42 -46.43
C GLN B 1181 -20.77 16.89 -47.70
N LEU B 1182 -20.36 17.79 -48.58
CA LEU B 1182 -19.63 17.44 -49.82
C LEU B 1182 -18.34 16.70 -49.44
N HIS B 1183 -17.65 17.21 -48.43
CA HIS B 1183 -16.37 16.60 -47.97
C HIS B 1183 -16.60 15.14 -47.61
N ALA B 1184 -17.60 14.86 -46.80
CA ALA B 1184 -17.91 13.49 -46.35
C ALA B 1184 -18.27 12.61 -47.54
N LEU B 1185 -19.11 13.14 -48.42
CA LEU B 1185 -19.63 12.35 -49.55
C LEU B 1185 -18.48 11.96 -50.47
N LEU B 1186 -17.62 12.93 -50.75
CA LEU B 1186 -16.50 12.71 -51.67
C LEU B 1186 -15.45 11.82 -51.00
N CYS B 1187 -15.31 11.89 -49.68
CA CYS B 1187 -14.41 10.95 -48.96
C CYS B 1187 -14.93 9.53 -49.19
N ILE B 1188 -16.24 9.33 -49.09
CA ILE B 1188 -16.85 7.99 -49.29
C ILE B 1188 -16.53 7.51 -50.70
N TYR B 1189 -16.76 8.36 -51.69
CA TYR B 1189 -16.59 7.96 -53.09
C TYR B 1189 -15.12 7.65 -53.37
N LEU B 1190 -14.25 8.56 -52.97
CA LEU B 1190 -12.80 8.47 -53.26
C LEU B 1190 -12.20 7.28 -52.53
N GLU B 1191 -12.75 6.92 -51.38
CA GLU B 1191 -12.25 5.74 -50.64
C GLU B 1191 -12.72 4.47 -51.36
N HIS B 1192 -13.96 4.42 -51.84
CA HIS B 1192 -14.56 3.17 -52.34
C HIS B 1192 -14.19 2.88 -53.80
N THR B 1193 -13.63 3.85 -54.51
CA THR B 1193 -13.03 3.61 -55.85
C THR B 1193 -11.75 2.79 -55.65
N GLU B 1194 -11.48 1.89 -56.59
CA GLU B 1194 -10.30 0.99 -56.53
C GLU B 1194 -9.04 1.77 -56.91
N SER B 1195 -9.14 2.63 -57.93
CA SER B 1195 -8.02 3.45 -58.43
C SER B 1195 -8.20 4.87 -57.89
N ILE B 1196 -7.61 5.15 -56.74
CA ILE B 1196 -7.85 6.41 -55.98
C ILE B 1196 -7.10 7.52 -56.70
N LEU B 1197 -5.82 7.31 -56.93
CA LEU B 1197 -4.98 8.35 -57.58
C LEU B 1197 -5.37 8.50 -59.04
N LYS B 1198 -5.78 7.42 -59.69
CA LYS B 1198 -6.26 7.56 -61.09
C LYS B 1198 -7.58 8.32 -61.05
N ALA B 1199 -8.39 8.09 -60.01
CA ALA B 1199 -9.62 8.88 -59.81
C ALA B 1199 -9.25 10.35 -59.57
N ILE B 1200 -8.13 10.62 -58.89
CA ILE B 1200 -7.63 12.00 -58.73
C ILE B 1200 -7.32 12.57 -60.11
N GLU B 1201 -6.77 11.75 -61.00
CA GLU B 1201 -6.54 12.18 -62.40
C GLU B 1201 -7.88 12.40 -63.10
N GLU B 1202 -8.90 11.60 -62.79
CA GLU B 1202 -10.25 11.84 -63.36
C GLU B 1202 -10.75 13.21 -62.91
N ILE B 1203 -10.60 13.52 -61.63
CA ILE B 1203 -11.16 14.78 -61.06
C ILE B 1203 -10.35 15.96 -61.58
N ALA B 1204 -9.02 15.85 -61.63
CA ALA B 1204 -8.18 16.93 -62.16
C ALA B 1204 -8.36 17.04 -63.68
N GLY B 1205 -8.61 15.92 -64.36
CA GLY B 1205 -8.90 15.89 -65.79
C GLY B 1205 -10.23 16.55 -66.10
N VAL B 1206 -11.20 16.44 -65.19
CA VAL B 1206 -12.50 17.17 -65.26
C VAL B 1206 -12.44 18.46 -64.41
N GLY B 1207 -11.42 18.60 -63.56
CA GLY B 1207 -11.19 19.82 -62.78
C GLY B 1207 -10.73 20.98 -63.66
N VAL B 1208 -10.13 20.67 -64.81
CA VAL B 1208 -9.66 21.69 -65.79
C VAL B 1208 -10.83 22.14 -66.68
N PRO B 1209 -11.69 21.27 -67.27
CA PRO B 1209 -12.84 21.76 -68.02
C PRO B 1209 -13.99 22.30 -67.16
N GLU B 1210 -13.79 22.48 -65.84
CA GLU B 1210 -14.76 23.25 -65.02
C GLU B 1210 -14.83 24.68 -65.55
N LEU B 1211 -13.69 25.27 -65.87
CA LEU B 1211 -13.62 26.68 -66.34
C LEU B 1211 -14.02 26.79 -67.82
N ILE B 1212 -13.93 25.70 -68.59
CA ILE B 1212 -14.00 25.78 -70.07
C ILE B 1212 -15.44 25.58 -70.56
N ASN B 1213 -16.28 24.81 -69.85
CA ASN B 1213 -17.66 24.49 -70.31
C ASN B 1213 -18.66 25.43 -69.62
N SER B 1214 -18.77 25.30 -68.31
CA SER B 1214 -19.82 25.89 -67.45
C SER B 1214 -19.15 26.41 -66.19
N PRO B 1215 -19.23 27.71 -65.83
CA PRO B 1215 -18.59 28.14 -64.59
C PRO B 1215 -19.27 27.49 -63.37
N SER B 1220 -21.61 22.84 -61.03
CA SER B 1220 -21.90 23.26 -62.42
C SER B 1220 -20.70 22.96 -63.33
N SER B 1221 -20.64 21.74 -63.84
CA SER B 1221 -19.58 21.24 -64.74
C SER B 1221 -20.16 20.12 -65.60
N THR B 1222 -19.31 19.34 -66.25
CA THR B 1222 -19.64 18.02 -66.82
C THR B 1222 -19.56 16.92 -65.77
N PHE B 1223 -19.17 17.28 -64.55
CA PHE B 1223 -19.20 16.45 -63.33
C PHE B 1223 -19.81 17.38 -62.29
N PRO B 1224 -21.12 17.31 -62.00
CA PRO B 1224 -21.79 18.36 -61.23
C PRO B 1224 -21.34 18.37 -59.77
N THR B 1225 -21.81 19.37 -59.03
CA THR B 1225 -21.29 19.80 -57.72
C THR B 1225 -19.92 20.48 -57.88
N LEU B 1226 -19.62 21.04 -59.06
CA LEU B 1226 -18.34 21.73 -59.39
C LEU B 1226 -18.63 23.20 -59.73
N THR B 1227 -18.54 24.08 -58.74
CA THR B 1227 -18.51 25.55 -58.90
C THR B 1227 -17.10 26.05 -58.54
N ARG B 1228 -16.92 27.37 -58.48
CA ARG B 1228 -15.68 27.99 -57.95
C ARG B 1228 -15.59 27.73 -56.45
N HIS B 1229 -16.75 27.76 -55.77
CA HIS B 1229 -16.85 27.62 -54.29
C HIS B 1229 -16.62 26.16 -53.91
N THR B 1230 -17.14 25.24 -54.71
CA THR B 1230 -17.08 23.78 -54.45
C THR B 1230 -15.65 23.25 -54.56
N PHE B 1231 -14.76 23.94 -55.30
CA PHE B 1231 -13.39 23.45 -55.53
C PHE B 1231 -12.59 23.41 -54.24
N VAL B 1232 -12.97 24.20 -53.24
CA VAL B 1232 -12.34 24.09 -51.90
C VAL B 1232 -12.60 22.68 -51.38
N VAL B 1233 -13.85 22.25 -51.40
CA VAL B 1233 -14.25 20.93 -50.83
C VAL B 1233 -13.61 19.83 -51.67
N PHE B 1234 -13.73 19.95 -53.00
CA PHE B 1234 -13.22 18.92 -53.92
C PHE B 1234 -11.72 18.78 -53.78
N PHE B 1235 -11.00 19.90 -53.72
CA PHE B 1235 -9.54 19.87 -53.55
C PHE B 1235 -9.20 19.21 -52.21
N ARG B 1236 -9.93 19.61 -51.17
CA ARG B 1236 -9.65 19.14 -49.79
C ARG B 1236 -9.79 17.62 -49.74
N VAL B 1237 -10.93 17.13 -50.22
CA VAL B 1237 -11.22 15.68 -50.18
C VAL B 1237 -10.26 14.93 -51.12
N MET B 1238 -9.87 15.54 -52.22
CA MET B 1238 -8.98 14.91 -53.23
C MET B 1238 -7.67 14.56 -52.54
N MET B 1239 -7.02 15.58 -52.00
CA MET B 1239 -5.69 15.38 -51.40
C MET B 1239 -5.81 14.77 -49.99
N ALA B 1240 -6.99 14.84 -49.36
CA ALA B 1240 -7.24 14.13 -48.08
C ALA B 1240 -7.19 12.63 -48.32
N GLU B 1241 -7.94 12.16 -49.30
CA GLU B 1241 -7.92 10.71 -49.63
C GLU B 1241 -6.56 10.36 -50.20
N LEU B 1242 -5.88 11.29 -50.87
CA LEU B 1242 -4.48 11.08 -51.31
C LEU B 1242 -3.62 10.79 -50.08
N GLU B 1243 -3.78 11.57 -49.02
CA GLU B 1243 -3.01 11.37 -47.77
C GLU B 1243 -3.33 10.00 -47.19
N LYS B 1244 -4.60 9.64 -47.10
CA LYS B 1244 -4.97 8.38 -46.42
C LYS B 1244 -4.46 7.18 -47.22
N THR B 1245 -4.58 7.21 -48.54
CA THR B 1245 -4.19 6.08 -49.41
C THR B 1245 -2.68 5.98 -49.55
N VAL B 1246 -1.96 7.11 -49.57
CA VAL B 1246 -0.50 7.12 -49.83
C VAL B 1246 0.27 6.62 -48.61
N LYS B 1247 -0.31 6.71 -47.40
CA LYS B 1247 0.28 6.06 -46.21
C LYS B 1247 0.26 4.53 -46.37
N LYS B 1248 -0.72 4.00 -47.10
CA LYS B 1248 -1.04 2.55 -47.09
C LYS B 1248 -0.04 1.77 -47.95
N ILE B 1249 0.43 2.36 -49.04
CA ILE B 1249 1.26 1.62 -50.04
C ILE B 1249 2.62 1.38 -49.39
N GLU B 1250 3.01 0.11 -49.23
CA GLU B 1250 4.25 -0.29 -48.54
C GLU B 1250 5.34 -0.58 -49.58
N PRO B 1251 6.62 -0.26 -49.31
CA PRO B 1251 7.72 -0.77 -50.10
C PRO B 1251 7.97 -2.25 -49.79
N GLY B 1252 8.05 -3.08 -50.83
CA GLY B 1252 8.40 -4.50 -50.73
C GLY B 1252 9.87 -4.70 -50.45
N THR B 1253 10.50 -5.61 -51.18
CA THR B 1253 11.94 -5.95 -51.02
C THR B 1253 12.64 -5.67 -52.35
N ALA B 1254 13.96 -5.82 -52.35
CA ALA B 1254 14.79 -5.82 -53.58
C ALA B 1254 14.62 -7.14 -54.33
N ALA B 1255 14.46 -8.26 -53.61
CA ALA B 1255 14.29 -9.60 -54.19
C ALA B 1255 12.86 -9.85 -54.71
N ASP B 1256 11.97 -8.86 -54.66
CA ASP B 1256 10.60 -9.00 -55.21
C ASP B 1256 10.69 -9.15 -56.73
N SER B 1257 9.81 -9.97 -57.30
CA SER B 1257 9.74 -10.16 -58.77
C SER B 1257 9.31 -8.85 -59.41
N GLN B 1258 9.57 -8.68 -60.71
CA GLN B 1258 9.32 -7.38 -61.36
C GLN B 1258 7.82 -7.11 -61.49
N GLN B 1259 6.97 -8.12 -61.58
CA GLN B 1259 5.54 -7.87 -61.88
C GLN B 1259 4.85 -7.23 -60.67
N ILE B 1260 5.02 -7.83 -59.49
CA ILE B 1260 4.42 -7.27 -58.24
C ILE B 1260 5.09 -5.92 -57.98
N HIS B 1261 6.41 -5.85 -58.20
CA HIS B 1261 7.17 -4.60 -58.08
C HIS B 1261 6.54 -3.55 -58.99
N GLU B 1262 6.34 -3.90 -60.26
CA GLU B 1262 5.89 -2.93 -61.27
C GLU B 1262 4.49 -2.46 -60.95
N GLU B 1263 3.60 -3.33 -60.49
CA GLU B 1263 2.22 -2.86 -60.25
C GLU B 1263 2.23 -1.87 -59.08
N LYS B 1264 2.92 -2.18 -57.98
CA LYS B 1264 2.90 -1.24 -56.83
C LYS B 1264 3.78 -0.04 -57.14
N LEU B 1265 4.86 -0.24 -57.89
CA LEU B 1265 5.78 0.85 -58.29
C LEU B 1265 5.13 1.72 -59.34
N LEU B 1266 4.36 1.15 -60.26
CA LEU B 1266 3.65 1.96 -61.27
C LEU B 1266 2.52 2.70 -60.58
N TYR B 1267 1.98 2.15 -59.48
CA TYR B 1267 1.05 2.92 -58.63
C TYR B 1267 1.81 4.12 -58.05
N TRP B 1268 3.03 3.90 -57.56
CA TRP B 1268 3.90 5.00 -57.09
C TRP B 1268 4.26 5.95 -58.24
N ASN B 1269 4.48 5.42 -59.44
CA ASN B 1269 4.88 6.25 -60.59
C ASN B 1269 3.72 7.17 -60.97
N MET B 1270 2.53 6.60 -61.09
CA MET B 1270 1.33 7.40 -61.38
C MET B 1270 1.09 8.33 -60.19
N ALA B 1271 1.45 7.91 -58.98
CA ALA B 1271 1.31 8.77 -57.78
C ALA B 1271 2.19 10.02 -57.90
N VAL B 1272 3.45 9.85 -58.22
CA VAL B 1272 4.38 11.02 -58.25
C VAL B 1272 4.07 11.91 -59.47
N ARG B 1273 3.62 11.31 -60.58
CA ARG B 1273 3.23 12.11 -61.76
C ARG B 1273 1.92 12.82 -61.45
N ASP B 1274 1.03 12.17 -60.68
CA ASP B 1274 -0.20 12.82 -60.17
C ASP B 1274 0.21 13.98 -59.27
N PHE B 1275 1.23 13.78 -58.45
CA PHE B 1275 1.74 14.85 -57.57
C PHE B 1275 2.24 16.01 -58.42
N SER B 1276 2.97 15.71 -59.50
CA SER B 1276 3.54 16.77 -60.35
C SER B 1276 2.41 17.61 -60.95
N ILE B 1277 1.38 16.96 -61.50
CA ILE B 1277 0.26 17.72 -62.11
C ILE B 1277 -0.58 18.38 -61.01
N LEU B 1278 -0.65 17.77 -59.82
CA LEU B 1278 -1.37 18.34 -58.65
C LEU B 1278 -0.65 19.62 -58.21
N ILE B 1279 0.66 19.70 -58.40
CA ILE B 1279 1.44 20.93 -58.17
C ILE B 1279 1.15 21.89 -59.33
N ASN B 1280 1.09 21.38 -60.56
CA ASN B 1280 0.86 22.19 -61.78
C ASN B 1280 -0.54 22.80 -61.79
N LEU B 1281 -1.54 22.14 -61.17
CA LEU B 1281 -2.93 22.66 -61.19
C LEU B 1281 -3.12 23.85 -60.23
N ILE B 1282 -2.14 24.19 -59.39
CA ILE B 1282 -2.36 25.21 -58.32
C ILE B 1282 -2.26 26.61 -58.94
N LYS B 1283 -1.49 26.76 -60.03
CA LYS B 1283 -1.18 28.09 -60.62
C LYS B 1283 -2.44 28.73 -61.23
N VAL B 1284 -3.47 27.93 -61.52
CA VAL B 1284 -4.75 28.42 -62.11
C VAL B 1284 -5.80 28.64 -61.02
N PHE B 1285 -5.75 27.92 -59.90
CA PHE B 1285 -6.80 27.95 -58.85
C PHE B 1285 -6.40 28.92 -57.73
N ASP B 1286 -7.43 29.42 -57.05
CA ASP B 1286 -7.35 30.56 -56.11
C ASP B 1286 -8.16 30.18 -54.87
N SER B 1287 -8.61 31.16 -54.09
CA SER B 1287 -9.47 30.95 -52.90
C SER B 1287 -8.66 30.21 -51.83
N HIS B 1288 -7.97 30.97 -50.97
CA HIS B 1288 -6.88 30.56 -50.03
C HIS B 1288 -7.17 29.25 -49.28
N PRO B 1289 -8.44 28.90 -48.95
CA PRO B 1289 -8.78 27.51 -48.62
C PRO B 1289 -8.09 26.45 -49.48
N VAL B 1290 -7.99 26.68 -50.79
CA VAL B 1290 -7.34 25.75 -51.75
C VAL B 1290 -5.86 25.64 -51.36
N LEU B 1291 -5.18 26.77 -51.29
CA LEU B 1291 -3.74 26.78 -50.95
C LEU B 1291 -3.56 26.35 -49.49
N HIS B 1292 -4.56 26.59 -48.64
CA HIS B 1292 -4.52 26.19 -47.22
C HIS B 1292 -4.49 24.67 -47.12
N VAL B 1293 -5.41 24.00 -47.81
CA VAL B 1293 -5.44 22.50 -47.75
C VAL B 1293 -4.22 21.94 -48.50
N CYS B 1294 -3.72 22.64 -49.52
CA CYS B 1294 -2.45 22.24 -50.16
C CYS B 1294 -1.35 22.18 -49.11
N LEU B 1295 -1.18 23.27 -48.37
CA LEU B 1295 -0.10 23.35 -47.34
C LEU B 1295 -0.39 22.38 -46.19
N LYS B 1296 -1.64 22.01 -45.93
CA LYS B 1296 -1.94 20.99 -44.90
C LYS B 1296 -1.48 19.60 -45.38
N TYR B 1297 -2.10 19.09 -46.45
CA TYR B 1297 -2.11 17.65 -46.81
C TYR B 1297 -0.95 17.25 -47.73
N GLY B 1298 -0.45 18.14 -48.58
CA GLY B 1298 0.74 17.86 -49.40
C GLY B 1298 1.94 17.49 -48.54
N ARG B 1299 2.03 18.07 -47.35
CA ARG B 1299 3.09 17.75 -46.37
C ARG B 1299 3.07 16.25 -46.06
N LEU B 1300 1.92 15.73 -45.65
CA LEU B 1300 1.84 14.30 -45.26
C LEU B 1300 1.93 13.41 -46.50
N PHE B 1301 1.54 13.90 -47.67
CA PHE B 1301 1.78 13.15 -48.91
C PHE B 1301 3.28 12.92 -49.11
N VAL B 1302 4.07 13.99 -49.01
CA VAL B 1302 5.53 13.85 -49.28
C VAL B 1302 6.19 13.09 -48.14
N GLU B 1303 5.63 13.12 -46.92
CA GLU B 1303 6.14 12.26 -45.83
C GLU B 1303 5.92 10.78 -46.18
N ALA B 1304 4.77 10.44 -46.75
CA ALA B 1304 4.53 9.07 -47.24
C ALA B 1304 5.56 8.73 -48.31
N PHE B 1305 5.88 9.70 -49.17
CA PHE B 1305 6.89 9.52 -50.22
C PHE B 1305 8.26 9.23 -49.59
N LEU B 1306 8.56 9.85 -48.46
CA LEU B 1306 9.81 9.56 -47.75
C LEU B 1306 9.76 8.12 -47.27
N LYS B 1307 8.75 7.78 -46.47
CA LYS B 1307 8.83 6.54 -45.68
C LYS B 1307 8.52 5.32 -46.56
N GLN B 1308 7.76 5.49 -47.65
CA GLN B 1308 7.23 4.33 -48.42
C GLN B 1308 7.84 4.19 -49.82
N CYS B 1309 8.02 5.28 -50.55
CA CYS B 1309 8.31 5.19 -52.00
C CYS B 1309 9.81 4.99 -52.24
N MET B 1310 10.63 5.79 -51.59
CA MET B 1310 12.09 5.86 -51.83
C MET B 1310 12.81 4.63 -51.28
N PRO B 1311 12.28 3.90 -50.28
CA PRO B 1311 12.75 2.53 -50.04
C PRO B 1311 12.63 1.61 -51.26
N LEU B 1312 11.63 1.77 -52.12
CA LEU B 1312 11.58 1.03 -53.40
C LEU B 1312 12.70 1.51 -54.32
N LEU B 1313 13.05 2.80 -54.28
CA LEU B 1313 14.21 3.31 -55.05
C LEU B 1313 15.48 2.63 -54.55
N ASP B 1314 15.59 2.38 -53.25
CA ASP B 1314 16.77 1.70 -52.68
C ASP B 1314 16.71 0.22 -53.06
N PHE B 1315 15.53 -0.39 -53.03
CA PHE B 1315 15.36 -1.85 -53.15
C PHE B 1315 15.44 -2.31 -54.61
N SER B 1316 14.62 -1.78 -55.52
CA SER B 1316 14.67 -2.14 -56.96
C SER B 1316 15.52 -1.10 -57.68
N PHE B 1317 16.83 -1.24 -57.52
CA PHE B 1317 17.87 -0.34 -58.06
C PHE B 1317 18.76 -1.09 -59.07
N ARG B 1318 19.23 -2.29 -58.71
CA ARG B 1318 20.23 -3.05 -59.49
C ARG B 1318 19.66 -3.50 -60.84
N LYS B 1319 18.38 -3.86 -60.91
CA LYS B 1319 17.78 -4.54 -62.09
C LYS B 1319 17.04 -3.54 -62.98
N HIS B 1320 16.07 -2.81 -62.40
CA HIS B 1320 15.23 -1.82 -63.09
C HIS B 1320 15.68 -0.42 -62.68
N ARG B 1321 16.81 0.00 -63.26
CA ARG B 1321 17.47 1.31 -63.01
C ARG B 1321 16.84 2.40 -63.87
N GLU B 1322 16.59 2.14 -65.17
CA GLU B 1322 16.09 3.18 -66.11
C GLU B 1322 14.72 3.72 -65.69
N ASP B 1323 13.80 2.87 -65.21
CA ASP B 1323 12.43 3.34 -64.84
C ASP B 1323 12.55 4.29 -63.65
N VAL B 1324 13.32 3.91 -62.63
CA VAL B 1324 13.43 4.71 -61.39
C VAL B 1324 14.19 6.01 -61.70
N LEU B 1325 15.14 5.98 -62.64
CA LEU B 1325 15.87 7.22 -63.01
C LEU B 1325 14.92 8.17 -63.76
N SER B 1326 14.07 7.63 -64.64
CA SER B 1326 13.04 8.43 -65.32
C SER B 1326 12.10 9.04 -64.27
N LEU B 1327 11.73 8.26 -63.27
CA LEU B 1327 10.85 8.72 -62.18
C LEU B 1327 11.50 9.85 -61.38
N LEU B 1328 12.80 9.75 -61.11
CA LEU B 1328 13.49 10.78 -60.30
C LEU B 1328 13.64 12.05 -61.11
N GLU B 1329 13.88 11.93 -62.41
CA GLU B 1329 13.93 13.12 -63.29
C GLU B 1329 12.53 13.73 -63.40
N THR B 1330 11.49 12.90 -63.26
CA THR B 1330 10.10 13.40 -63.18
C THR B 1330 9.92 14.22 -61.90
N PHE B 1331 10.54 13.78 -60.81
CA PHE B 1331 10.36 14.41 -59.48
C PHE B 1331 11.21 15.67 -59.31
N GLN B 1332 12.38 15.78 -59.95
CA GLN B 1332 13.27 16.94 -59.71
C GLN B 1332 12.63 18.22 -60.25
N LEU B 1333 11.91 18.12 -61.37
CA LEU B 1333 11.24 19.30 -61.99
C LEU B 1333 10.14 19.80 -61.06
N ASP B 1334 9.37 18.90 -60.45
CA ASP B 1334 8.31 19.32 -59.50
C ASP B 1334 8.95 19.75 -58.18
N THR B 1335 10.15 19.28 -57.86
CA THR B 1335 10.89 19.79 -56.67
C THR B 1335 11.20 21.28 -56.87
N ARG B 1336 11.74 21.64 -58.02
CA ARG B 1336 12.01 23.07 -58.33
C ARG B 1336 10.68 23.83 -58.40
N LEU B 1337 9.63 23.19 -58.89
CA LEU B 1337 8.30 23.83 -58.93
C LEU B 1337 7.79 24.02 -57.50
N LEU B 1338 8.07 23.08 -56.59
CA LEU B 1338 7.70 23.19 -55.16
C LEU B 1338 8.48 24.33 -54.50
N HIS B 1339 9.72 24.55 -54.90
CA HIS B 1339 10.48 25.74 -54.48
C HIS B 1339 9.70 27.00 -54.88
N HIS B 1340 9.19 27.04 -56.10
CA HIS B 1340 8.38 28.20 -56.57
C HIS B 1340 7.11 28.33 -55.72
N LEU B 1341 6.47 27.21 -55.41
CA LEU B 1341 5.20 27.23 -54.64
C LEU B 1341 5.47 27.67 -53.20
N CYS B 1342 6.56 27.21 -52.61
CA CYS B 1342 6.93 27.63 -51.23
C CYS B 1342 7.22 29.14 -51.22
N GLY B 1343 7.85 29.65 -52.29
CA GLY B 1343 8.02 31.10 -52.44
C GLY B 1343 6.67 31.80 -52.48
N HIS B 1344 5.72 31.23 -53.21
CA HIS B 1344 4.34 31.76 -53.30
C HIS B 1344 3.65 31.69 -51.92
N SER B 1345 3.92 30.66 -51.13
CA SER B 1345 3.35 30.51 -49.78
C SER B 1345 3.88 31.58 -48.82
N LYS B 1346 5.18 31.89 -48.91
CA LYS B 1346 5.80 32.88 -48.01
C LYS B 1346 5.33 34.30 -48.37
N ILE B 1347 5.18 34.61 -49.66
CA ILE B 1347 4.95 36.00 -50.13
C ILE B 1347 3.57 36.56 -49.75
N HIS B 1348 2.57 35.74 -49.39
CA HIS B 1348 1.19 36.23 -49.14
C HIS B 1348 1.04 36.74 -47.70
N GLN B 1349 1.82 36.24 -46.74
CA GLN B 1349 1.86 36.71 -45.33
C GLN B 1349 0.50 36.52 -44.65
N ASP B 1350 0.03 35.27 -44.56
CA ASP B 1350 -1.27 34.94 -43.91
C ASP B 1350 -1.03 34.32 -42.54
N THR B 1351 -1.81 34.74 -41.54
CA THR B 1351 -1.63 34.37 -40.11
C THR B 1351 -2.13 32.94 -39.85
N ARG B 1352 -3.12 32.49 -40.63
CA ARG B 1352 -3.76 31.16 -40.50
C ARG B 1352 -2.86 30.10 -41.13
N LEU B 1353 -2.26 30.42 -42.29
CA LEU B 1353 -1.36 29.51 -43.05
C LEU B 1353 -0.02 29.38 -42.30
N THR B 1354 0.42 30.45 -41.62
CA THR B 1354 1.81 30.56 -41.07
C THR B 1354 2.02 29.74 -39.79
N GLN B 1355 1.01 29.11 -39.20
CA GLN B 1355 1.28 28.12 -38.11
C GLN B 1355 2.00 26.92 -38.75
N HIS B 1356 1.44 26.40 -39.85
CA HIS B 1356 1.89 25.16 -40.51
C HIS B 1356 2.86 25.45 -41.66
N VAL B 1357 3.22 26.70 -41.90
CA VAL B 1357 4.22 27.06 -42.94
C VAL B 1357 5.56 26.51 -42.48
N PRO B 1358 6.10 26.88 -41.29
CA PRO B 1358 7.49 26.55 -40.98
C PRO B 1358 7.62 25.04 -40.73
N LEU B 1359 6.56 24.39 -40.26
CA LEU B 1359 6.53 22.92 -40.12
C LEU B 1359 6.63 22.31 -41.52
N LEU B 1360 5.89 22.84 -42.49
CA LEU B 1360 5.98 22.34 -43.88
C LEU B 1360 7.38 22.62 -44.42
N LYS B 1361 8.00 23.72 -44.02
CA LYS B 1361 9.36 24.07 -44.47
C LYS B 1361 10.36 23.04 -43.93
N LYS B 1362 10.22 22.65 -42.66
CA LYS B 1362 11.15 21.66 -42.08
C LYS B 1362 10.90 20.30 -42.75
N THR B 1363 9.65 20.01 -43.12
CA THR B 1363 9.33 18.80 -43.88
C THR B 1363 9.87 18.89 -45.31
N LEU B 1364 9.93 20.10 -45.89
CA LEU B 1364 10.57 20.32 -47.21
C LEU B 1364 12.06 19.99 -47.12
N GLU B 1365 12.72 20.47 -46.06
CA GLU B 1365 14.16 20.16 -45.87
C GLU B 1365 14.31 18.64 -45.68
N LEU B 1366 13.40 18.03 -44.93
CA LEU B 1366 13.40 16.58 -44.67
C LEU B 1366 13.24 15.82 -46.00
N LEU B 1367 12.29 16.24 -46.84
CA LEU B 1367 12.00 15.47 -48.08
C LEU B 1367 13.16 15.60 -49.05
N VAL B 1368 13.76 16.79 -49.16
CA VAL B 1368 14.85 16.97 -50.16
C VAL B 1368 16.08 16.19 -49.69
N CYS B 1369 16.38 16.19 -48.39
CA CYS B 1369 17.53 15.42 -47.88
C CYS B 1369 17.26 13.92 -48.00
N ARG B 1370 16.00 13.49 -47.88
CA ARG B 1370 15.64 12.07 -48.09
C ARG B 1370 15.80 11.69 -49.56
N VAL B 1371 15.45 12.59 -50.47
CA VAL B 1371 15.66 12.36 -51.93
C VAL B 1371 17.16 12.18 -52.20
N LYS B 1372 17.99 13.05 -51.64
CA LYS B 1372 19.45 12.93 -51.84
C LYS B 1372 19.96 11.64 -51.19
N ALA B 1373 19.42 11.24 -50.05
CA ALA B 1373 19.91 10.05 -49.33
C ALA B 1373 19.58 8.78 -50.10
N MET B 1374 18.33 8.64 -50.57
CA MET B 1374 17.90 7.40 -51.26
C MET B 1374 18.33 7.40 -52.73
N LEU B 1375 18.78 8.53 -53.29
CA LEU B 1375 19.44 8.47 -54.63
C LEU B 1375 20.77 7.72 -54.52
N THR B 1376 21.43 7.74 -53.36
CA THR B 1376 22.70 7.00 -53.12
C THR B 1376 22.38 5.53 -52.82
#